data_5VU4
#
_entry.id   5VU4
#
_cell.length_a   210.344
_cell.length_b   131.410
_cell.length_c   72.345
_cell.angle_alpha   90.00
_cell.angle_beta   98.65
_cell.angle_gamma   90.00
#
_symmetry.space_group_name_H-M   'C 1 2 1'
#
loop_
_entity.id
_entity.type
_entity.pdbx_description
1 polymer 'Hemagglutinin HA1 chain'
2 polymer 'Hemagglutinin HA2 chain'
3 branched beta-D-mannopyranose-(1-4)-2-acetamido-2-deoxy-beta-D-glucopyranose-(1-4)-2-acetamido-2-deoxy-beta-D-glucopyranose
4 branched 2-acetamido-2-deoxy-beta-D-glucopyranose-(1-4)-2-acetamido-2-deoxy-beta-D-glucopyranose
5 branched 'N-acetyl-alpha-neuraminic acid-(2-6)-beta-D-galactopyranose'
6 branched alpha-D-mannopyranose-(1-3)-[alpha-D-mannopyranose-(1-6)]beta-D-mannopyranose-(1-4)-2-acetamido-2-deoxy-beta-D-glucopyranose-(1-4)-2-acetamido-2-deoxy-beta-D-glucopyranose
7 branched alpha-D-mannopyranose-(1-3)-beta-D-mannopyranose-(1-4)-2-acetamido-2-deoxy-beta-D-glucopyranose-(1-4)-2-acetamido-2-deoxy-beta-D-glucopyranose
8 non-polymer 2-acetamido-2-deoxy-beta-D-glucopyranose
9 non-polymer 'N-acetyl-alpha-neuraminic acid'
10 water water
#
loop_
_entity_poly.entity_id
_entity_poly.type
_entity_poly.pdbx_seq_one_letter_code
_entity_poly.pdbx_strand_id
1 'polypeptide(L)'
;ADPGATLCLGHHAVPNGTLVKTITDDQIEVTNATELVQSSSTGKICNNPHRILDGIDCTLIDALLGDPHCDVFQNETWDL
FVERSKAFSNCYPYDVPDYASLRSLVASSGTLEFITEGFTWTGVTQNGGSNACKRGPGSGFFSRLNWLTKSGSTYPVLNV
TMPNNDNFDKLYIWGVHHPSTNQEQTSLYVQASGRVTVSTRRSQQTIIPNIGSRPWVRQASSRISIYWTIVKPGDVLVIN
SNGNLIAPRGYFKMRTGKSSIMRSDAPIDTCISECITPNGSIPNDKPFQNVNKITYGACPKYVKQNTLKLATGMRNVPEK
QTR
;
A,C,E
2 'polypeptide(L)'
;GLFGAIAGFIENGWEGMIDGWYGFRHQNSEGTGQAADLKSTQAAIDQINGKLNRVIEKTNEKFHQIEKEFSEVEGRIQDL
EKYVEDTKIDLWSYNAELLVALENQHTIDLTDSEMNKLFEKTGRQLRENAEDMGNGCFKIYHKCDNACIESIRNGTYDHD
VYRDEALNNRFQIK
;
B,D,F
#
loop_
_chem_comp.id
_chem_comp.type
_chem_comp.name
_chem_comp.formula
BMA D-saccharide, beta linking beta-D-mannopyranose 'C6 H12 O6'
GAL D-saccharide, beta linking beta-D-galactopyranose 'C6 H12 O6'
MAN D-saccharide, alpha linking alpha-D-mannopyranose 'C6 H12 O6'
NAG D-saccharide, beta linking 2-acetamido-2-deoxy-beta-D-glucopyranose 'C8 H15 N O6'
SIA D-saccharide, alpha linking 'N-acetyl-alpha-neuraminic acid' 'C11 H19 N O9'
#
# COMPACT_ATOMS: atom_id res chain seq x y z
N PRO A 3 45.46 -41.99 32.14
CA PRO A 3 44.15 -42.42 31.67
C PRO A 3 43.08 -41.36 31.93
N GLY A 4 42.71 -40.62 30.88
CA GLY A 4 41.83 -39.47 31.00
C GLY A 4 40.38 -39.72 30.61
N ALA A 5 39.79 -38.73 29.94
CA ALA A 5 38.38 -38.77 29.54
C ALA A 5 38.13 -37.80 28.39
N THR A 6 37.13 -38.11 27.56
CA THR A 6 36.70 -37.24 26.47
C THR A 6 35.30 -36.69 26.79
N LEU A 7 35.11 -35.38 26.61
CA LEU A 7 33.82 -34.73 26.82
C LEU A 7 33.42 -33.98 25.54
N CYS A 8 32.41 -34.50 24.85
CA CYS A 8 31.93 -33.94 23.59
C CYS A 8 30.67 -33.11 23.80
N LEU A 9 30.71 -31.87 23.29
CA LEU A 9 29.53 -30.99 23.24
C LEU A 9 28.84 -31.18 21.90
N GLY A 10 27.51 -31.18 21.92
CA GLY A 10 26.73 -31.40 20.71
C GLY A 10 25.32 -30.89 20.80
N HIS A 11 24.53 -31.21 19.78
CA HIS A 11 23.16 -30.77 19.66
C HIS A 11 22.33 -31.87 19.03
N HIS A 12 21.01 -31.77 19.18
CA HIS A 12 20.11 -32.79 18.66
C HIS A 12 19.94 -32.70 17.15
N ALA A 13 19.38 -33.77 16.60
CA ALA A 13 18.94 -33.82 15.21
C ALA A 13 17.73 -34.70 15.22
N VAL A 14 17.01 -34.71 14.11
CA VAL A 14 15.84 -35.56 13.95
C VAL A 14 15.99 -36.26 12.61
N PRO A 15 15.32 -37.42 12.43
CA PRO A 15 15.50 -38.15 11.17
C PRO A 15 14.83 -37.47 9.97
N ASN A 16 13.66 -36.87 10.19
CA ASN A 16 12.90 -36.20 9.10
C ASN A 16 12.65 -34.72 9.46
N GLY A 17 13.57 -33.84 9.03
CA GLY A 17 13.42 -32.38 9.23
C GLY A 17 12.44 -31.72 8.26
N THR A 18 12.35 -30.38 8.30
CA THR A 18 11.54 -29.62 7.32
C THR A 18 12.34 -28.51 6.66
N LEU A 19 12.00 -28.23 5.42
CA LEU A 19 12.68 -27.21 4.61
C LEU A 19 12.07 -25.84 4.88
N VAL A 20 12.94 -24.86 5.07
CA VAL A 20 12.53 -23.47 5.21
C VAL A 20 13.37 -22.60 4.32
N LYS A 21 12.93 -21.35 4.19
CA LYS A 21 13.62 -20.34 3.39
C LYS A 21 14.30 -19.35 4.32
N THR A 22 15.45 -18.86 3.89
CA THR A 22 16.22 -17.87 4.63
C THR A 22 16.65 -16.73 3.68
N ILE A 23 17.52 -15.84 4.16
CA ILE A 23 18.10 -14.80 3.33
C ILE A 23 18.99 -15.43 2.26
N THR A 24 19.78 -16.42 2.65
CA THR A 24 20.77 -17.02 1.75
C THR A 24 20.30 -18.29 1.04
N ASP A 25 19.28 -18.96 1.56
CA ASP A 25 18.86 -20.26 1.02
C ASP A 25 17.37 -20.32 0.67
N ASP A 26 17.10 -20.81 -0.53
CA ASP A 26 15.74 -21.13 -0.98
C ASP A 26 15.11 -22.24 -0.16
N GLN A 27 15.92 -23.23 0.20
CA GLN A 27 15.49 -24.39 0.97
C GLN A 27 16.66 -24.80 1.84
N ILE A 28 16.44 -24.82 3.15
CA ILE A 28 17.43 -25.35 4.05
C ILE A 28 16.71 -26.07 5.18
N GLU A 29 17.30 -27.16 5.66
CA GLU A 29 16.62 -28.09 6.55
C GLU A 29 16.82 -27.72 8.01
N VAL A 30 15.71 -27.58 8.73
CA VAL A 30 15.73 -27.36 10.18
C VAL A 30 14.96 -28.48 10.88
N THR A 31 15.12 -28.57 12.19
CA THR A 31 14.50 -29.66 12.96
C THR A 31 12.97 -29.56 12.99
N ASN A 32 12.43 -28.35 12.90
CA ASN A 32 11.00 -28.13 13.02
C ASN A 32 10.63 -26.75 12.48
N ALA A 33 9.39 -26.62 12.02
CA ALA A 33 8.85 -25.35 11.59
C ALA A 33 7.35 -25.32 11.80
N THR A 34 6.77 -24.14 11.72
CA THR A 34 5.33 -23.97 11.85
C THR A 34 4.79 -23.16 10.67
N GLU A 35 3.55 -23.45 10.30
CA GLU A 35 2.91 -22.86 9.13
C GLU A 35 2.32 -21.47 9.47
N LEU A 36 2.64 -20.46 8.67
CA LEU A 36 2.12 -19.10 8.89
C LEU A 36 0.98 -18.70 7.96
N VAL A 37 0.66 -19.52 6.97
CA VAL A 37 -0.42 -19.23 6.03
C VAL A 37 -1.58 -20.18 6.25
N GLN A 38 -2.73 -19.65 6.66
CA GLN A 38 -3.94 -20.42 6.75
C GLN A 38 -4.48 -20.69 5.35
N SER A 39 -4.53 -21.95 4.92
CA SER A 39 -4.96 -22.29 3.56
C SER A 39 -6.24 -23.10 3.47
N SER A 40 -6.88 -23.39 4.60
CA SER A 40 -8.10 -24.18 4.58
C SER A 40 -9.19 -23.50 5.38
N SER A 41 -10.42 -23.88 5.04
CA SER A 41 -11.64 -23.47 5.71
C SER A 41 -12.46 -24.72 5.99
N THR A 42 -13.34 -24.66 6.99
CA THR A 42 -14.37 -25.68 7.21
C THR A 42 -15.43 -25.73 6.10
N GLY A 43 -15.56 -24.66 5.33
CA GLY A 43 -16.66 -24.54 4.36
C GLY A 43 -17.95 -24.01 4.95
N LYS A 44 -17.93 -23.62 6.23
CA LYS A 44 -19.12 -23.18 6.94
C LYS A 44 -18.86 -21.86 7.66
N ILE A 45 -19.85 -20.98 7.68
CA ILE A 45 -19.79 -19.71 8.38
C ILE A 45 -20.32 -19.90 9.80
N CYS A 46 -19.46 -19.71 10.79
CA CYS A 46 -19.86 -19.85 12.18
C CYS A 46 -20.82 -18.73 12.58
N ASN A 47 -21.90 -19.10 13.27
CA ASN A 47 -22.92 -18.14 13.70
C ASN A 47 -22.58 -17.28 14.91
N ASN A 48 -21.44 -17.53 15.55
CA ASN A 48 -20.88 -16.70 16.62
C ASN A 48 -19.42 -16.40 16.32
N PRO A 49 -18.87 -15.30 16.84
CA PRO A 49 -19.55 -14.33 17.72
C PRO A 49 -20.24 -13.16 17.00
N HIS A 50 -20.20 -13.10 15.67
CA HIS A 50 -20.83 -12.03 14.92
C HIS A 50 -22.28 -12.42 14.65
N ARG A 51 -23.18 -11.45 14.68
CA ARG A 51 -24.57 -11.68 14.25
C ARG A 51 -24.64 -11.83 12.71
N ILE A 52 -24.89 -13.06 12.26
CA ILE A 52 -24.97 -13.39 10.85
C ILE A 52 -26.42 -13.41 10.44
N LEU A 53 -26.77 -12.65 9.41
CA LEU A 53 -28.11 -12.69 8.86
C LEU A 53 -28.03 -13.27 7.47
N ASP A 54 -28.63 -14.44 7.31
CA ASP A 54 -28.72 -15.12 6.04
C ASP A 54 -29.80 -14.47 5.20
N GLY A 55 -29.43 -13.96 4.04
CA GLY A 55 -30.39 -13.37 3.12
C GLY A 55 -31.31 -14.38 2.45
N ILE A 56 -30.92 -15.65 2.41
CA ILE A 56 -31.67 -16.74 1.77
C ILE A 56 -32.01 -16.36 0.31
N ASP A 57 -33.24 -15.99 0.04
CA ASP A 57 -33.70 -15.68 -1.31
C ASP A 57 -33.70 -14.18 -1.59
N CYS A 58 -33.10 -13.39 -0.71
CA CYS A 58 -33.23 -11.95 -0.75
C CYS A 58 -31.88 -11.24 -0.74
N THR A 59 -31.72 -10.29 -1.65
CA THR A 59 -30.65 -9.31 -1.56
C THR A 59 -31.00 -8.34 -0.44
N LEU A 60 -29.97 -7.68 0.08
CA LEU A 60 -30.20 -6.62 1.07
C LEU A 60 -31.12 -5.54 0.51
N ILE A 61 -30.95 -5.18 -0.75
CA ILE A 61 -31.79 -4.14 -1.35
C ILE A 61 -33.28 -4.58 -1.41
N ASP A 62 -33.53 -5.84 -1.75
CA ASP A 62 -34.93 -6.32 -1.79
C ASP A 62 -35.55 -6.38 -0.37
N ALA A 63 -34.74 -6.68 0.63
CA ALA A 63 -35.18 -6.65 2.01
C ALA A 63 -35.46 -5.22 2.44
N LEU A 64 -34.63 -4.29 1.97
CA LEU A 64 -34.80 -2.87 2.26
C LEU A 64 -36.10 -2.34 1.65
N LEU A 65 -36.29 -2.57 0.36
CA LEU A 65 -37.48 -2.06 -0.33
C LEU A 65 -38.75 -2.73 0.19
N GLY A 66 -38.65 -4.00 0.55
CA GLY A 66 -39.79 -4.75 1.06
C GLY A 66 -40.53 -5.54 0.00
N ASP A 67 -39.75 -6.18 -0.88
CA ASP A 67 -40.24 -7.24 -1.77
C ASP A 67 -40.98 -8.26 -0.87
N PRO A 68 -42.24 -8.65 -1.20
CA PRO A 68 -43.04 -9.50 -0.28
C PRO A 68 -42.35 -10.77 0.23
N HIS A 69 -41.65 -11.52 -0.64
CA HIS A 69 -40.92 -12.70 -0.18
C HIS A 69 -39.73 -12.39 0.76
N CYS A 70 -39.41 -11.10 0.92
CA CYS A 70 -38.40 -10.63 1.87
C CYS A 70 -38.98 -9.93 3.10
N ASP A 71 -40.30 -10.00 3.27
CA ASP A 71 -40.96 -9.38 4.43
C ASP A 71 -40.43 -9.86 5.75
N VAL A 72 -39.98 -11.13 5.84
CA VAL A 72 -39.37 -11.65 7.07
C VAL A 72 -38.15 -10.84 7.55
N PHE A 73 -37.53 -10.05 6.66
CA PHE A 73 -36.39 -9.22 7.05
C PHE A 73 -36.72 -7.84 7.63
N GLN A 74 -38.00 -7.50 7.74
CA GLN A 74 -38.38 -6.21 8.30
C GLN A 74 -37.72 -5.96 9.65
N ASN A 75 -37.15 -4.77 9.81
CA ASN A 75 -36.50 -4.35 11.06
C ASN A 75 -35.34 -5.24 11.52
N GLU A 76 -34.81 -6.08 10.63
CA GLU A 76 -33.70 -6.95 11.01
C GLU A 76 -32.41 -6.17 11.25
N THR A 77 -31.48 -6.78 11.96
CA THR A 77 -30.16 -6.22 12.18
C THR A 77 -29.12 -7.27 11.90
N TRP A 78 -27.86 -6.84 11.76
CA TRP A 78 -26.77 -7.75 11.47
C TRP A 78 -25.42 -7.11 11.75
N ASP A 79 -24.44 -7.97 12.00
CA ASP A 79 -23.04 -7.63 11.84
C ASP A 79 -22.61 -7.97 10.41
N LEU A 80 -23.02 -9.14 9.90
CA LEU A 80 -22.74 -9.51 8.53
C LEU A 80 -24.00 -10.02 7.86
N PHE A 81 -24.44 -9.31 6.82
CA PHE A 81 -25.53 -9.76 5.97
C PHE A 81 -24.91 -10.63 4.88
N VAL A 82 -25.44 -11.83 4.69
CA VAL A 82 -24.93 -12.76 3.70
C VAL A 82 -25.90 -12.89 2.52
N GLU A 83 -25.46 -12.46 1.34
CA GLU A 83 -26.27 -12.58 0.12
C GLU A 83 -25.90 -13.86 -0.63
N ARG A 84 -26.93 -14.61 -1.01
CA ARG A 84 -26.80 -15.92 -1.66
C ARG A 84 -26.94 -15.76 -3.16
N SER A 85 -26.23 -16.58 -3.91
CA SER A 85 -26.31 -16.53 -5.37
C SER A 85 -27.70 -16.93 -5.90
N LYS A 86 -28.48 -17.68 -5.11
CA LYS A 86 -29.87 -18.01 -5.45
C LYS A 86 -30.88 -16.87 -5.24
N ALA A 87 -30.46 -15.72 -4.71
CA ALA A 87 -31.41 -14.64 -4.44
C ALA A 87 -32.09 -14.21 -5.74
N PHE A 88 -33.36 -13.81 -5.62
CA PHE A 88 -34.13 -13.32 -6.75
C PHE A 88 -35.04 -12.20 -6.30
N SER A 89 -35.36 -11.31 -7.23
CA SER A 89 -36.37 -10.28 -7.02
C SER A 89 -37.71 -10.82 -7.49
N ASN A 90 -38.79 -10.41 -6.83
CA ASN A 90 -40.14 -10.88 -7.22
C ASN A 90 -41.23 -9.85 -6.98
N CYS A 91 -40.91 -8.61 -7.32
CA CYS A 91 -41.82 -7.50 -7.12
C CYS A 91 -41.77 -6.67 -8.41
N TYR A 92 -42.13 -5.40 -8.35
CA TYR A 92 -42.15 -4.58 -9.56
C TYR A 92 -40.71 -4.41 -10.08
N PRO A 93 -40.52 -4.47 -11.42
CA PRO A 93 -39.14 -4.34 -11.90
C PRO A 93 -38.58 -2.95 -11.62
N TYR A 94 -37.32 -2.91 -11.20
CA TYR A 94 -36.72 -1.68 -10.74
C TYR A 94 -35.24 -1.63 -11.04
N ASP A 95 -34.67 -0.45 -10.97
CA ASP A 95 -33.24 -0.27 -10.91
C ASP A 95 -32.90 0.78 -9.85
N VAL A 96 -31.64 0.76 -9.44
CA VAL A 96 -31.12 1.71 -8.50
C VAL A 96 -29.89 2.33 -9.15
N PRO A 97 -30.01 3.58 -9.64
CA PRO A 97 -28.79 4.26 -10.05
C PRO A 97 -27.85 4.32 -8.83
N ASP A 98 -26.61 3.92 -9.01
CA ASP A 98 -25.69 3.77 -7.86
C ASP A 98 -26.19 2.74 -6.82
N TYR A 99 -26.69 1.62 -7.35
CA TYR A 99 -27.00 0.43 -6.56
C TYR A 99 -25.92 0.11 -5.53
N ALA A 100 -24.67 0.07 -6.00
CA ALA A 100 -23.56 -0.33 -5.15
C ALA A 100 -23.43 0.57 -3.91
N SER A 101 -23.65 1.87 -4.09
CA SER A 101 -23.56 2.80 -2.95
C SER A 101 -24.69 2.60 -1.94
N LEU A 102 -25.92 2.42 -2.43
CA LEU A 102 -27.05 2.22 -1.51
C LEU A 102 -26.86 0.92 -0.74
N ARG A 103 -26.47 -0.14 -1.44
CA ARG A 103 -26.16 -1.42 -0.81
C ARG A 103 -25.07 -1.27 0.24
N SER A 104 -24.02 -0.52 -0.10
CA SER A 104 -22.91 -0.32 0.83
C SER A 104 -23.34 0.43 2.09
N LEU A 105 -24.02 1.55 1.92
CA LEU A 105 -24.38 2.39 3.06
C LEU A 105 -25.37 1.67 3.96
N VAL A 106 -26.29 0.88 3.40
CA VAL A 106 -27.24 0.14 4.23
C VAL A 106 -26.49 -0.99 4.95
N ALA A 107 -25.68 -1.73 4.21
CA ALA A 107 -24.91 -2.84 4.78
C ALA A 107 -24.09 -2.39 5.98
N SER A 108 -23.46 -1.23 5.81
CA SER A 108 -22.62 -0.64 6.82
C SER A 108 -23.40 -0.11 8.04
N SER A 109 -24.63 0.35 7.80
CA SER A 109 -25.50 0.80 8.89
C SER A 109 -25.94 -0.36 9.80
N GLY A 110 -26.12 -1.56 9.24
CA GLY A 110 -26.38 -2.77 10.02
C GLY A 110 -27.80 -2.97 10.51
N THR A 111 -28.74 -2.17 10.02
CA THR A 111 -30.14 -2.27 10.43
C THR A 111 -31.09 -1.89 9.31
N LEU A 112 -32.27 -2.52 9.32
CA LEU A 112 -33.41 -2.12 8.49
C LEU A 112 -34.55 -1.56 9.32
N GLU A 113 -34.26 -1.13 10.56
CA GLU A 113 -35.27 -0.53 11.43
C GLU A 113 -35.96 0.64 10.73
N PHE A 114 -37.28 0.51 10.58
CA PHE A 114 -38.09 1.43 9.82
C PHE A 114 -39.14 2.08 10.70
N ILE A 115 -39.24 3.40 10.57
CA ILE A 115 -40.16 4.20 11.36
C ILE A 115 -41.14 4.83 10.38
N THR A 116 -42.42 4.48 10.52
CA THR A 116 -43.47 5.00 9.66
C THR A 116 -43.77 6.44 10.05
N GLU A 117 -43.95 7.31 9.06
CA GLU A 117 -44.28 8.71 9.30
C GLU A 117 -45.59 9.04 8.59
N GLY A 118 -46.35 9.98 9.16
CA GLY A 118 -47.65 10.35 8.65
C GLY A 118 -47.62 11.35 7.53
N PHE A 119 -47.13 10.95 6.36
CA PHE A 119 -47.19 11.79 5.16
C PHE A 119 -48.64 11.99 4.72
N THR A 120 -48.98 13.21 4.31
CA THR A 120 -50.31 13.55 3.81
C THR A 120 -50.26 13.79 2.31
N TRP A 121 -50.81 12.86 1.54
CA TRP A 121 -50.83 12.94 0.09
C TRP A 121 -52.24 13.34 -0.35
N THR A 122 -52.48 14.65 -0.39
CA THR A 122 -53.81 15.19 -0.64
C THR A 122 -54.18 15.07 -2.13
N GLY A 123 -55.32 14.43 -2.40
CA GLY A 123 -55.90 14.36 -3.74
C GLY A 123 -55.35 13.28 -4.65
N VAL A 124 -54.69 12.27 -4.09
CA VAL A 124 -54.23 11.10 -4.85
C VAL A 124 -54.67 9.82 -4.18
N THR A 125 -54.67 8.74 -4.96
CA THR A 125 -54.95 7.40 -4.47
C THR A 125 -53.64 6.81 -3.96
N GLN A 126 -53.69 6.20 -2.79
CA GLN A 126 -52.52 5.59 -2.17
C GLN A 126 -52.53 4.09 -2.33
N ASN A 127 -51.42 3.47 -1.96
CA ASN A 127 -51.32 2.00 -1.86
C ASN A 127 -51.54 1.23 -3.17
N GLY A 128 -51.14 1.84 -4.28
CA GLY A 128 -51.14 1.16 -5.57
C GLY A 128 -50.31 -0.12 -5.53
N GLY A 129 -50.74 -1.11 -6.30
CA GLY A 129 -50.07 -2.40 -6.38
C GLY A 129 -50.06 -2.96 -7.78
N SER A 130 -49.45 -4.13 -7.94
CA SER A 130 -49.31 -4.78 -9.23
C SER A 130 -49.27 -6.28 -9.06
N ASN A 131 -49.75 -7.00 -10.08
CA ASN A 131 -49.61 -8.44 -10.15
C ASN A 131 -48.16 -8.90 -10.32
N ALA A 132 -47.27 -7.99 -10.70
CA ALA A 132 -45.84 -8.23 -10.67
C ALA A 132 -45.28 -8.41 -9.26
N CYS A 133 -46.05 -8.02 -8.24
CA CYS A 133 -45.61 -8.01 -6.86
C CYS A 133 -46.71 -8.49 -5.90
N LYS A 134 -47.03 -9.78 -5.99
CA LYS A 134 -48.11 -10.34 -5.21
C LYS A 134 -47.81 -10.39 -3.72
N ARG A 135 -48.84 -10.06 -2.97
CA ARG A 135 -48.86 -10.07 -1.52
C ARG A 135 -50.08 -10.89 -1.15
N GLY A 136 -49.88 -12.09 -0.62
CA GLY A 136 -50.94 -13.09 -0.58
C GLY A 136 -51.46 -13.36 -2.00
N PRO A 137 -52.79 -13.57 -2.15
CA PRO A 137 -53.34 -13.84 -3.48
C PRO A 137 -53.46 -12.60 -4.38
N GLY A 138 -53.48 -11.40 -3.81
CA GLY A 138 -53.79 -10.18 -4.59
C GLY A 138 -52.59 -9.36 -4.97
N SER A 139 -52.81 -8.32 -5.76
CA SER A 139 -51.72 -7.50 -6.22
C SER A 139 -51.17 -6.72 -5.03
N GLY A 140 -49.89 -6.39 -5.10
CA GLY A 140 -49.22 -5.72 -4.00
C GLY A 140 -48.05 -4.89 -4.45
N PHE A 141 -47.21 -4.53 -3.48
CA PHE A 141 -46.10 -3.63 -3.76
C PHE A 141 -45.05 -3.74 -2.67
N PHE A 142 -43.91 -3.11 -2.91
CA PHE A 142 -42.86 -2.97 -1.91
C PHE A 142 -43.48 -2.38 -0.65
N SER A 143 -43.24 -3.03 0.49
CA SER A 143 -43.86 -2.64 1.75
C SER A 143 -43.51 -1.23 2.21
N ARG A 144 -42.29 -0.75 1.91
CA ARG A 144 -41.82 0.54 2.38
C ARG A 144 -42.06 1.69 1.41
N LEU A 145 -42.69 1.41 0.27
CA LEU A 145 -43.00 2.40 -0.72
C LEU A 145 -44.52 2.48 -0.91
N ASN A 146 -44.97 3.64 -1.35
CA ASN A 146 -46.38 3.96 -1.46
C ASN A 146 -46.60 4.47 -2.87
N TRP A 147 -47.23 3.65 -3.69
CA TRP A 147 -47.45 3.98 -5.10
C TRP A 147 -48.68 4.89 -5.19
N LEU A 148 -48.43 6.14 -5.57
CA LEU A 148 -49.49 7.14 -5.68
C LEU A 148 -49.97 7.26 -7.11
N THR A 149 -51.29 7.30 -7.27
CA THR A 149 -51.92 7.52 -8.58
C THR A 149 -53.09 8.48 -8.40
N LYS A 150 -53.70 8.89 -9.50
CA LYS A 150 -54.80 9.84 -9.47
C LYS A 150 -55.97 9.42 -8.58
N SER A 151 -56.67 10.42 -8.05
CA SER A 151 -57.96 10.27 -7.37
C SER A 151 -59.00 10.94 -8.26
N GLY A 152 -60.03 10.20 -8.63
CA GLY A 152 -61.02 10.68 -9.60
C GLY A 152 -60.33 10.86 -10.95
N SER A 153 -60.30 12.10 -11.44
CA SER A 153 -59.69 12.41 -12.74
C SER A 153 -58.54 13.41 -12.64
N THR A 154 -58.00 13.61 -11.43
CA THR A 154 -56.94 14.60 -11.19
C THR A 154 -55.80 14.04 -10.34
N TYR A 155 -54.59 14.53 -10.62
CA TYR A 155 -53.40 14.31 -9.80
C TYR A 155 -52.83 15.70 -9.57
N PRO A 156 -53.07 16.29 -8.38
CA PRO A 156 -52.58 17.66 -8.16
C PRO A 156 -51.10 17.67 -7.85
N VAL A 157 -50.54 18.88 -7.73
CA VAL A 157 -49.15 19.02 -7.30
C VAL A 157 -49.09 18.56 -5.85
N LEU A 158 -48.27 17.56 -5.58
CA LEU A 158 -48.03 17.11 -4.22
C LEU A 158 -46.87 17.92 -3.68
N ASN A 159 -47.02 18.39 -2.46
CA ASN A 159 -46.01 19.20 -1.81
C ASN A 159 -46.06 18.97 -0.31
N VAL A 160 -45.12 18.16 0.19
CA VAL A 160 -45.11 17.77 1.62
C VAL A 160 -43.73 17.93 2.24
N THR A 161 -43.74 18.06 3.57
CA THR A 161 -42.51 18.22 4.33
C THR A 161 -42.55 17.30 5.54
N MET A 162 -41.36 16.87 5.96
CA MET A 162 -41.18 16.08 7.14
C MET A 162 -39.88 16.56 7.78
N PRO A 163 -39.97 17.28 8.91
CA PRO A 163 -38.74 17.75 9.54
C PRO A 163 -38.10 16.64 10.33
N ASN A 164 -36.78 16.67 10.46
CA ASN A 164 -36.09 15.77 11.36
C ASN A 164 -35.83 16.50 12.67
N ASN A 165 -36.68 16.21 13.66
CA ASN A 165 -36.53 16.75 14.99
C ASN A 165 -35.97 15.74 15.97
N ASP A 166 -35.44 14.63 15.45
CA ASP A 166 -34.71 13.67 16.26
C ASP A 166 -33.23 14.05 16.30
N ASN A 167 -32.44 13.29 17.07
CA ASN A 167 -31.00 13.49 17.15
C ASN A 167 -30.19 12.41 16.41
N PHE A 168 -30.82 11.77 15.44
CA PHE A 168 -30.16 10.78 14.57
C PHE A 168 -30.48 11.10 13.11
N ASP A 169 -29.71 10.54 12.19
CA ASP A 169 -29.97 10.68 10.75
C ASP A 169 -31.10 9.78 10.29
N LYS A 170 -31.91 10.29 9.37
CA LYS A 170 -32.96 9.50 8.72
C LYS A 170 -32.55 9.17 7.29
N LEU A 171 -32.75 7.92 6.88
CA LEU A 171 -32.58 7.50 5.47
C LEU A 171 -33.97 7.32 4.87
N TYR A 172 -34.28 8.11 3.84
CA TYR A 172 -35.51 7.94 3.08
C TYR A 172 -35.24 7.26 1.76
N ILE A 173 -36.01 6.22 1.49
CA ILE A 173 -35.99 5.53 0.20
C ILE A 173 -37.26 5.92 -0.55
N TRP A 174 -37.09 6.32 -1.80
CA TRP A 174 -38.22 6.74 -2.62
C TRP A 174 -37.92 6.39 -4.06
N GLY A 175 -38.86 6.65 -4.95
CA GLY A 175 -38.67 6.29 -6.33
C GLY A 175 -39.51 7.05 -7.31
N VAL A 176 -39.30 6.71 -8.58
CA VAL A 176 -39.95 7.32 -9.71
C VAL A 176 -40.40 6.23 -10.66
N HIS A 177 -41.65 6.32 -11.11
CA HIS A 177 -42.20 5.33 -12.03
C HIS A 177 -41.99 5.79 -13.47
N HIS A 178 -41.47 4.87 -14.28
CA HIS A 178 -41.23 5.09 -15.71
C HIS A 178 -42.25 4.25 -16.48
N PRO A 179 -43.35 4.87 -16.96
CA PRO A 179 -44.30 4.09 -17.77
C PRO A 179 -43.76 3.69 -19.14
N SER A 180 -44.36 2.65 -19.74
CA SER A 180 -44.00 2.23 -21.10
C SER A 180 -44.65 3.04 -22.21
N THR A 181 -45.84 3.59 -21.96
CA THR A 181 -46.62 4.32 -22.97
C THR A 181 -47.21 5.61 -22.42
N ASN A 182 -47.51 6.55 -23.33
CA ASN A 182 -48.17 7.80 -22.98
C ASN A 182 -49.57 7.54 -22.40
N GLN A 183 -50.24 6.53 -22.93
CA GLN A 183 -51.54 6.11 -22.41
C GLN A 183 -51.45 5.71 -20.93
N GLU A 184 -50.39 4.98 -20.57
CA GLU A 184 -50.15 4.57 -19.18
C GLU A 184 -49.88 5.78 -18.28
N GLN A 185 -48.98 6.66 -18.73
CA GLN A 185 -48.66 7.90 -18.06
C GLN A 185 -49.92 8.70 -17.72
N THR A 186 -50.76 8.96 -18.72
CA THR A 186 -51.93 9.83 -18.52
C THR A 186 -53.00 9.13 -17.69
N SER A 187 -53.19 7.84 -17.94
CA SER A 187 -54.18 7.05 -17.19
C SER A 187 -53.88 6.99 -15.69
N LEU A 188 -52.59 6.86 -15.34
CA LEU A 188 -52.18 6.84 -13.92
C LEU A 188 -52.01 8.22 -13.28
N TYR A 189 -51.41 9.17 -13.99
CA TYR A 189 -50.96 10.44 -13.40
C TYR A 189 -51.55 11.71 -14.01
N VAL A 190 -52.46 11.56 -14.99
CA VAL A 190 -53.14 12.68 -15.68
C VAL A 190 -52.20 13.53 -16.53
N GLN A 191 -51.25 14.21 -15.88
CA GLN A 191 -50.26 15.02 -16.57
C GLN A 191 -49.47 14.13 -17.54
N ALA A 192 -49.17 14.69 -18.71
CA ALA A 192 -48.47 13.96 -19.78
C ALA A 192 -46.99 13.74 -19.46
N SER A 193 -46.44 14.57 -18.57
CA SER A 193 -45.06 14.40 -18.10
C SER A 193 -44.98 14.71 -16.61
N GLY A 194 -44.52 13.74 -15.83
CA GLY A 194 -44.37 13.90 -14.39
C GLY A 194 -43.04 14.49 -13.98
N ARG A 195 -42.82 14.52 -12.67
CA ARG A 195 -41.67 15.19 -12.10
C ARG A 195 -41.60 14.83 -10.62
N VAL A 196 -40.41 14.53 -10.13
CA VAL A 196 -40.21 14.30 -8.71
C VAL A 196 -38.99 15.08 -8.24
N THR A 197 -39.23 15.99 -7.29
CA THR A 197 -38.18 16.77 -6.67
C THR A 197 -38.19 16.47 -5.19
N VAL A 198 -37.08 15.94 -4.69
CA VAL A 198 -36.89 15.65 -3.28
C VAL A 198 -35.69 16.46 -2.80
N SER A 199 -35.86 17.18 -1.70
CA SER A 199 -34.83 18.12 -1.26
C SER A 199 -34.74 18.27 0.25
N THR A 200 -33.56 18.72 0.68
CA THR A 200 -33.31 19.18 2.03
C THR A 200 -32.83 20.64 1.93
N ARG A 201 -32.39 21.23 3.04
CA ARG A 201 -31.74 22.54 2.98
C ARG A 201 -30.43 22.50 2.18
N ARG A 202 -29.75 21.35 2.21
CA ARG A 202 -28.39 21.19 1.69
C ARG A 202 -28.31 20.61 0.27
N SER A 203 -29.30 19.83 -0.15
CA SER A 203 -29.25 19.13 -1.42
C SER A 203 -30.61 19.06 -2.09
N GLN A 204 -30.62 18.72 -3.37
CA GLN A 204 -31.84 18.48 -4.10
C GLN A 204 -31.57 17.48 -5.21
N GLN A 205 -32.56 16.64 -5.47
CA GLN A 205 -32.54 15.67 -6.57
C GLN A 205 -33.83 15.94 -7.32
N THR A 206 -33.76 16.19 -8.62
CA THR A 206 -35.00 16.20 -9.44
C THR A 206 -34.87 15.19 -10.57
N ILE A 207 -35.91 14.36 -10.70
CA ILE A 207 -35.92 13.25 -11.64
C ILE A 207 -37.14 13.45 -12.53
N ILE A 208 -36.91 13.36 -13.84
CA ILE A 208 -37.98 13.39 -14.85
C ILE A 208 -38.20 11.95 -15.24
N PRO A 209 -39.46 11.48 -15.24
CA PRO A 209 -39.69 10.14 -15.76
C PRO A 209 -39.48 10.08 -17.27
N ASN A 210 -38.95 8.96 -17.73
CA ASN A 210 -38.90 8.65 -19.14
C ASN A 210 -39.90 7.57 -19.56
N ILE A 211 -40.67 7.89 -20.59
CA ILE A 211 -41.69 7.00 -21.11
C ILE A 211 -41.10 6.17 -22.24
N GLY A 212 -41.38 4.87 -22.23
CA GLY A 212 -40.83 3.96 -23.23
C GLY A 212 -40.80 2.53 -22.74
N SER A 213 -40.81 1.58 -23.68
CA SER A 213 -40.70 0.17 -23.32
C SER A 213 -39.28 -0.18 -22.88
N ARG A 214 -39.24 -1.02 -21.86
CA ARG A 214 -38.05 -1.71 -21.43
C ARG A 214 -38.38 -3.18 -21.64
N PRO A 215 -37.39 -4.09 -21.54
CA PRO A 215 -37.75 -5.50 -21.69
C PRO A 215 -38.73 -5.93 -20.62
N TRP A 216 -39.61 -6.83 -21.01
CA TRP A 216 -40.64 -7.37 -20.15
C TRP A 216 -40.02 -8.20 -19.02
N VAL A 217 -40.29 -7.80 -17.77
CA VAL A 217 -39.82 -8.51 -16.57
C VAL A 217 -41.00 -8.62 -15.62
N ARG A 218 -41.28 -9.82 -15.15
CA ARG A 218 -42.37 -10.08 -14.23
C ARG A 218 -43.63 -9.26 -14.61
N GLN A 219 -44.01 -9.35 -15.88
CA GLN A 219 -45.25 -8.76 -16.45
C GLN A 219 -45.28 -7.27 -16.79
N ALA A 220 -44.19 -6.53 -16.62
CA ALA A 220 -44.17 -5.12 -16.94
C ALA A 220 -43.00 -4.80 -17.86
N SER A 221 -43.28 -3.98 -18.85
CA SER A 221 -42.28 -3.26 -19.61
C SER A 221 -41.92 -1.93 -18.91
N SER A 222 -42.68 -1.55 -17.89
CA SER A 222 -42.38 -0.34 -17.11
C SER A 222 -41.34 -0.63 -16.03
N ARG A 223 -40.86 0.43 -15.37
CA ARG A 223 -39.82 0.33 -14.35
C ARG A 223 -40.01 1.35 -13.24
N ILE A 224 -39.44 1.06 -12.08
CA ILE A 224 -39.29 2.04 -11.04
C ILE A 224 -37.79 2.28 -10.82
N SER A 225 -37.38 3.54 -10.70
CA SER A 225 -36.01 3.85 -10.33
C SER A 225 -36.00 4.29 -8.89
N ILE A 226 -35.06 3.75 -8.12
CA ILE A 226 -34.97 3.97 -6.69
C ILE A 226 -33.86 4.98 -6.35
N TYR A 227 -34.22 5.94 -5.50
CA TYR A 227 -33.33 6.97 -5.00
C TYR A 227 -33.35 7.01 -3.48
N TRP A 228 -32.38 7.71 -2.90
CA TRP A 228 -32.31 7.88 -1.47
C TRP A 228 -31.88 9.29 -1.06
N THR A 229 -32.29 9.68 0.14
CA THR A 229 -32.01 10.99 0.69
C THR A 229 -31.80 10.83 2.19
N ILE A 230 -30.67 11.30 2.69
CA ILE A 230 -30.41 11.33 4.11
C ILE A 230 -30.76 12.71 4.68
N VAL A 231 -31.49 12.72 5.78
CA VAL A 231 -31.87 13.97 6.45
C VAL A 231 -31.24 14.02 7.85
N LYS A 232 -30.39 15.02 8.06
CA LYS A 232 -29.67 15.19 9.34
C LYS A 232 -30.57 15.87 10.37
N PRO A 233 -30.24 15.73 11.67
CA PRO A 233 -30.96 16.43 12.73
C PRO A 233 -31.02 17.93 12.45
N GLY A 234 -32.22 18.50 12.55
CA GLY A 234 -32.44 19.92 12.30
C GLY A 234 -32.77 20.26 10.86
N ASP A 235 -32.59 19.33 9.95
CA ASP A 235 -32.89 19.56 8.55
C ASP A 235 -34.33 19.09 8.29
N VAL A 236 -34.78 19.22 7.05
CA VAL A 236 -36.16 18.98 6.68
C VAL A 236 -36.19 18.34 5.30
N LEU A 237 -37.09 17.38 5.10
CA LEU A 237 -37.30 16.77 3.80
C LEU A 237 -38.47 17.46 3.15
N VAL A 238 -38.36 17.78 1.86
CA VAL A 238 -39.50 18.25 1.09
C VAL A 238 -39.60 17.38 -0.14
N ILE A 239 -40.81 16.95 -0.45
CA ILE A 239 -41.11 16.15 -1.63
C ILE A 239 -42.16 16.91 -2.43
N ASN A 240 -41.86 17.12 -3.71
CA ASN A 240 -42.70 17.89 -4.59
C ASN A 240 -42.86 17.11 -5.90
N SER A 241 -44.08 16.88 -6.34
CA SER A 241 -44.32 16.05 -7.53
C SER A 241 -45.68 16.34 -8.16
N ASN A 242 -45.71 16.38 -9.48
CA ASN A 242 -46.97 16.45 -10.22
C ASN A 242 -47.21 15.13 -10.99
N GLY A 243 -46.58 14.05 -10.53
CA GLY A 243 -46.77 12.75 -11.13
C GLY A 243 -45.55 11.87 -11.03
N ASN A 244 -45.82 10.56 -10.96
CA ASN A 244 -44.83 9.48 -11.05
C ASN A 244 -44.04 9.21 -9.75
N LEU A 245 -44.43 9.87 -8.67
CA LEU A 245 -43.82 9.67 -7.38
C LEU A 245 -44.16 8.29 -6.83
N ILE A 246 -43.11 7.57 -6.44
CA ILE A 246 -43.21 6.40 -5.60
C ILE A 246 -42.73 6.85 -4.22
N ALA A 247 -43.68 7.08 -3.32
CA ALA A 247 -43.43 7.84 -2.11
C ALA A 247 -42.88 6.96 -1.00
N PRO A 248 -42.05 7.53 -0.12
CA PRO A 248 -41.62 6.83 1.09
C PRO A 248 -42.77 6.75 2.09
N ARG A 249 -42.79 5.70 2.90
CA ARG A 249 -43.75 5.59 4.00
C ARG A 249 -43.18 6.07 5.34
N GLY A 250 -41.93 6.46 5.34
CA GLY A 250 -41.19 6.74 6.56
C GLY A 250 -39.72 6.69 6.26
N TYR A 251 -38.92 6.42 7.28
CA TYR A 251 -37.45 6.43 7.15
C TYR A 251 -36.85 5.24 7.84
N PHE A 252 -35.62 4.93 7.42
CA PHE A 252 -34.80 3.94 8.07
C PHE A 252 -33.85 4.65 9.02
N LYS A 253 -33.70 4.06 10.19
CA LYS A 253 -32.80 4.59 11.18
C LYS A 253 -31.37 4.18 10.80
N MET A 254 -30.44 5.12 10.79
CA MET A 254 -29.05 4.82 10.45
C MET A 254 -28.20 4.67 11.69
N ARG A 255 -27.25 3.73 11.63
CA ARG A 255 -26.22 3.55 12.65
C ARG A 255 -24.85 3.55 12.02
N THR A 256 -23.82 3.66 12.85
CA THR A 256 -22.45 3.44 12.44
C THR A 256 -21.92 2.36 13.38
N GLY A 257 -21.00 1.54 12.89
CA GLY A 257 -20.45 0.43 13.66
C GLY A 257 -19.73 -0.55 12.74
N LYS A 258 -19.73 -1.82 13.13
CA LYS A 258 -18.93 -2.87 12.50
C LYS A 258 -19.68 -3.69 11.41
N SER A 259 -20.87 -3.26 10.99
CA SER A 259 -21.67 -4.07 10.09
C SER A 259 -21.15 -4.05 8.65
N SER A 260 -21.31 -5.17 7.95
CA SER A 260 -20.95 -5.28 6.54
C SER A 260 -21.88 -6.27 5.81
N ILE A 261 -21.51 -6.62 4.59
CA ILE A 261 -22.24 -7.55 3.77
C ILE A 261 -21.22 -8.40 3.00
N MET A 262 -21.58 -9.64 2.69
CA MET A 262 -20.71 -10.58 1.98
C MET A 262 -21.54 -11.47 1.06
N ARG A 263 -21.02 -11.71 -0.15
CA ARG A 263 -21.60 -12.70 -1.08
C ARG A 263 -20.98 -14.06 -0.79
N SER A 264 -21.81 -15.03 -0.45
CA SER A 264 -21.34 -16.37 -0.12
C SER A 264 -22.47 -17.36 -0.18
N ASP A 265 -22.15 -18.57 -0.60
CA ASP A 265 -23.08 -19.68 -0.54
C ASP A 265 -22.72 -20.69 0.54
N ALA A 266 -21.78 -20.36 1.41
CA ALA A 266 -21.40 -21.29 2.48
C ALA A 266 -22.54 -21.41 3.51
N PRO A 267 -22.87 -22.63 3.94
CA PRO A 267 -23.91 -22.75 4.96
C PRO A 267 -23.47 -22.17 6.32
N ILE A 268 -24.45 -21.71 7.09
CA ILE A 268 -24.23 -21.19 8.44
C ILE A 268 -24.32 -22.35 9.41
N ASP A 269 -23.41 -22.40 10.36
CA ASP A 269 -23.33 -23.51 11.31
C ASP A 269 -23.18 -22.95 12.72
N THR A 270 -23.47 -23.78 13.72
CA THR A 270 -23.28 -23.41 15.12
C THR A 270 -21.83 -23.68 15.54
N CYS A 271 -21.05 -22.61 15.66
CA CYS A 271 -19.65 -22.69 16.06
C CYS A 271 -19.19 -21.25 16.33
N ILE A 272 -17.94 -21.10 16.75
CA ILE A 272 -17.36 -19.81 17.07
C ILE A 272 -16.14 -19.58 16.18
N SER A 273 -16.16 -18.51 15.39
CA SER A 273 -14.99 -18.07 14.65
C SER A 273 -15.00 -16.56 14.41
N GLU A 274 -13.91 -15.89 14.81
CA GLU A 274 -13.79 -14.44 14.61
C GLU A 274 -13.74 -14.09 13.12
N CYS A 275 -13.05 -14.89 12.32
CA CYS A 275 -12.80 -14.58 10.90
C CYS A 275 -13.73 -15.32 9.95
N ILE A 276 -14.34 -14.56 9.04
CA ILE A 276 -15.25 -15.11 8.04
C ILE A 276 -14.75 -14.75 6.66
N THR A 277 -14.80 -15.74 5.76
CA THR A 277 -14.54 -15.53 4.34
C THR A 277 -15.74 -16.10 3.61
N PRO A 278 -15.88 -15.78 2.31
CA PRO A 278 -16.95 -16.39 1.49
C PRO A 278 -16.87 -17.92 1.40
N ASN A 279 -15.68 -18.47 1.57
CA ASN A 279 -15.46 -19.92 1.59
C ASN A 279 -15.92 -20.55 2.90
N GLY A 280 -16.11 -19.72 3.92
CA GLY A 280 -16.41 -20.17 5.27
C GLY A 280 -15.49 -19.51 6.26
N SER A 281 -15.76 -19.78 7.53
CA SER A 281 -14.93 -19.28 8.62
C SER A 281 -13.55 -19.89 8.52
N ILE A 282 -12.54 -19.15 8.98
CA ILE A 282 -11.19 -19.68 9.07
C ILE A 282 -10.60 -19.34 10.43
N PRO A 283 -9.70 -20.20 10.93
CA PRO A 283 -9.01 -19.85 12.17
C PRO A 283 -8.14 -18.62 11.96
N ASN A 284 -7.87 -17.90 13.03
CA ASN A 284 -7.03 -16.71 12.97
C ASN A 284 -5.80 -16.78 13.89
N ASP A 285 -5.32 -17.99 14.17
CA ASP A 285 -4.06 -18.16 14.90
C ASP A 285 -2.83 -17.80 14.05
N LYS A 286 -2.92 -17.94 12.73
CA LYS A 286 -1.81 -17.60 11.84
C LYS A 286 -1.90 -16.15 11.35
N PRO A 287 -0.75 -15.52 11.08
CA PRO A 287 -0.76 -14.12 10.64
C PRO A 287 -1.16 -13.88 9.19
N PHE A 288 -1.04 -14.92 8.35
CA PHE A 288 -1.39 -14.80 6.92
C PHE A 288 -2.41 -15.88 6.51
N GLN A 289 -3.07 -15.63 5.38
CA GLN A 289 -4.01 -16.58 4.82
C GLN A 289 -4.09 -16.40 3.32
N ASN A 290 -4.43 -17.50 2.66
CA ASN A 290 -4.49 -17.63 1.21
C ASN A 290 -5.87 -18.12 0.79
N VAL A 291 -6.84 -18.08 1.70
CA VAL A 291 -8.16 -18.61 1.44
C VAL A 291 -8.94 -17.65 0.53
N ASN A 292 -9.01 -16.38 0.93
CA ASN A 292 -9.77 -15.39 0.18
C ASN A 292 -9.39 -14.00 0.61
N LYS A 293 -9.24 -13.12 -0.38
CA LYS A 293 -8.98 -11.72 -0.12
C LYS A 293 -10.19 -11.01 0.48
N ILE A 294 -11.38 -11.57 0.28
CA ILE A 294 -12.58 -11.07 0.95
C ILE A 294 -12.66 -11.70 2.33
N THR A 295 -12.57 -10.87 3.37
CA THR A 295 -12.74 -11.32 4.74
C THR A 295 -13.55 -10.32 5.58
N TYR A 296 -14.04 -10.81 6.72
CA TYR A 296 -14.74 -10.02 7.73
C TYR A 296 -14.31 -10.52 9.12
N GLY A 297 -13.90 -9.58 9.97
CA GLY A 297 -13.55 -9.86 11.35
C GLY A 297 -12.05 -9.87 11.59
N ALA A 298 -11.65 -10.43 12.73
CA ALA A 298 -10.25 -10.52 13.11
C ALA A 298 -9.62 -11.66 12.31
N CYS A 299 -8.94 -11.30 11.22
CA CYS A 299 -8.49 -12.25 10.20
C CYS A 299 -7.00 -12.15 9.94
N PRO A 300 -6.36 -13.28 9.57
CA PRO A 300 -5.03 -13.20 8.98
C PRO A 300 -5.07 -12.36 7.70
N LYS A 301 -3.92 -11.78 7.35
CA LYS A 301 -3.81 -10.93 6.17
C LYS A 301 -3.67 -11.79 4.93
N TYR A 302 -4.38 -11.43 3.87
CA TYR A 302 -4.32 -12.20 2.63
C TYR A 302 -2.97 -12.02 1.91
N VAL A 303 -2.38 -13.15 1.52
CA VAL A 303 -1.14 -13.18 0.75
C VAL A 303 -1.29 -14.20 -0.37
N LYS A 304 -0.40 -14.13 -1.35
CA LYS A 304 -0.44 -15.02 -2.50
C LYS A 304 0.18 -16.39 -2.23
N GLN A 305 1.10 -16.47 -1.28
CA GLN A 305 1.77 -17.75 -0.98
C GLN A 305 0.77 -18.71 -0.34
N ASN A 306 0.83 -19.99 -0.72
CA ASN A 306 -0.02 -21.00 -0.08
C ASN A 306 0.65 -21.66 1.13
N THR A 307 1.95 -21.44 1.30
CA THR A 307 2.67 -21.88 2.49
C THR A 307 3.86 -20.97 2.78
N LEU A 308 4.07 -20.68 4.07
CA LEU A 308 5.29 -20.02 4.54
C LEU A 308 5.66 -20.63 5.88
N LYS A 309 6.85 -21.23 5.96
CA LYS A 309 7.30 -21.94 7.16
C LYS A 309 8.22 -21.09 8.00
N LEU A 310 7.83 -20.88 9.25
CA LEU A 310 8.69 -20.23 10.23
C LEU A 310 9.45 -21.33 10.96
N ALA A 311 10.78 -21.29 10.87
CA ALA A 311 11.63 -22.23 11.58
C ALA A 311 11.41 -22.09 13.08
N THR A 312 11.19 -23.24 13.73
CA THR A 312 11.05 -23.31 15.19
C THR A 312 12.14 -24.17 15.80
N GLY A 313 13.22 -24.36 15.06
CA GLY A 313 14.36 -25.13 15.56
C GLY A 313 15.63 -24.86 14.79
N MET A 314 16.71 -25.44 15.28
CA MET A 314 18.01 -25.32 14.66
C MET A 314 18.11 -26.05 13.33
N ARG A 315 19.21 -25.76 12.65
CA ARG A 315 19.66 -26.49 11.48
C ARG A 315 19.74 -27.99 11.78
N ASN A 316 19.13 -28.82 10.92
CA ASN A 316 19.09 -30.27 11.12
C ASN A 316 20.21 -30.93 10.34
N VAL A 317 21.15 -31.53 11.08
CA VAL A 317 22.33 -32.18 10.52
C VAL A 317 22.30 -33.63 11.01
N PRO A 318 21.68 -34.56 10.25
CA PRO A 318 21.49 -35.92 10.77
C PRO A 318 22.76 -36.78 10.78
N GLU A 319 22.65 -37.96 11.38
CA GLU A 319 23.82 -38.85 11.66
C GLU A 319 24.39 -39.65 10.47
N GLY B 1 25.84 -21.45 9.79
CA GLY B 1 25.55 -20.23 10.60
C GLY B 1 26.77 -19.37 10.89
N LEU B 2 26.52 -18.20 11.46
CA LEU B 2 27.55 -17.20 11.71
C LEU B 2 28.65 -17.65 12.67
N PHE B 3 28.31 -18.57 13.57
CA PHE B 3 29.24 -19.00 14.62
C PHE B 3 30.04 -20.26 14.29
N GLY B 4 29.62 -21.00 13.26
CA GLY B 4 30.39 -22.11 12.74
C GLY B 4 30.41 -23.37 13.60
N ALA B 5 29.44 -23.51 14.50
CA ALA B 5 29.37 -24.71 15.35
C ALA B 5 28.42 -25.73 14.73
N ILE B 6 27.14 -25.40 14.67
CA ILE B 6 26.13 -26.30 14.10
C ILE B 6 26.34 -26.34 12.59
N ALA B 7 26.45 -27.54 12.04
CA ALA B 7 26.89 -27.75 10.66
C ALA B 7 28.24 -27.09 10.39
N GLY B 8 29.09 -27.06 11.41
CA GLY B 8 30.41 -26.43 11.32
C GLY B 8 31.44 -27.35 11.94
N PHE B 9 32.10 -26.89 13.02
CA PHE B 9 33.11 -27.72 13.69
C PHE B 9 32.50 -28.90 14.46
N ILE B 10 31.19 -28.85 14.73
CA ILE B 10 30.45 -30.03 15.17
C ILE B 10 29.88 -30.68 13.93
N GLU B 11 30.41 -31.86 13.60
CA GLU B 11 30.11 -32.57 12.34
C GLU B 11 28.63 -32.79 12.11
N ASN B 12 27.93 -33.22 13.15
CA ASN B 12 26.51 -33.50 13.02
C ASN B 12 25.79 -33.49 14.34
N GLY B 13 24.47 -33.58 14.25
CA GLY B 13 23.60 -33.67 15.41
C GLY B 13 23.45 -35.09 15.92
N TRP B 14 22.80 -35.18 17.08
CA TRP B 14 22.57 -36.43 17.77
C TRP B 14 21.08 -36.75 17.73
N GLU B 15 20.67 -37.71 16.90
CA GLU B 15 19.27 -38.16 16.88
C GLU B 15 18.85 -38.79 18.21
N GLY B 16 19.83 -39.41 18.88
CA GLY B 16 19.62 -40.01 20.19
C GLY B 16 19.29 -39.06 21.34
N MET B 17 19.64 -37.78 21.21
CA MET B 17 19.32 -36.82 22.27
C MET B 17 17.88 -36.30 22.13
N ILE B 18 16.98 -36.85 22.93
CA ILE B 18 15.54 -36.52 22.89
C ILE B 18 15.04 -35.69 24.07
N ASP B 19 15.89 -35.46 25.07
CA ASP B 19 15.50 -34.73 26.29
C ASP B 19 16.09 -33.31 26.34
N GLY B 20 16.68 -32.86 25.24
CA GLY B 20 17.26 -31.53 25.16
C GLY B 20 17.72 -31.21 23.76
N TRP B 21 18.08 -29.94 23.56
CA TRP B 21 18.51 -29.42 22.26
C TRP B 21 20.02 -29.41 22.13
N TYR B 22 20.70 -29.14 23.26
CA TYR B 22 22.16 -29.20 23.36
C TYR B 22 22.52 -30.09 24.55
N GLY B 23 23.70 -30.73 24.49
CA GLY B 23 24.17 -31.49 25.63
C GLY B 23 25.55 -32.10 25.53
N PHE B 24 25.79 -33.08 26.39
CA PHE B 24 27.11 -33.68 26.62
C PHE B 24 27.12 -35.17 26.31
N ARG B 25 28.18 -35.62 25.62
CA ARG B 25 28.55 -37.04 25.57
C ARG B 25 29.96 -37.21 26.10
N HIS B 26 30.17 -38.26 26.90
CA HIS B 26 31.46 -38.50 27.56
C HIS B 26 31.92 -39.95 27.44
N GLN B 27 33.23 -40.15 27.44
CA GLN B 27 33.84 -41.45 27.65
C GLN B 27 34.88 -41.31 28.77
N ASN B 28 34.76 -42.14 29.79
CA ASN B 28 35.73 -42.17 30.90
C ASN B 28 36.03 -43.62 31.30
N SER B 29 36.76 -43.79 32.40
CA SER B 29 36.99 -45.11 33.04
C SER B 29 35.73 -45.98 33.15
N GLU B 30 34.64 -45.38 33.63
CA GLU B 30 33.38 -46.09 33.91
C GLU B 30 32.45 -46.36 32.71
N GLY B 31 32.83 -45.93 31.50
CA GLY B 31 32.05 -46.16 30.29
C GLY B 31 31.59 -44.87 29.62
N THR B 32 30.54 -44.98 28.78
CA THR B 32 29.99 -43.83 28.05
C THR B 32 28.58 -43.47 28.50
N GLY B 33 28.20 -42.22 28.23
CA GLY B 33 26.90 -41.70 28.61
C GLY B 33 26.57 -40.35 28.01
N GLN B 34 25.29 -39.98 28.10
CA GLN B 34 24.74 -38.79 27.45
C GLN B 34 23.83 -38.04 28.41
N ALA B 35 23.89 -36.71 28.38
CA ALA B 35 22.96 -35.86 29.15
C ALA B 35 22.68 -34.53 28.44
N ALA B 36 21.43 -34.09 28.51
CA ALA B 36 21.02 -32.79 27.98
C ALA B 36 21.53 -31.66 28.89
N ASP B 37 21.89 -30.53 28.28
CA ASP B 37 22.12 -29.28 29.02
C ASP B 37 20.82 -28.47 28.96
N LEU B 38 20.24 -28.23 30.13
CA LEU B 38 18.93 -27.58 30.22
C LEU B 38 18.98 -26.07 29.97
N LYS B 39 20.01 -25.40 30.49
CA LYS B 39 20.10 -23.94 30.44
C LYS B 39 20.21 -23.41 29.00
N SER B 40 21.12 -24.01 28.23
CA SER B 40 21.30 -23.66 26.83
C SER B 40 20.06 -24.02 26.00
N THR B 41 19.50 -25.21 26.25
CA THR B 41 18.27 -25.66 25.60
C THR B 41 17.13 -24.66 25.82
N GLN B 42 16.96 -24.24 27.06
CA GLN B 42 15.90 -23.32 27.42
C GLN B 42 16.12 -21.92 26.85
N ALA B 43 17.36 -21.46 26.78
CA ALA B 43 17.69 -20.17 26.18
C ALA B 43 17.29 -20.09 24.70
N ALA B 44 17.56 -21.17 23.95
CA ALA B 44 17.13 -21.25 22.55
C ALA B 44 15.61 -21.28 22.44
N ILE B 45 14.98 -22.15 23.23
CA ILE B 45 13.52 -22.29 23.22
C ILE B 45 12.82 -21.00 23.62
N ASP B 46 13.27 -20.33 24.68
CA ASP B 46 12.66 -19.06 25.11
C ASP B 46 12.73 -18.00 24.03
N GLN B 47 13.88 -17.92 23.34
CA GLN B 47 14.05 -16.95 22.27
C GLN B 47 13.14 -17.26 21.08
N ILE B 48 12.99 -18.55 20.77
CA ILE B 48 12.13 -18.97 19.66
C ILE B 48 10.65 -18.79 20.01
N ASN B 49 10.26 -19.15 21.22
CA ASN B 49 8.91 -18.83 21.71
C ASN B 49 8.62 -17.34 21.62
N GLY B 50 9.58 -16.53 22.07
CA GLY B 50 9.46 -15.08 21.98
C GLY B 50 9.14 -14.61 20.57
N LYS B 51 9.91 -15.04 19.58
CA LYS B 51 9.67 -14.62 18.19
C LYS B 51 8.38 -15.19 17.63
N LEU B 52 8.06 -16.43 17.99
CA LEU B 52 6.81 -17.04 17.56
C LEU B 52 5.62 -16.22 18.04
N ASN B 53 5.61 -15.86 19.33
CA ASN B 53 4.49 -15.08 19.88
C ASN B 53 4.40 -13.68 19.29
N ARG B 54 5.52 -13.08 18.91
CA ARG B 54 5.50 -11.78 18.23
C ARG B 54 4.88 -11.87 16.84
N VAL B 55 5.23 -12.93 16.11
CA VAL B 55 4.75 -13.15 14.74
C VAL B 55 3.27 -13.49 14.67
N ILE B 56 2.77 -14.35 15.57
CA ILE B 56 1.34 -14.73 15.56
C ILE B 56 0.43 -13.77 16.37
N GLU B 57 0.99 -12.63 16.76
CA GLU B 57 0.30 -11.58 17.50
C GLU B 57 -0.76 -10.98 16.56
N LYS B 58 -2.03 -11.32 16.83
CA LYS B 58 -3.17 -10.78 16.05
C LYS B 58 -3.10 -9.25 15.82
N THR B 59 -2.79 -8.84 14.59
CA THR B 59 -2.59 -7.41 14.27
C THR B 59 -3.86 -6.71 13.78
N ASN B 60 -4.77 -7.42 13.10
CA ASN B 60 -5.85 -6.71 12.41
C ASN B 60 -7.25 -7.33 12.41
N GLU B 61 -8.19 -6.41 12.50
CA GLU B 61 -9.60 -6.68 12.51
C GLU B 61 -10.26 -5.64 11.61
N LYS B 62 -10.92 -6.12 10.57
CA LYS B 62 -11.52 -5.27 9.53
C LYS B 62 -12.96 -5.69 9.32
N PHE B 63 -13.80 -4.71 9.06
CA PHE B 63 -15.22 -4.92 8.94
C PHE B 63 -15.67 -4.54 7.52
N HIS B 64 -16.40 -3.45 7.34
CA HIS B 64 -16.80 -3.04 6.01
C HIS B 64 -15.61 -2.45 5.26
N GLN B 65 -15.36 -2.97 4.06
CA GLN B 65 -14.19 -2.61 3.26
C GLN B 65 -14.68 -2.23 1.87
N ILE B 66 -13.93 -2.56 0.83
CA ILE B 66 -14.36 -2.38 -0.55
C ILE B 66 -14.74 -3.74 -1.12
N GLU B 67 -15.55 -3.72 -2.17
CA GLU B 67 -15.82 -4.90 -2.95
C GLU B 67 -14.55 -5.30 -3.72
N LYS B 68 -14.39 -6.61 -3.91
CA LYS B 68 -13.19 -7.20 -4.52
C LYS B 68 -13.47 -8.16 -5.66
N GLU B 69 -14.74 -8.50 -5.89
CA GLU B 69 -15.22 -9.25 -7.03
C GLU B 69 -16.39 -8.49 -7.62
N PHE B 70 -16.55 -8.61 -8.93
CA PHE B 70 -17.48 -7.79 -9.67
C PHE B 70 -18.15 -8.61 -10.75
N SER B 71 -19.48 -8.50 -10.84
CA SER B 71 -20.24 -9.27 -11.81
C SER B 71 -20.41 -8.55 -13.15
N GLU B 72 -20.14 -7.24 -13.19
CA GLU B 72 -20.26 -6.45 -14.43
C GLU B 72 -18.97 -5.66 -14.72
N VAL B 73 -18.73 -5.43 -16.00
CA VAL B 73 -17.68 -4.55 -16.48
C VAL B 73 -18.12 -3.11 -16.23
N GLU B 74 -17.27 -2.33 -15.57
CA GLU B 74 -17.56 -0.91 -15.32
C GLU B 74 -16.51 0.11 -15.76
N GLY B 75 -15.27 -0.30 -15.92
CA GLY B 75 -14.21 0.63 -16.28
C GLY B 75 -13.52 1.26 -15.09
N ARG B 76 -13.39 2.59 -15.15
CA ARG B 76 -12.42 3.36 -14.35
C ARG B 76 -12.47 3.09 -12.83
N ILE B 77 -13.66 3.19 -12.23
CA ILE B 77 -13.79 2.99 -10.78
C ILE B 77 -13.39 1.56 -10.39
N GLN B 78 -13.83 0.58 -11.18
CA GLN B 78 -13.52 -0.82 -10.89
C GLN B 78 -12.05 -1.12 -11.12
N ASP B 79 -11.47 -0.52 -12.16
CA ASP B 79 -10.02 -0.63 -12.39
C ASP B 79 -9.27 -0.21 -11.14
N LEU B 80 -9.72 0.89 -10.53
CA LEU B 80 -9.04 1.43 -9.36
C LEU B 80 -9.22 0.56 -8.13
N GLU B 81 -10.45 0.09 -7.91
CA GLU B 81 -10.73 -0.81 -6.80
C GLU B 81 -9.87 -2.07 -6.87
N LYS B 82 -9.77 -2.68 -8.05
CA LYS B 82 -8.93 -3.88 -8.24
C LYS B 82 -7.46 -3.60 -8.04
N TYR B 83 -6.99 -2.49 -8.60
CA TYR B 83 -5.59 -2.10 -8.48
C TYR B 83 -5.22 -1.81 -7.03
N VAL B 84 -6.11 -1.15 -6.29
CA VAL B 84 -5.87 -0.89 -4.86
C VAL B 84 -5.66 -2.21 -4.11
N GLU B 85 -6.55 -3.17 -4.32
CA GLU B 85 -6.46 -4.46 -3.65
C GLU B 85 -5.24 -5.27 -4.09
N ASP B 86 -5.01 -5.32 -5.40
CA ASP B 86 -3.87 -6.05 -5.94
C ASP B 86 -2.55 -5.48 -5.37
N THR B 87 -2.46 -4.16 -5.31
CA THR B 87 -1.31 -3.46 -4.73
C THR B 87 -1.08 -3.84 -3.25
N LYS B 88 -2.16 -3.83 -2.49
CA LYS B 88 -2.14 -4.20 -1.09
C LYS B 88 -1.65 -5.63 -0.90
N ILE B 89 -2.23 -6.54 -1.66
CA ILE B 89 -1.89 -7.97 -1.55
C ILE B 89 -0.42 -8.22 -1.86
N ASP B 90 0.09 -7.59 -2.92
CA ASP B 90 1.51 -7.76 -3.27
C ASP B 90 2.43 -7.23 -2.19
N LEU B 91 2.09 -6.10 -1.59
CA LEU B 91 2.87 -5.55 -0.49
C LEU B 91 2.86 -6.45 0.75
N TRP B 92 1.69 -6.98 1.09
CA TRP B 92 1.60 -7.93 2.21
C TRP B 92 2.33 -9.22 1.92
N SER B 93 2.23 -9.71 0.67
CA SER B 93 2.91 -10.95 0.26
C SER B 93 4.43 -10.77 0.38
N TYR B 94 4.92 -9.61 -0.03
CA TYR B 94 6.33 -9.27 0.14
C TYR B 94 6.72 -9.23 1.63
N ASN B 95 5.93 -8.55 2.45
CA ASN B 95 6.22 -8.50 3.88
C ASN B 95 6.33 -9.90 4.47
N ALA B 96 5.40 -10.76 4.10
CA ALA B 96 5.38 -12.12 4.61
C ALA B 96 6.64 -12.89 4.20
N GLU B 97 7.01 -12.78 2.93
CA GLU B 97 8.20 -13.48 2.40
C GLU B 97 9.47 -13.02 3.10
N LEU B 98 9.63 -11.70 3.20
CA LEU B 98 10.77 -11.11 3.91
C LEU B 98 10.81 -11.49 5.36
N LEU B 99 9.66 -11.43 6.03
CA LEU B 99 9.60 -11.75 7.47
C LEU B 99 10.15 -13.15 7.72
N VAL B 100 9.67 -14.15 6.98
CA VAL B 100 10.11 -15.52 7.26
C VAL B 100 11.59 -15.70 6.94
N ALA B 101 12.04 -15.07 5.85
CA ALA B 101 13.46 -15.13 5.49
C ALA B 101 14.38 -14.59 6.60
N LEU B 102 14.07 -13.40 7.10
CA LEU B 102 14.86 -12.78 8.19
C LEU B 102 14.75 -13.60 9.48
N GLU B 103 13.52 -13.98 9.82
CA GLU B 103 13.28 -14.75 11.03
C GLU B 103 14.08 -16.04 11.03
N ASN B 104 14.09 -16.72 9.90
CA ASN B 104 14.69 -18.05 9.80
C ASN B 104 16.21 -18.00 9.77
N GLN B 105 16.75 -17.04 9.02
CA GLN B 105 18.20 -16.78 9.07
C GLN B 105 18.63 -16.55 10.52
N HIS B 106 17.90 -15.70 11.23
CA HIS B 106 18.19 -15.37 12.61
C HIS B 106 18.03 -16.56 13.57
N THR B 107 17.02 -17.39 13.34
CA THR B 107 16.77 -18.56 14.19
C THR B 107 17.92 -19.56 14.07
N ILE B 108 18.40 -19.75 12.85
CA ILE B 108 19.56 -20.61 12.60
C ILE B 108 20.81 -20.02 13.26
N ASP B 109 21.04 -18.71 13.10
CA ASP B 109 22.20 -18.07 13.73
C ASP B 109 22.13 -18.09 15.26
N LEU B 110 20.94 -17.93 15.83
CA LEU B 110 20.84 -17.88 17.29
C LEU B 110 21.01 -19.28 17.91
N THR B 111 20.52 -20.31 17.23
CA THR B 111 20.70 -21.68 17.71
C THR B 111 22.16 -22.10 17.60
N ASP B 112 22.80 -21.70 16.50
CA ASP B 112 24.24 -21.88 16.30
C ASP B 112 25.02 -21.19 17.42
N SER B 113 24.63 -19.96 17.72
CA SER B 113 25.20 -19.16 18.81
C SER B 113 25.11 -19.83 20.19
N GLU B 114 23.95 -20.41 20.51
CA GLU B 114 23.77 -21.05 21.80
C GLU B 114 24.65 -22.29 21.94
N MET B 115 24.82 -23.05 20.85
CA MET B 115 25.78 -24.16 20.83
C MET B 115 27.17 -23.65 21.18
N ASN B 116 27.57 -22.58 20.50
CA ASN B 116 28.88 -21.97 20.71
C ASN B 116 29.06 -21.45 22.14
N LYS B 117 28.04 -20.79 22.69
CA LYS B 117 28.08 -20.29 24.06
C LYS B 117 28.36 -21.41 25.07
N LEU B 118 27.66 -22.52 24.93
CA LEU B 118 27.87 -23.68 25.80
C LEU B 118 29.28 -24.25 25.65
N PHE B 119 29.76 -24.35 24.41
CA PHE B 119 31.10 -24.83 24.15
C PHE B 119 32.19 -23.95 24.81
N GLU B 120 32.07 -22.63 24.64
CA GLU B 120 33.02 -21.68 25.23
C GLU B 120 32.96 -21.67 26.76
N LYS B 121 31.75 -21.87 27.31
CA LYS B 121 31.54 -21.91 28.76
C LYS B 121 32.25 -23.12 29.40
N THR B 122 32.17 -24.25 28.70
CA THR B 122 32.75 -25.51 29.14
C THR B 122 34.28 -25.39 29.09
N GLY B 123 34.81 -24.96 27.95
CA GLY B 123 36.24 -24.66 27.81
C GLY B 123 36.77 -23.83 28.96
N ARG B 124 36.04 -22.78 29.33
CA ARG B 124 36.43 -21.91 30.45
C ARG B 124 36.38 -22.58 31.83
N GLN B 125 35.38 -23.43 32.06
CA GLN B 125 35.31 -24.26 33.27
C GLN B 125 36.57 -25.09 33.47
N LEU B 126 36.96 -25.77 32.40
CA LEU B 126 38.06 -26.72 32.41
C LEU B 126 39.45 -26.09 32.53
N ARG B 127 39.57 -24.78 32.25
CA ARG B 127 40.82 -24.05 32.46
C ARG B 127 41.98 -24.79 31.77
N GLU B 128 43.03 -25.15 32.51
CA GLU B 128 44.21 -25.81 31.93
C GLU B 128 44.16 -27.33 32.05
N ASN B 129 43.03 -27.89 32.50
CA ASN B 129 42.89 -29.33 32.70
C ASN B 129 42.34 -30.06 31.47
N ALA B 130 42.20 -29.38 30.33
CA ALA B 130 41.70 -30.02 29.11
C ALA B 130 42.11 -29.27 27.87
N GLU B 131 41.95 -29.92 26.71
CA GLU B 131 42.25 -29.32 25.40
C GLU B 131 41.17 -29.55 24.35
N ASP B 132 40.97 -28.51 23.53
CA ASP B 132 39.99 -28.51 22.45
C ASP B 132 40.51 -29.35 21.27
N MET B 133 39.87 -30.50 21.03
CA MET B 133 40.22 -31.34 19.88
C MET B 133 39.82 -30.72 18.52
N GLY B 134 38.92 -29.74 18.53
CA GLY B 134 38.53 -29.01 17.31
C GLY B 134 37.27 -29.53 16.61
N ASN B 135 36.66 -30.55 17.20
CA ASN B 135 35.44 -31.18 16.68
C ASN B 135 34.30 -31.11 17.71
N GLY B 136 34.39 -30.13 18.60
CA GLY B 136 33.45 -29.99 19.70
C GLY B 136 33.70 -30.89 20.91
N CYS B 137 34.83 -31.59 20.92
CA CYS B 137 35.20 -32.48 22.04
C CYS B 137 36.43 -32.00 22.76
N PHE B 138 36.36 -32.03 24.08
CA PHE B 138 37.52 -31.77 24.93
C PHE B 138 38.18 -33.08 25.33
N LYS B 139 39.49 -33.15 25.21
CA LYS B 139 40.25 -34.20 25.84
C LYS B 139 40.60 -33.72 27.25
N ILE B 140 40.09 -34.44 28.26
CA ILE B 140 40.36 -34.13 29.67
C ILE B 140 41.54 -34.99 30.10
N TYR B 141 42.56 -34.35 30.66
CA TYR B 141 43.84 -35.00 30.97
C TYR B 141 43.93 -35.46 32.45
N HIS B 142 42.87 -36.06 32.96
CA HIS B 142 42.86 -36.60 34.32
C HIS B 142 41.72 -37.60 34.52
N LYS B 143 41.75 -38.28 35.66
CA LYS B 143 40.71 -39.24 36.03
C LYS B 143 39.44 -38.45 36.32
N CYS B 144 38.44 -38.63 35.46
CA CYS B 144 37.16 -37.96 35.63
C CYS B 144 36.06 -39.01 35.66
N ASP B 145 35.84 -39.52 36.86
CA ASP B 145 34.73 -40.45 37.16
C ASP B 145 33.37 -39.75 37.03
N ASN B 146 32.30 -40.53 37.02
CA ASN B 146 30.94 -40.01 36.79
C ASN B 146 30.56 -38.81 37.67
N ALA B 147 31.03 -38.80 38.92
CA ALA B 147 30.89 -37.64 39.81
C ALA B 147 31.54 -36.39 39.23
N CYS B 148 32.75 -36.57 38.69
CA CYS B 148 33.52 -35.48 38.07
C CYS B 148 32.84 -34.94 36.79
N ILE B 149 32.30 -35.83 35.96
CA ILE B 149 31.58 -35.42 34.75
C ILE B 149 30.35 -34.61 35.14
N GLU B 150 29.49 -35.21 35.96
CA GLU B 150 28.30 -34.53 36.48
C GLU B 150 28.64 -33.16 37.12
N SER B 151 29.83 -33.04 37.73
CA SER B 151 30.30 -31.75 38.27
C SER B 151 30.58 -30.71 37.17
N ILE B 152 31.12 -31.16 36.03
CA ILE B 152 31.32 -30.28 34.88
C ILE B 152 29.96 -29.87 34.35
N ARG B 153 29.06 -30.84 34.18
CA ARG B 153 27.74 -30.59 33.60
C ARG B 153 26.85 -29.71 34.48
N ASN B 154 26.94 -29.85 35.81
CA ASN B 154 26.12 -29.03 36.73
C ASN B 154 26.85 -27.83 37.37
N GLY B 155 28.01 -27.47 36.82
CA GLY B 155 28.70 -26.23 37.18
C GLY B 155 29.46 -26.19 38.50
N THR B 156 29.76 -27.36 39.09
CA THR B 156 30.48 -27.44 40.38
C THR B 156 31.94 -27.89 40.28
N TYR B 157 32.40 -28.23 39.07
CA TYR B 157 33.78 -28.70 38.83
C TYR B 157 34.83 -27.65 39.23
N ASP B 158 35.55 -27.94 40.33
CA ASP B 158 36.70 -27.13 40.73
C ASP B 158 37.91 -27.62 39.93
N HIS B 159 38.46 -26.75 39.09
CA HIS B 159 39.62 -27.10 38.28
C HIS B 159 40.90 -27.22 39.12
N ASP B 160 41.04 -26.43 40.19
CA ASP B 160 42.25 -26.45 41.04
C ASP B 160 42.54 -27.85 41.61
N VAL B 161 41.47 -28.59 41.93
CA VAL B 161 41.55 -29.98 42.43
C VAL B 161 42.40 -30.91 41.55
N TYR B 162 42.14 -30.88 40.24
CA TYR B 162 42.80 -31.79 39.28
C TYR B 162 43.94 -31.14 38.48
N ARG B 163 44.25 -29.87 38.75
CA ARG B 163 45.20 -29.10 37.93
C ARG B 163 46.60 -29.74 37.86
N ASP B 164 47.18 -30.02 39.03
CA ASP B 164 48.51 -30.67 39.12
C ASP B 164 48.57 -31.94 38.29
N GLU B 165 47.61 -32.83 38.53
CA GLU B 165 47.47 -34.09 37.81
C GLU B 165 47.40 -33.86 36.28
N ALA B 166 46.54 -32.94 35.86
CA ALA B 166 46.29 -32.70 34.43
C ALA B 166 47.43 -32.00 33.72
N LEU B 167 47.99 -30.98 34.37
CA LEU B 167 49.19 -30.30 33.88
C LEU B 167 50.33 -31.27 33.56
N ASN B 168 50.54 -32.24 34.46
CA ASN B 168 51.59 -33.26 34.28
C ASN B 168 51.36 -34.12 33.03
N ASN B 169 50.14 -34.63 32.88
CA ASN B 169 49.74 -35.45 31.72
C ASN B 169 49.78 -34.71 30.37
N ARG B 170 49.54 -33.40 30.41
CA ARG B 170 49.57 -32.58 29.19
C ARG B 170 51.00 -32.34 28.72
N PHE B 171 51.81 -31.71 29.56
CA PHE B 171 53.20 -31.41 29.20
C PHE B 171 54.09 -32.62 29.42
N GLN B 172 54.35 -33.36 28.35
CA GLN B 172 55.14 -34.57 28.39
C GLN B 172 56.39 -34.38 27.53
N PRO C 3 52.08 -13.85 44.25
CA PRO C 3 51.20 -12.70 44.30
C PRO C 3 51.02 -12.06 42.93
N GLY C 4 49.88 -12.33 42.29
CA GLY C 4 49.59 -11.87 40.93
C GLY C 4 48.70 -10.64 40.85
N ALA C 5 47.77 -10.67 39.90
CA ALA C 5 46.79 -9.60 39.72
C ALA C 5 45.55 -10.12 38.99
N THR C 6 44.40 -9.49 39.23
CA THR C 6 43.16 -9.82 38.54
C THR C 6 42.76 -8.64 37.64
N LEU C 7 42.40 -8.92 36.39
CA LEU C 7 41.93 -7.90 35.43
C LEU C 7 40.58 -8.30 34.88
N CYS C 8 39.53 -7.58 35.31
CA CYS C 8 38.15 -7.84 34.91
C CYS C 8 37.69 -6.90 33.80
N LEU C 9 37.15 -7.49 32.73
CA LEU C 9 36.50 -6.74 31.64
C LEU C 9 35.03 -6.65 31.94
N GLY C 10 34.43 -5.49 31.62
CA GLY C 10 33.01 -5.28 31.85
C GLY C 10 32.43 -4.16 31.02
N HIS C 11 31.19 -3.82 31.34
CA HIS C 11 30.43 -2.80 30.62
C HIS C 11 29.57 -2.03 31.62
N HIS C 12 29.10 -0.86 31.20
CA HIS C 12 28.31 -0.01 32.07
C HIS C 12 26.88 -0.51 32.22
N ALA C 13 26.21 0.04 33.22
CA ALA C 13 24.79 -0.14 33.44
C ALA C 13 24.28 1.16 34.03
N VAL C 14 22.97 1.31 34.08
CA VAL C 14 22.36 2.49 34.68
C VAL C 14 21.28 1.97 35.62
N PRO C 15 20.89 2.79 36.62
CA PRO C 15 19.90 2.30 37.59
C PRO C 15 18.50 2.15 37.01
N ASN C 16 18.11 3.09 36.13
CA ASN C 16 16.80 3.08 35.52
C ASN C 16 16.88 3.06 33.99
N GLY C 17 16.84 1.87 33.40
CA GLY C 17 16.85 1.68 31.94
C GLY C 17 15.50 1.94 31.26
N THR C 18 15.41 1.67 29.96
CA THR C 18 14.14 1.76 29.21
C THR C 18 13.85 0.48 28.44
N LEU C 19 12.56 0.19 28.32
CA LEU C 19 12.10 -1.03 27.65
C LEU C 19 11.98 -0.79 26.16
N VAL C 20 12.49 -1.75 25.38
CA VAL C 20 12.32 -1.73 23.93
C VAL C 20 11.84 -3.09 23.46
N LYS C 21 11.42 -3.12 22.20
CA LYS C 21 10.96 -4.33 21.54
C LYS C 21 12.01 -4.82 20.55
N THR C 22 12.11 -6.14 20.42
CA THR C 22 13.05 -6.79 19.53
C THR C 22 12.32 -7.88 18.74
N ILE C 23 13.08 -8.66 17.98
CA ILE C 23 12.54 -9.84 17.28
C ILE C 23 12.04 -10.87 18.29
N THR C 24 12.83 -11.09 19.34
CA THR C 24 12.54 -12.14 20.32
C THR C 24 11.77 -11.68 21.55
N ASP C 25 11.81 -10.38 21.86
CA ASP C 25 11.25 -9.88 23.12
C ASP C 25 10.27 -8.71 22.92
N ASP C 26 9.11 -8.84 23.55
CA ASP C 26 8.12 -7.77 23.63
C ASP C 26 8.61 -6.56 24.40
N GLN C 27 9.37 -6.83 25.46
CA GLN C 27 9.94 -5.82 26.31
C GLN C 27 11.28 -6.33 26.78
N ILE C 28 12.34 -5.59 26.50
CA ILE C 28 13.64 -5.92 27.06
C ILE C 28 14.35 -4.62 27.38
N GLU C 29 15.10 -4.61 28.48
CA GLU C 29 15.65 -3.39 29.04
C GLU C 29 17.01 -3.05 28.46
N VAL C 30 17.14 -1.83 27.96
CA VAL C 30 18.42 -1.31 27.47
C VAL C 30 18.77 -0.04 28.24
N THR C 31 20.01 0.40 28.13
CA THR C 31 20.48 1.58 28.88
C THR C 31 19.82 2.88 28.44
N ASN C 32 19.40 2.96 27.17
CA ASN C 32 18.86 4.18 26.61
C ASN C 32 18.11 3.87 25.31
N ALA C 33 17.13 4.71 24.98
CA ALA C 33 16.42 4.64 23.72
C ALA C 33 15.94 6.02 23.33
N THR C 34 15.51 6.15 22.08
CA THR C 34 14.96 7.40 21.59
C THR C 34 13.59 7.14 20.92
N GLU C 35 12.72 8.14 21.00
CA GLU C 35 11.34 8.03 20.54
C GLU C 35 11.25 8.30 19.04
N LEU C 36 10.62 7.40 18.29
CA LEU C 36 10.47 7.57 16.85
C LEU C 36 9.08 8.05 16.42
N VAL C 37 8.11 8.09 17.34
CA VAL C 37 6.75 8.53 17.01
C VAL C 37 6.47 9.88 17.65
N GLN C 38 6.23 10.89 16.83
CA GLN C 38 5.78 12.19 17.31
C GLN C 38 4.31 12.09 17.74
N SER C 39 4.03 12.28 19.02
CA SER C 39 2.66 12.14 19.53
C SER C 39 2.03 13.42 20.07
N SER C 40 2.73 14.54 20.00
CA SER C 40 2.19 15.79 20.53
C SER C 40 2.31 16.90 19.50
N SER C 41 1.44 17.89 19.67
CA SER C 41 1.40 19.12 18.90
C SER C 41 1.35 20.28 19.88
N THR C 42 1.78 21.46 19.43
CA THR C 42 1.53 22.72 20.17
C THR C 42 0.06 23.13 20.24
N GLY C 43 -0.77 22.60 19.34
CA GLY C 43 -2.15 23.07 19.21
C GLY C 43 -2.31 24.31 18.33
N LYS C 44 -1.22 24.76 17.69
CA LYS C 44 -1.23 25.98 16.88
C LYS C 44 -0.56 25.71 15.52
N ILE C 45 -1.11 26.30 14.48
CA ILE C 45 -0.56 26.23 13.13
C ILE C 45 0.43 27.37 12.91
N CYS C 46 1.70 27.03 12.72
CA CYS C 46 2.73 28.02 12.50
C CYS C 46 2.53 28.72 11.16
N ASN C 47 2.64 30.04 11.16
CA ASN C 47 2.44 30.85 9.96
C ASN C 47 3.61 30.87 8.96
N ASN C 48 4.74 30.25 9.32
CA ASN C 48 5.86 30.03 8.42
C ASN C 48 6.29 28.56 8.49
N PRO C 49 6.89 28.03 7.41
CA PRO C 49 7.25 28.76 6.19
C PRO C 49 6.21 28.73 5.06
N HIS C 50 5.07 28.09 5.28
CA HIS C 50 4.03 28.00 4.27
C HIS C 50 3.11 29.21 4.40
N ARG C 51 2.63 29.75 3.29
CA ARG C 51 1.60 30.79 3.32
C ARG C 51 0.24 30.21 3.74
N ILE C 52 -0.19 30.55 4.97
CA ILE C 52 -1.43 30.06 5.54
C ILE C 52 -2.51 31.13 5.33
N LEU C 53 -3.63 30.75 4.73
CA LEU C 53 -4.77 31.65 4.58
C LEU C 53 -5.90 31.10 5.42
N ASP C 54 -6.25 31.87 6.44
CA ASP C 54 -7.35 31.55 7.33
C ASP C 54 -8.65 31.92 6.66
N GLY C 55 -9.51 30.93 6.46
CA GLY C 55 -10.83 31.16 5.86
C GLY C 55 -11.80 31.93 6.75
N ILE C 56 -11.55 31.90 8.06
CA ILE C 56 -12.40 32.55 9.06
C ILE C 56 -13.86 32.07 8.90
N ASP C 57 -14.74 32.91 8.35
CA ASP C 57 -16.17 32.62 8.19
C ASP C 57 -16.51 32.08 6.81
N CYS C 58 -15.49 31.75 6.01
CA CYS C 58 -15.71 31.41 4.61
C CYS C 58 -15.08 30.09 4.24
N THR C 59 -15.85 29.26 3.54
CA THR C 59 -15.30 28.11 2.84
C THR C 59 -14.59 28.63 1.61
N LEU C 60 -13.67 27.81 1.11
CA LEU C 60 -13.00 28.14 -0.16
C LEU C 60 -14.00 28.36 -1.29
N ILE C 61 -15.03 27.52 -1.34
CA ILE C 61 -16.04 27.65 -2.39
C ILE C 61 -16.80 29.01 -2.29
N ASP C 62 -17.15 29.43 -1.08
CA ASP C 62 -17.84 30.73 -0.94
C ASP C 62 -16.92 31.92 -1.31
N ALA C 63 -15.63 31.78 -1.05
CA ALA C 63 -14.66 32.77 -1.44
C ALA C 63 -14.51 32.79 -2.95
N LEU C 64 -14.56 31.60 -3.55
CA LEU C 64 -14.50 31.47 -5.02
C LEU C 64 -15.72 32.11 -5.69
N LEU C 65 -16.92 31.74 -5.25
CA LEU C 65 -18.13 32.26 -5.88
C LEU C 65 -18.28 33.76 -5.67
N GLY C 66 -17.84 34.23 -4.51
CA GLY C 66 -17.94 35.65 -4.16
C GLY C 66 -19.19 35.98 -3.37
N ASP C 67 -19.51 35.13 -2.40
CA ASP C 67 -20.44 35.43 -1.30
C ASP C 67 -19.96 36.78 -0.68
N PRO C 68 -20.86 37.79 -0.51
CA PRO C 68 -20.40 39.11 -0.09
C PRO C 68 -19.52 39.15 1.17
N HIS C 69 -19.86 38.39 2.22
CA HIS C 69 -19.01 38.35 3.44
C HIS C 69 -17.64 37.70 3.21
N CYS C 70 -17.42 37.12 2.02
CA CYS C 70 -16.14 36.56 1.63
C CYS C 70 -15.43 37.40 0.55
N ASP C 71 -15.94 38.60 0.27
CA ASP C 71 -15.31 39.52 -0.69
C ASP C 71 -13.85 39.80 -0.36
N VAL C 72 -13.49 39.84 0.92
CA VAL C 72 -12.09 40.07 1.33
C VAL C 72 -11.11 39.02 0.77
N PHE C 73 -11.60 37.87 0.34
CA PHE C 73 -10.74 36.84 -0.24
C PHE C 73 -10.49 36.97 -1.77
N GLN C 74 -11.08 37.96 -2.42
CA GLN C 74 -10.86 38.18 -3.85
C GLN C 74 -9.36 38.19 -4.19
N ASN C 75 -9.01 37.44 -5.22
CA ASN C 75 -7.64 37.34 -5.70
C ASN C 75 -6.61 36.86 -4.67
N GLU C 76 -7.05 36.25 -3.57
CA GLU C 76 -6.10 35.76 -2.55
C GLU C 76 -5.32 34.58 -3.06
N THR C 77 -4.20 34.29 -2.40
CA THR C 77 -3.38 33.11 -2.70
C THR C 77 -3.03 32.39 -1.40
N TRP C 78 -2.56 31.14 -1.52
CA TRP C 78 -2.20 30.34 -0.37
C TRP C 78 -1.33 29.14 -0.76
N ASP C 79 -0.57 28.66 0.22
CA ASP C 79 -0.05 27.31 0.22
C ASP C 79 -1.06 26.39 0.91
N LEU C 80 -1.60 26.81 2.05
CA LEU C 80 -2.62 26.04 2.74
C LEU C 80 -3.79 26.95 3.09
N PHE C 81 -4.96 26.65 2.53
CA PHE C 81 -6.21 27.30 2.89
C PHE C 81 -6.79 26.53 4.07
N VAL C 82 -7.11 27.24 5.16
CA VAL C 82 -7.66 26.63 6.35
C VAL C 82 -9.15 26.94 6.51
N GLU C 83 -10.01 25.92 6.43
CA GLU C 83 -11.44 26.09 6.60
C GLU C 83 -11.83 25.79 8.02
N ARG C 84 -12.62 26.70 8.60
CA ARG C 84 -13.02 26.65 10.00
C ARG C 84 -14.41 26.08 10.11
N SER C 85 -14.67 25.36 11.19
CA SER C 85 -15.98 24.73 11.40
C SER C 85 -17.10 25.78 11.58
N LYS C 86 -16.75 27.01 11.97
CA LYS C 86 -17.71 28.14 12.06
C LYS C 86 -18.08 28.78 10.70
N ALA C 87 -17.49 28.34 9.59
CA ALA C 87 -17.81 28.97 8.30
C ALA C 87 -19.29 28.82 7.98
N PHE C 88 -19.85 29.83 7.30
CA PHE C 88 -21.25 29.81 6.89
C PHE C 88 -21.41 30.46 5.54
N SER C 89 -22.46 30.06 4.82
CA SER C 89 -22.86 30.69 3.55
C SER C 89 -23.89 31.76 3.84
N ASN C 90 -23.89 32.83 3.07
CA ASN C 90 -24.85 33.93 3.30
C ASN C 90 -25.27 34.65 2.02
N CYS C 91 -25.48 33.88 0.97
CA CYS C 91 -25.84 34.42 -0.33
C CYS C 91 -26.98 33.53 -0.87
N TYR C 92 -27.17 33.47 -2.18
CA TYR C 92 -28.29 32.67 -2.74
C TYR C 92 -28.05 31.19 -2.45
N PRO C 93 -29.09 30.45 -2.08
CA PRO C 93 -28.86 29.05 -1.78
C PRO C 93 -28.41 28.27 -3.02
N TYR C 94 -27.43 27.40 -2.83
CA TYR C 94 -26.79 26.73 -3.95
C TYR C 94 -26.32 25.35 -3.57
N ASP C 95 -26.04 24.54 -4.59
CA ASP C 95 -25.27 23.33 -4.42
C ASP C 95 -24.25 23.21 -5.55
N VAL C 96 -23.28 22.34 -5.33
CA VAL C 96 -22.26 22.04 -6.31
C VAL C 96 -22.25 20.53 -6.47
N PRO C 97 -22.82 20.02 -7.58
CA PRO C 97 -22.61 18.59 -7.85
C PRO C 97 -21.11 18.36 -7.99
N ASP C 98 -20.60 17.37 -7.30
CA ASP C 98 -19.15 17.20 -7.21
C ASP C 98 -18.43 18.41 -6.57
N TYR C 99 -19.05 18.92 -5.50
CA TYR C 99 -18.45 19.89 -4.58
C TYR C 99 -17.00 19.53 -4.26
N ALA C 100 -16.78 18.30 -3.85
CA ALA C 100 -15.46 17.86 -3.41
C ALA C 100 -14.39 18.08 -4.48
N SER C 101 -14.74 17.80 -5.75
CA SER C 101 -13.78 17.98 -6.84
C SER C 101 -13.47 19.46 -7.10
N LEU C 102 -14.49 20.31 -7.10
CA LEU C 102 -14.25 21.73 -7.34
C LEU C 102 -13.40 22.32 -6.21
N ARG C 103 -13.74 21.98 -4.98
CA ARG C 103 -12.95 22.38 -3.84
C ARG C 103 -11.50 21.90 -3.95
N SER C 104 -11.31 20.64 -4.36
CA SER C 104 -9.97 20.10 -4.49
C SER C 104 -9.14 20.83 -5.56
N LEU C 105 -9.71 20.99 -6.75
CA LEU C 105 -8.96 21.56 -7.84
C LEU C 105 -8.64 23.04 -7.56
N VAL C 106 -9.54 23.78 -6.91
CA VAL C 106 -9.24 25.18 -6.56
C VAL C 106 -8.18 25.21 -5.47
N ALA C 107 -8.35 24.40 -4.43
CA ALA C 107 -7.40 24.32 -3.34
C ALA C 107 -5.99 24.06 -3.86
N SER C 108 -5.90 23.13 -4.79
CA SER C 108 -4.64 22.72 -5.38
C SER C 108 -4.01 23.79 -6.31
N SER C 109 -4.85 24.60 -6.95
CA SER C 109 -4.37 25.71 -7.75
C SER C 109 -3.75 26.85 -6.91
N GLY C 110 -4.24 27.07 -5.70
CA GLY C 110 -3.61 27.98 -4.77
C GLY C 110 -3.88 29.45 -4.96
N THR C 111 -4.83 29.79 -5.82
CA THR C 111 -5.16 31.18 -6.12
C THR C 111 -6.63 31.34 -6.47
N LEU C 112 -7.18 32.51 -6.16
CA LEU C 112 -8.49 32.95 -6.65
C LEU C 112 -8.39 34.11 -7.64
N GLU C 113 -7.21 34.31 -8.25
CA GLU C 113 -7.00 35.39 -9.19
C GLU C 113 -8.02 35.31 -10.32
N PHE C 114 -8.80 36.39 -10.49
CA PHE C 114 -9.91 36.44 -11.41
C PHE C 114 -9.72 37.50 -12.48
N ILE C 115 -9.94 37.11 -13.74
CA ILE C 115 -9.77 37.97 -14.90
C ILE C 115 -11.13 38.10 -15.56
N THR C 116 -11.62 39.32 -15.61
CA THR C 116 -12.92 39.62 -16.19
C THR C 116 -12.80 39.55 -17.71
N GLU C 117 -13.80 38.96 -18.37
CA GLU C 117 -13.86 38.89 -19.82
C GLU C 117 -15.15 39.56 -20.32
N GLY C 118 -15.10 40.15 -21.50
CA GLY C 118 -16.22 40.90 -22.04
C GLY C 118 -17.24 40.05 -22.78
N PHE C 119 -17.96 39.20 -22.05
CA PHE C 119 -19.06 38.44 -22.62
C PHE C 119 -20.19 39.36 -23.05
N THR C 120 -20.78 39.08 -24.21
CA THR C 120 -21.90 39.88 -24.75
C THR C 120 -23.18 39.07 -24.65
N TRP C 121 -24.08 39.47 -23.75
CA TRP C 121 -25.34 38.78 -23.53
C TRP C 121 -26.45 39.62 -24.15
N THR C 122 -26.68 39.41 -25.44
CA THR C 122 -27.61 40.24 -26.21
C THR C 122 -29.07 39.86 -25.90
N GLY C 123 -29.85 40.87 -25.51
CA GLY C 123 -31.29 40.72 -25.34
C GLY C 123 -31.74 40.19 -23.99
N VAL C 124 -30.88 40.24 -22.98
CA VAL C 124 -31.24 39.85 -21.61
C VAL C 124 -30.84 40.94 -20.64
N THR C 125 -31.46 40.89 -19.46
CA THR C 125 -31.12 41.77 -18.34
C THR C 125 -29.99 41.11 -17.56
N GLN C 126 -28.96 41.89 -17.23
CA GLN C 126 -27.80 41.41 -16.49
C GLN C 126 -27.85 41.82 -15.04
N ASN C 127 -26.92 41.27 -14.25
CA ASN C 127 -26.69 41.68 -12.86
C ASN C 127 -27.87 41.48 -11.90
N GLY C 128 -28.67 40.44 -12.15
CA GLY C 128 -29.72 40.05 -11.22
C GLY C 128 -29.19 39.80 -9.82
N GLY C 129 -30.00 40.12 -8.82
CA GLY C 129 -29.64 39.93 -7.41
C GLY C 129 -30.81 39.44 -6.58
N SER C 130 -30.58 39.25 -5.29
CA SER C 130 -31.60 38.76 -4.38
C SER C 130 -31.36 39.29 -2.98
N ASN C 131 -32.44 39.44 -2.21
CA ASN C 131 -32.35 39.76 -0.79
C ASN C 131 -31.75 38.64 0.04
N ALA C 132 -31.66 37.44 -0.52
CA ALA C 132 -30.88 36.36 0.07
C ALA C 132 -29.36 36.62 0.11
N CYS C 133 -28.91 37.61 -0.66
CA CYS C 133 -27.48 37.88 -0.83
C CYS C 133 -27.20 39.40 -0.86
N LYS C 134 -27.39 40.05 0.27
CA LYS C 134 -27.31 41.50 0.38
C LYS C 134 -25.91 42.06 0.17
N ARG C 135 -25.87 43.17 -0.54
CA ARG C 135 -24.67 43.96 -0.80
C ARG C 135 -25.08 45.38 -0.50
N GLY C 136 -24.50 46.01 0.52
CA GLY C 136 -24.91 47.38 0.87
C GLY C 136 -26.38 47.43 1.24
N PRO C 137 -27.11 48.48 0.81
CA PRO C 137 -28.52 48.60 1.17
C PRO C 137 -29.45 47.69 0.36
N GLY C 138 -29.01 47.22 -0.81
CA GLY C 138 -29.86 46.48 -1.71
C GLY C 138 -29.59 44.99 -1.79
N SER C 139 -30.34 44.39 -2.69
CA SER C 139 -30.17 43.02 -3.05
C SER C 139 -28.87 42.89 -3.84
N GLY C 140 -28.29 41.71 -3.82
CA GLY C 140 -27.01 41.46 -4.48
C GLY C 140 -26.84 40.01 -4.88
N PHE C 141 -25.61 39.63 -5.20
CA PHE C 141 -25.34 38.30 -5.75
C PHE C 141 -23.86 37.98 -5.62
N PHE C 142 -23.55 36.71 -5.89
CA PHE C 142 -22.15 36.26 -5.98
C PHE C 142 -21.42 37.20 -6.93
N SER C 143 -20.28 37.74 -6.48
CA SER C 143 -19.53 38.71 -7.27
C SER C 143 -19.06 38.19 -8.63
N ARG C 144 -18.73 36.91 -8.72
CA ARG C 144 -18.15 36.34 -9.97
C ARG C 144 -19.17 35.73 -10.92
N LEU C 145 -20.45 35.80 -10.57
CA LEU C 145 -21.51 35.28 -11.40
C LEU C 145 -22.46 36.39 -11.80
N ASN C 146 -23.11 36.20 -12.96
CA ASN C 146 -23.94 37.19 -13.58
C ASN C 146 -25.31 36.56 -13.84
N TRP C 147 -26.29 36.96 -13.03
CA TRP C 147 -27.62 36.38 -13.13
C TRP C 147 -28.39 37.05 -14.28
N LEU C 148 -28.63 36.29 -15.34
CA LEU C 148 -29.33 36.79 -16.52
C LEU C 148 -30.83 36.48 -16.46
N THR C 149 -31.64 37.47 -16.80
CA THR C 149 -33.10 37.30 -16.92
C THR C 149 -33.58 38.03 -18.17
N LYS C 150 -34.87 37.87 -18.49
CA LYS C 150 -35.44 38.49 -19.68
C LYS C 150 -35.27 40.00 -19.73
N SER C 151 -35.22 40.51 -20.96
CA SER C 151 -35.29 41.95 -21.26
C SER C 151 -36.60 42.16 -22.01
N GLY C 152 -37.43 43.08 -21.52
CA GLY C 152 -38.78 43.26 -22.06
C GLY C 152 -39.60 41.99 -21.80
N SER C 153 -40.04 41.34 -22.87
CA SER C 153 -40.85 40.13 -22.76
C SER C 153 -40.21 38.91 -23.44
N THR C 154 -38.91 38.98 -23.71
CA THR C 154 -38.20 37.91 -24.42
C THR C 154 -36.86 37.56 -23.75
N TYR C 155 -36.50 36.28 -23.87
CA TYR C 155 -35.18 35.76 -23.50
C TYR C 155 -34.74 34.95 -24.72
N PRO C 156 -33.86 35.53 -25.56
CA PRO C 156 -33.50 34.83 -26.79
C PRO C 156 -32.48 33.75 -26.50
N VAL C 157 -32.14 32.97 -27.51
CA VAL C 157 -31.08 32.00 -27.41
C VAL C 157 -29.76 32.76 -27.24
N LEU C 158 -29.09 32.54 -26.12
CA LEU C 158 -27.77 33.12 -25.90
C LEU C 158 -26.73 32.17 -26.46
N ASN C 159 -25.78 32.73 -27.17
CA ASN C 159 -24.78 31.96 -27.87
C ASN C 159 -23.49 32.77 -27.97
N VAL C 160 -22.52 32.45 -27.12
CA VAL C 160 -21.27 33.22 -27.02
C VAL C 160 -20.05 32.31 -26.97
N THR C 161 -18.90 32.89 -27.34
CA THR C 161 -17.62 32.22 -27.25
C THR C 161 -16.57 33.04 -26.65
N MET C 162 -15.56 32.36 -26.11
CA MET C 162 -14.38 32.98 -25.59
C MET C 162 -13.21 32.01 -25.84
N PRO C 163 -12.30 32.37 -26.76
CA PRO C 163 -11.15 31.49 -26.99
C PRO C 163 -10.09 31.67 -25.91
N ASN C 164 -9.31 30.63 -25.63
CA ASN C 164 -8.16 30.77 -24.75
C ASN C 164 -6.91 30.90 -25.59
N ASN C 165 -6.46 32.14 -25.73
CA ASN C 165 -5.24 32.44 -26.46
C ASN C 165 -4.07 32.74 -25.54
N ASP C 166 -4.22 32.44 -24.26
CA ASP C 166 -3.12 32.53 -23.30
C ASP C 166 -2.37 31.20 -23.26
N ASN C 167 -1.29 31.15 -22.48
CA ASN C 167 -0.53 29.92 -22.27
C ASN C 167 -0.75 29.28 -20.90
N PHE C 168 -1.89 29.59 -20.28
CA PHE C 168 -2.29 28.98 -19.01
C PHE C 168 -3.72 28.48 -19.14
N ASP C 169 -4.12 27.60 -18.23
CA ASP C 169 -5.50 27.11 -18.18
C ASP C 169 -6.43 28.14 -17.56
N LYS C 170 -7.64 28.23 -18.10
CA LYS C 170 -8.69 29.06 -17.54
C LYS C 170 -9.70 28.18 -16.84
N LEU C 171 -10.12 28.59 -15.63
CA LEU C 171 -11.24 27.95 -14.94
C LEU C 171 -12.45 28.87 -14.99
N TYR C 172 -13.53 28.40 -15.60
CA TYR C 172 -14.78 29.12 -15.63
C TYR C 172 -15.77 28.50 -14.66
N ILE C 173 -16.34 29.35 -13.81
CA ILE C 173 -17.40 28.97 -12.87
C ILE C 173 -18.70 29.54 -13.38
N TRP C 174 -19.70 28.69 -13.48
CA TRP C 174 -20.98 29.08 -13.99
C TRP C 174 -22.05 28.28 -13.27
N GLY C 175 -23.30 28.56 -13.56
CA GLY C 175 -24.38 27.86 -12.89
C GLY C 175 -25.67 27.84 -13.64
N VAL C 176 -26.65 27.18 -13.02
CA VAL C 176 -27.99 27.02 -13.53
C VAL C 176 -28.97 27.32 -12.40
N HIS C 177 -29.99 28.12 -12.70
CA HIS C 177 -31.01 28.46 -11.72
C HIS C 177 -32.19 27.47 -11.80
N HIS C 178 -32.58 26.97 -10.64
CA HIS C 178 -33.67 26.01 -10.48
C HIS C 178 -34.82 26.71 -9.80
N PRO C 179 -35.84 27.16 -10.57
CA PRO C 179 -36.95 27.85 -9.92
C PRO C 179 -37.85 26.90 -9.11
N SER C 180 -38.62 27.45 -8.18
CA SER C 180 -39.60 26.66 -7.41
C SER C 180 -40.92 26.40 -8.13
N THR C 181 -41.34 27.31 -9.01
CA THR C 181 -42.64 27.19 -9.71
C THR C 181 -42.51 27.51 -11.21
N ASN C 182 -43.48 27.00 -11.99
CA ASN C 182 -43.56 27.31 -13.42
C ASN C 182 -43.77 28.79 -13.67
N GLN C 183 -44.53 29.43 -12.78
CA GLN C 183 -44.76 30.87 -12.83
C GLN C 183 -43.42 31.62 -12.73
N GLU C 184 -42.54 31.17 -11.82
CA GLU C 184 -41.22 31.78 -11.64
C GLU C 184 -40.35 31.60 -12.89
N GLN C 185 -40.31 30.36 -13.39
CA GLN C 185 -39.60 30.01 -14.63
C GLN C 185 -39.99 30.94 -15.77
N THR C 186 -41.28 31.07 -16.04
CA THR C 186 -41.75 31.85 -17.20
C THR C 186 -41.56 33.34 -16.98
N SER C 187 -41.82 33.79 -15.76
CA SER C 187 -41.65 35.20 -15.39
C SER C 187 -40.21 35.68 -15.58
N LEU C 188 -39.23 34.86 -15.19
CA LEU C 188 -37.81 35.20 -15.33
C LEU C 188 -37.22 34.92 -16.70
N TYR C 189 -37.57 33.77 -17.31
CA TYR C 189 -36.88 33.30 -18.53
C TYR C 189 -37.76 33.07 -19.76
N VAL C 190 -39.06 33.40 -19.67
CA VAL C 190 -40.03 33.28 -20.77
C VAL C 190 -40.32 31.82 -21.17
N GLN C 191 -39.31 31.14 -21.69
CA GLN C 191 -39.43 29.73 -22.07
C GLN C 191 -39.81 28.91 -20.84
N ALA C 192 -40.68 27.92 -21.04
CA ALA C 192 -41.21 27.09 -19.95
C ALA C 192 -40.17 26.10 -19.42
N SER C 193 -39.17 25.81 -20.23
CA SER C 193 -38.07 24.96 -19.83
C SER C 193 -36.76 25.50 -20.40
N GLY C 194 -35.82 25.82 -19.52
CA GLY C 194 -34.53 26.33 -19.93
C GLY C 194 -33.53 25.24 -20.24
N ARG C 195 -32.30 25.68 -20.49
CA ARG C 195 -31.25 24.79 -20.93
C ARG C 195 -29.94 25.54 -20.87
N VAL C 196 -28.90 24.89 -20.38
CA VAL C 196 -27.56 25.46 -20.40
C VAL C 196 -26.57 24.43 -20.94
N THR C 197 -25.92 24.77 -22.05
CA THR C 197 -24.90 23.95 -22.66
C THR C 197 -23.62 24.74 -22.70
N VAL C 198 -22.61 24.22 -22.01
CA VAL C 198 -21.28 24.81 -21.97
C VAL C 198 -20.31 23.78 -22.51
N SER C 199 -19.48 24.18 -23.47
CA SER C 199 -18.62 23.24 -24.17
C SER C 199 -17.27 23.80 -24.59
N THR C 200 -16.33 22.87 -24.80
CA THR C 200 -15.04 23.14 -25.44
C THR C 200 -14.98 22.25 -26.68
N ARG C 201 -13.85 22.20 -27.36
CA ARG C 201 -13.77 21.38 -28.58
C ARG C 201 -14.16 19.91 -28.41
N ARG C 202 -13.70 19.32 -27.32
CA ARG C 202 -13.77 17.86 -27.08
C ARG C 202 -14.84 17.43 -26.09
N SER C 203 -15.29 18.34 -25.24
CA SER C 203 -16.20 17.97 -24.16
C SER C 203 -17.29 18.98 -23.96
N GLN C 204 -18.36 18.55 -23.30
CA GLN C 204 -19.57 19.36 -23.17
C GLN C 204 -20.32 18.95 -21.91
N GLN C 205 -21.01 19.92 -21.32
CA GLN C 205 -21.90 19.68 -20.20
C GLN C 205 -23.22 20.30 -20.60
N THR C 206 -24.30 19.57 -20.53
CA THR C 206 -25.61 20.18 -20.74
C THR C 206 -26.53 19.89 -19.57
N ILE C 207 -27.10 20.96 -19.00
CA ILE C 207 -27.86 20.88 -17.76
C ILE C 207 -29.25 21.40 -18.07
N ILE C 208 -30.26 20.63 -17.63
CA ILE C 208 -31.66 21.05 -17.72
C ILE C 208 -32.03 21.52 -16.30
N PRO C 209 -32.65 22.69 -16.18
CA PRO C 209 -33.14 23.09 -14.87
C PRO C 209 -34.32 22.24 -14.42
N ASN C 210 -34.37 22.00 -13.12
CA ASN C 210 -35.48 21.36 -12.47
C ASN C 210 -36.35 22.33 -11.66
N ILE C 211 -37.65 22.33 -11.94
CA ILE C 211 -38.59 23.21 -11.27
C ILE C 211 -39.23 22.46 -10.11
N GLY C 212 -39.32 23.12 -8.95
CA GLY C 212 -39.92 22.50 -7.76
C GLY C 212 -39.57 23.16 -6.44
N SER C 213 -40.47 23.02 -5.45
CA SER C 213 -40.27 23.65 -4.14
C SER C 213 -39.29 22.81 -3.32
N ARG C 214 -38.40 23.52 -2.64
CA ARG C 214 -37.35 22.99 -1.80
C ARG C 214 -37.47 23.71 -0.46
N PRO C 215 -36.79 23.25 0.60
CA PRO C 215 -36.88 23.99 1.84
C PRO C 215 -36.35 25.42 1.69
N TRP C 216 -37.00 26.32 2.41
CA TRP C 216 -36.66 27.73 2.42
C TRP C 216 -35.27 27.88 3.11
N VAL C 217 -34.34 28.48 2.38
CA VAL C 217 -33.02 28.80 2.93
C VAL C 217 -32.75 30.24 2.56
N ARG C 218 -32.43 31.04 3.57
CA ARG C 218 -32.14 32.45 3.38
C ARG C 218 -33.14 33.08 2.39
N GLN C 219 -34.44 32.84 2.62
CA GLN C 219 -35.58 33.41 1.87
C GLN C 219 -35.98 32.85 0.50
N ALA C 220 -35.30 31.82 0.00
CA ALA C 220 -35.66 31.25 -1.31
C ALA C 220 -35.90 29.76 -1.17
N SER C 221 -36.94 29.31 -1.85
CA SER C 221 -37.15 27.89 -2.10
C SER C 221 -36.41 27.49 -3.38
N SER C 222 -35.94 28.45 -4.16
CA SER C 222 -35.20 28.15 -5.37
C SER C 222 -33.72 27.91 -5.05
N ARG C 223 -32.98 27.44 -6.06
CA ARG C 223 -31.57 27.06 -5.89
C ARG C 223 -30.77 27.40 -7.13
N ILE C 224 -29.47 27.53 -6.94
CA ILE C 224 -28.55 27.55 -8.06
C ILE C 224 -27.64 26.33 -7.96
N SER C 225 -27.39 25.65 -9.07
CA SER C 225 -26.38 24.60 -9.12
C SER C 225 -25.15 25.13 -9.83
N ILE C 226 -23.99 24.88 -9.23
CA ILE C 226 -22.72 25.40 -9.73
C ILE C 226 -21.94 24.32 -10.48
N TYR C 227 -21.43 24.70 -11.65
CA TYR C 227 -20.60 23.87 -12.51
C TYR C 227 -19.32 24.60 -12.87
N TRP C 228 -18.37 23.83 -13.42
CA TRP C 228 -17.12 24.41 -13.86
C TRP C 228 -16.63 23.78 -15.16
N THR C 229 -15.79 24.54 -15.87
CA THR C 229 -15.22 24.13 -17.13
C THR C 229 -13.83 24.69 -17.20
N ILE C 230 -12.84 23.83 -17.45
CA ILE C 230 -11.48 24.26 -17.70
C ILE C 230 -11.23 24.35 -19.20
N VAL C 231 -10.62 25.44 -19.61
CA VAL C 231 -10.28 25.65 -21.01
C VAL C 231 -8.75 25.73 -21.15
N LYS C 232 -8.17 24.79 -21.89
CA LYS C 232 -6.73 24.73 -22.09
C LYS C 232 -6.29 25.72 -23.17
N PRO C 233 -4.99 26.09 -23.17
CA PRO C 233 -4.44 26.94 -24.24
C PRO C 233 -4.74 26.36 -25.61
N GLY C 234 -5.27 27.20 -26.49
CA GLY C 234 -5.62 26.80 -27.85
C GLY C 234 -7.04 26.29 -28.00
N ASP C 235 -7.74 26.05 -26.89
CA ASP C 235 -9.13 25.59 -26.93
C ASP C 235 -10.06 26.82 -26.83
N VAL C 236 -11.37 26.59 -26.80
CA VAL C 236 -12.37 27.64 -26.89
C VAL C 236 -13.57 27.25 -26.03
N LEU C 237 -14.17 28.22 -25.35
CA LEU C 237 -15.39 28.01 -24.58
C LEU C 237 -16.56 28.45 -25.43
N VAL C 238 -17.65 27.68 -25.42
CA VAL C 238 -18.92 28.15 -25.98
C VAL C 238 -19.99 27.96 -24.91
N ILE C 239 -20.85 28.96 -24.75
CA ILE C 239 -21.99 28.91 -23.84
C ILE C 239 -23.24 29.15 -24.65
N ASN C 240 -24.20 28.26 -24.52
CA ASN C 240 -25.44 28.31 -25.26
C ASN C 240 -26.59 28.07 -24.31
N SER C 241 -27.58 28.96 -24.30
CA SER C 241 -28.69 28.84 -23.34
C SER C 241 -29.94 29.57 -23.83
N ASN C 242 -31.09 28.95 -23.64
CA ASN C 242 -32.38 29.61 -23.85
C ASN C 242 -33.10 29.87 -22.51
N GLY C 243 -32.34 29.91 -21.41
CA GLY C 243 -32.90 30.20 -20.10
C GLY C 243 -32.13 29.54 -18.98
N ASN C 244 -32.15 30.21 -17.82
CA ASN C 244 -31.68 29.71 -16.52
C ASN C 244 -30.16 29.76 -16.33
N LEU C 245 -29.45 30.35 -17.29
CA LEU C 245 -28.01 30.53 -17.19
C LEU C 245 -27.66 31.50 -16.07
N ILE C 246 -26.76 31.06 -15.20
CA ILE C 246 -26.03 31.91 -14.29
C ILE C 246 -24.64 32.01 -14.88
N ALA C 247 -24.36 33.13 -15.52
CA ALA C 247 -23.21 33.27 -16.42
C ALA C 247 -21.93 33.60 -15.68
N PRO C 248 -20.78 33.13 -16.19
CA PRO C 248 -19.50 33.57 -15.66
C PRO C 248 -19.21 35.00 -16.07
N ARG C 249 -18.47 35.73 -15.24
CA ARG C 249 -18.00 37.08 -15.60
C ARG C 249 -16.59 37.08 -16.20
N GLY C 250 -15.97 35.91 -16.27
CA GLY C 250 -14.57 35.78 -16.62
C GLY C 250 -14.08 34.44 -16.14
N TYR C 251 -12.77 34.34 -15.90
CA TYR C 251 -12.15 33.08 -15.51
C TYR C 251 -11.21 33.29 -14.36
N PHE C 252 -10.95 32.20 -13.66
CA PHE C 252 -9.92 32.13 -12.66
C PHE C 252 -8.66 31.58 -13.31
N LYS C 253 -7.54 32.18 -12.98
CA LYS C 253 -6.26 31.73 -13.44
C LYS C 253 -5.84 30.49 -12.64
N MET C 254 -5.47 29.44 -13.33
CA MET C 254 -5.05 28.21 -12.65
C MET C 254 -3.54 28.13 -12.58
N ARG C 255 -3.05 27.61 -11.46
CA ARG C 255 -1.63 27.26 -11.29
C ARG C 255 -1.52 25.79 -10.90
N THR C 256 -0.32 25.28 -10.98
CA THR C 256 0.00 23.99 -10.41
C THR C 256 1.13 24.26 -9.44
N GLY C 257 1.18 23.49 -8.37
CA GLY C 257 2.20 23.64 -7.34
C GLY C 257 1.78 22.92 -6.07
N LYS C 258 2.22 23.44 -4.93
CA LYS C 258 2.15 22.74 -3.66
C LYS C 258 0.92 23.11 -2.80
N SER C 259 -0.03 23.86 -3.36
CA SER C 259 -1.15 24.36 -2.56
C SER C 259 -2.15 23.25 -2.18
N SER C 260 -2.74 23.38 -1.02
CA SER C 260 -3.79 22.45 -0.55
C SER C 260 -4.79 23.19 0.35
N ILE C 261 -5.65 22.42 1.00
CA ILE C 261 -6.66 22.92 1.92
C ILE C 261 -6.75 21.95 3.10
N MET C 262 -7.11 22.46 4.26
CA MET C 262 -7.24 21.65 5.49
C MET C 262 -8.39 22.19 6.32
N ARG C 263 -9.18 21.29 6.91
CA ARG C 263 -10.18 21.60 7.91
C ARG C 263 -9.53 21.59 9.27
N SER C 264 -9.58 22.71 9.98
CA SER C 264 -8.97 22.82 11.30
C SER C 264 -9.52 24.03 12.02
N ASP C 265 -9.66 23.90 13.33
CA ASP C 265 -9.97 25.03 14.18
C ASP C 265 -8.76 25.48 15.02
N ALA C 266 -7.57 24.97 14.71
CA ALA C 266 -6.37 25.38 15.47
C ALA C 266 -6.03 26.85 15.15
N PRO C 267 -5.72 27.64 16.17
CA PRO C 267 -5.32 29.02 15.86
C PRO C 267 -3.97 29.10 15.14
N ILE C 268 -3.80 30.15 14.35
CA ILE C 268 -2.55 30.42 13.64
C ILE C 268 -1.66 31.26 14.53
N ASP C 269 -0.39 30.92 14.58
CA ASP C 269 0.57 31.58 15.47
C ASP C 269 1.83 31.93 14.69
N THR C 270 2.63 32.84 15.24
CA THR C 270 3.92 33.21 14.66
C THR C 270 5.02 32.24 15.12
N CYS C 271 5.40 31.34 14.24
CA CYS C 271 6.44 30.34 14.51
C CYS C 271 6.78 29.68 13.18
N ILE C 272 7.73 28.76 13.20
CA ILE C 272 8.19 28.07 12.01
C ILE C 272 8.00 26.56 12.22
N SER C 273 7.24 25.94 11.32
CA SER C 273 7.10 24.49 11.29
C SER C 273 6.78 23.98 9.88
N GLU C 274 7.60 23.06 9.39
CA GLU C 274 7.39 22.47 8.07
C GLU C 274 6.09 21.66 8.01
N CYS C 275 5.79 20.93 9.09
CA CYS C 275 4.65 20.00 9.11
C CYS C 275 3.43 20.58 9.82
N ILE C 276 2.28 20.50 9.14
CA ILE C 276 1.01 20.98 9.69
C ILE C 276 0.02 19.82 9.73
N THR C 277 -0.70 19.72 10.84
CA THR C 277 -1.82 18.81 10.99
C THR C 277 -3.01 19.65 11.45
N PRO C 278 -4.24 19.12 11.37
CA PRO C 278 -5.42 19.83 11.90
C PRO C 278 -5.35 20.14 13.41
N ASN C 279 -4.58 19.33 14.13
CA ASN C 279 -4.34 19.56 15.56
C ASN C 279 -3.37 20.70 15.81
N GLY C 280 -2.63 21.09 14.77
CA GLY C 280 -1.58 22.07 14.87
C GLY C 280 -0.32 21.56 14.21
N SER C 281 0.67 22.43 14.16
CA SER C 281 1.98 22.09 13.65
C SER C 281 2.62 21.02 14.52
N ILE C 282 3.45 20.17 13.92
CA ILE C 282 4.24 19.20 14.69
C ILE C 282 5.69 19.23 14.22
N PRO C 283 6.64 18.93 15.13
CA PRO C 283 8.02 18.77 14.68
C PRO C 283 8.16 17.59 13.72
N ASN C 284 9.16 17.64 12.88
CA ASN C 284 9.43 16.59 11.91
C ASN C 284 10.83 15.94 12.05
N ASP C 285 11.39 15.99 13.25
CA ASP C 285 12.67 15.29 13.51
C ASP C 285 12.49 13.76 13.60
N LYS C 286 11.30 13.30 13.98
CA LYS C 286 11.04 11.85 14.05
C LYS C 286 10.45 11.31 12.75
N PRO C 287 10.71 10.04 12.43
CA PRO C 287 10.22 9.49 11.15
C PRO C 287 8.73 9.13 11.14
N PHE C 288 8.13 8.94 12.31
CA PHE C 288 6.72 8.57 12.41
C PHE C 288 5.96 9.55 13.32
N GLN C 289 4.64 9.54 13.18
CA GLN C 289 3.78 10.34 14.01
C GLN C 289 2.40 9.68 14.12
N ASN C 290 1.76 9.98 15.22
CA ASN C 290 0.46 9.42 15.62
C ASN C 290 -0.53 10.56 15.91
N VAL C 291 -0.20 11.77 15.48
CA VAL C 291 -1.03 12.92 15.78
C VAL C 291 -2.27 12.92 14.88
N ASN C 292 -2.05 12.82 13.57
CA ASN C 292 -3.16 12.86 12.62
C ASN C 292 -2.70 12.36 11.28
N LYS C 293 -3.56 11.54 10.65
CA LYS C 293 -3.32 11.04 9.31
C LYS C 293 -3.44 12.15 8.26
N ILE C 294 -4.15 13.23 8.60
CA ILE C 294 -4.17 14.41 7.74
C ILE C 294 -2.96 15.26 8.06
N THR C 295 -2.07 15.43 7.08
CA THR C 295 -0.92 16.30 7.21
C THR C 295 -0.67 17.12 5.92
N TYR C 296 0.12 18.17 6.07
CA TYR C 296 0.61 19.01 4.99
C TYR C 296 2.06 19.40 5.28
N GLY C 297 2.92 19.17 4.29
CA GLY C 297 4.32 19.58 4.35
C GLY C 297 5.27 18.42 4.60
N ALA C 298 6.50 18.75 5.00
CA ALA C 298 7.51 17.73 5.29
C ALA C 298 7.20 17.13 6.66
N CYS C 299 6.56 15.96 6.67
CA CYS C 299 5.97 15.39 7.87
C CYS C 299 6.47 13.97 8.13
N PRO C 300 6.54 13.57 9.42
CA PRO C 300 6.67 12.15 9.73
C PRO C 300 5.46 11.38 9.16
N LYS C 301 5.66 10.09 8.91
CA LYS C 301 4.60 9.26 8.36
C LYS C 301 3.65 8.83 9.46
N TYR C 302 2.35 8.86 9.17
CA TYR C 302 1.35 8.45 10.15
C TYR C 302 1.37 6.93 10.42
N VAL C 303 1.40 6.57 11.69
CA VAL C 303 1.32 5.18 12.14
C VAL C 303 0.33 5.09 13.29
N LYS C 304 -0.12 3.87 13.58
CA LYS C 304 -1.07 3.63 14.67
C LYS C 304 -0.43 3.61 16.05
N GLN C 305 0.85 3.26 16.14
CA GLN C 305 1.51 3.16 17.44
C GLN C 305 1.66 4.56 18.04
N ASN C 306 1.45 4.70 19.34
CA ASN C 306 1.70 5.99 20.00
C ASN C 306 3.14 6.13 20.52
N THR C 307 3.89 5.04 20.54
CA THR C 307 5.30 5.07 20.88
C THR C 307 6.04 3.92 20.18
N LEU C 308 7.24 4.23 19.70
CA LEU C 308 8.18 3.23 19.23
C LEU C 308 9.58 3.65 19.62
N LYS C 309 10.24 2.82 20.44
CA LYS C 309 11.55 3.15 20.99
C LYS C 309 12.65 2.47 20.20
N LEU C 310 13.57 3.27 19.69
CA LEU C 310 14.78 2.77 19.05
C LEU C 310 15.86 2.72 20.14
N ALA C 311 16.37 1.52 20.41
CA ALA C 311 17.45 1.35 21.35
C ALA C 311 18.68 2.13 20.90
N THR C 312 19.25 2.90 21.82
CA THR C 312 20.48 3.65 21.59
C THR C 312 21.58 3.23 22.55
N GLY C 313 21.43 2.05 23.13
CA GLY C 313 22.42 1.50 24.03
C GLY C 313 22.31 0.01 24.20
N MET C 314 23.27 -0.55 24.92
CA MET C 314 23.30 -1.96 25.20
C MET C 314 22.21 -2.41 26.16
N ARG C 315 22.09 -3.72 26.25
CA ARG C 315 21.31 -4.41 27.28
C ARG C 315 21.70 -3.91 28.68
N ASN C 316 20.72 -3.52 29.48
CA ASN C 316 20.98 -2.99 30.83
C ASN C 316 20.85 -4.10 31.86
N VAL C 317 21.96 -4.42 32.51
CA VAL C 317 22.05 -5.49 33.50
C VAL C 317 22.57 -4.84 34.79
N PRO C 318 21.66 -4.37 35.67
CA PRO C 318 22.15 -3.59 36.83
C PRO C 318 22.79 -4.40 37.95
N GLU C 319 23.32 -3.66 38.94
CA GLU C 319 24.15 -4.13 40.06
C GLU C 319 25.61 -4.13 39.64
N GLY D 1 22.29 -11.90 24.12
CA GLY D 1 22.79 -11.66 22.74
C GLY D 1 23.56 -12.81 22.13
N LEU D 2 23.86 -12.67 20.85
CA LEU D 2 24.49 -13.74 20.07
C LEU D 2 25.87 -14.14 20.55
N PHE D 3 26.57 -13.22 21.21
CA PHE D 3 27.95 -13.45 21.64
C PHE D 3 28.11 -13.93 23.07
N GLY D 4 27.05 -13.80 23.87
CA GLY D 4 27.02 -14.38 25.21
C GLY D 4 27.88 -13.67 26.26
N ALA D 5 28.24 -12.42 26.02
CA ALA D 5 29.03 -11.66 26.99
C ALA D 5 28.11 -10.84 27.89
N ILE D 6 27.45 -9.84 27.29
CA ILE D 6 26.54 -8.97 28.04
C ILE D 6 25.31 -9.79 28.41
N ALA D 7 24.96 -9.77 29.68
CA ALA D 7 23.94 -10.68 30.25
C ALA D 7 24.28 -12.14 29.96
N GLY D 8 25.57 -12.45 29.93
CA GLY D 8 26.05 -13.78 29.63
C GLY D 8 27.14 -14.14 30.63
N PHE D 9 28.36 -14.38 30.12
CA PHE D 9 29.48 -14.74 31.02
C PHE D 9 29.95 -13.55 31.87
N ILE D 10 29.60 -12.33 31.49
CA ILE D 10 29.74 -11.17 32.38
C ILE D 10 28.41 -11.02 33.11
N GLU D 11 28.46 -11.28 34.42
CA GLU D 11 27.25 -11.37 35.26
C GLU D 11 26.39 -10.13 35.19
N ASN D 12 27.01 -8.96 35.25
CA ASN D 12 26.26 -7.72 35.22
C ASN D 12 27.11 -6.53 34.82
N GLY D 13 26.43 -5.41 34.63
CA GLY D 13 27.07 -4.14 34.32
C GLY D 13 27.56 -3.41 35.56
N TRP D 14 28.29 -2.32 35.31
CA TRP D 14 28.87 -1.48 36.34
C TRP D 14 28.17 -0.12 36.32
N GLU D 15 27.34 0.14 37.32
CA GLU D 15 26.71 1.46 37.47
C GLU D 15 27.75 2.55 37.72
N GLY D 16 28.83 2.18 38.38
CA GLY D 16 29.95 3.09 38.66
C GLY D 16 30.72 3.59 37.46
N MET D 17 30.68 2.87 36.33
CA MET D 17 31.40 3.33 35.14
C MET D 17 30.59 4.36 34.36
N ILE D 18 30.93 5.62 34.53
CA ILE D 18 30.21 6.75 33.92
C ILE D 18 30.97 7.46 32.79
N ASP D 19 32.23 7.08 32.57
CA ASP D 19 33.08 7.73 31.55
C ASP D 19 33.30 6.85 30.31
N GLY D 20 32.55 5.75 30.21
CA GLY D 20 32.63 4.86 29.07
C GLY D 20 31.57 3.78 29.12
N TRP D 21 31.47 3.04 28.02
CA TRP D 21 30.49 1.96 27.86
C TRP D 21 31.08 0.60 28.21
N TYR D 22 32.36 0.42 27.88
CA TYR D 22 33.12 -0.78 28.22
C TYR D 22 34.39 -0.34 28.92
N GLY D 23 34.92 -1.19 29.81
CA GLY D 23 36.21 -0.93 30.43
C GLY D 23 36.78 -2.00 31.34
N PHE D 24 37.74 -1.57 32.17
CA PHE D 24 38.57 -2.45 32.98
C PHE D 24 38.42 -2.18 34.48
N ARG D 25 38.32 -3.25 35.26
CA ARG D 25 38.54 -3.21 36.70
C ARG D 25 39.67 -4.17 37.08
N HIS D 26 40.56 -3.72 37.97
CA HIS D 26 41.74 -4.50 38.36
C HIS D 26 41.94 -4.56 39.86
N GLN D 27 42.55 -5.64 40.32
CA GLN D 27 43.11 -5.73 41.67
C GLN D 27 44.57 -6.19 41.55
N ASN D 28 45.49 -5.43 42.13
CA ASN D 28 46.91 -5.79 42.16
C ASN D 28 47.50 -5.49 43.54
N SER D 29 48.83 -5.61 43.67
CA SER D 29 49.59 -5.18 44.86
C SER D 29 49.16 -3.80 45.40
N GLU D 30 49.05 -2.82 44.50
CA GLU D 30 48.78 -1.41 44.86
C GLU D 30 47.30 -1.06 45.15
N GLY D 31 46.38 -2.02 45.05
CA GLY D 31 44.95 -1.80 45.34
C GLY D 31 44.06 -2.03 44.13
N THR D 32 42.86 -1.45 44.16
CA THR D 32 41.88 -1.59 43.06
C THR D 32 41.62 -0.27 42.34
N GLY D 33 41.11 -0.39 41.12
CA GLY D 33 40.82 0.76 40.27
C GLY D 33 40.04 0.43 39.01
N GLN D 34 39.53 1.47 38.36
CA GLN D 34 38.63 1.35 37.22
C GLN D 34 39.00 2.34 36.12
N ALA D 35 38.91 1.90 34.86
CA ALA D 35 39.10 2.80 33.71
C ALA D 35 38.25 2.38 32.50
N ALA D 36 37.71 3.38 31.80
CA ALA D 36 36.96 3.15 30.56
C ALA D 36 37.89 2.78 29.41
N ASP D 37 37.45 1.90 28.52
CA ASP D 37 38.11 1.68 27.23
C ASP D 37 37.39 2.54 26.18
N LEU D 38 38.14 3.46 25.60
CA LEU D 38 37.60 4.46 24.68
C LEU D 38 37.29 3.90 23.31
N LYS D 39 38.16 3.06 22.78
CA LYS D 39 38.05 2.55 21.42
C LYS D 39 36.79 1.70 21.20
N SER D 40 36.58 0.75 22.12
CA SER D 40 35.40 -0.10 22.07
C SER D 40 34.12 0.73 22.32
N THR D 41 34.17 1.64 23.28
CA THR D 41 33.07 2.55 23.57
C THR D 41 32.67 3.35 22.32
N GLN D 42 33.67 3.90 21.65
CA GLN D 42 33.42 4.71 20.47
C GLN D 42 32.90 3.89 19.28
N ALA D 43 33.37 2.65 19.14
CA ALA D 43 32.90 1.77 18.08
C ALA D 43 31.40 1.46 18.20
N ALA D 44 30.94 1.21 19.41
CA ALA D 44 29.52 0.99 19.66
C ALA D 44 28.73 2.27 19.38
N ILE D 45 29.19 3.39 19.93
CA ILE D 45 28.51 4.68 19.75
C ILE D 45 28.45 5.10 18.27
N ASP D 46 29.56 4.97 17.55
CA ASP D 46 29.57 5.32 16.12
C ASP D 46 28.58 4.50 15.32
N GLN D 47 28.51 3.21 15.61
CA GLN D 47 27.58 2.32 14.92
C GLN D 47 26.11 2.67 15.25
N ILE D 48 25.85 3.04 16.50
CA ILE D 48 24.51 3.42 16.91
C ILE D 48 24.11 4.77 16.34
N ASN D 49 25.03 5.74 16.37
CA ASN D 49 24.82 7.02 15.69
C ASN D 49 24.51 6.81 14.21
N GLY D 50 25.29 5.95 13.57
CA GLY D 50 25.07 5.60 12.17
C GLY D 50 23.65 5.14 11.90
N LYS D 51 23.17 4.16 12.66
CA LYS D 51 21.81 3.67 12.45
C LYS D 51 20.74 4.71 12.83
N LEU D 52 20.99 5.48 13.88
CA LEU D 52 20.08 6.55 14.27
C LEU D 52 19.89 7.56 13.12
N ASN D 53 21.00 8.02 12.53
CA ASN D 53 20.93 8.99 11.44
C ASN D 53 20.27 8.42 10.17
N ARG D 54 20.42 7.12 9.93
CA ARG D 54 19.71 6.48 8.81
C ARG D 54 18.20 6.44 9.03
N VAL D 55 17.79 6.14 10.25
CA VAL D 55 16.39 6.02 10.62
C VAL D 55 15.65 7.37 10.62
N ILE D 56 16.27 8.41 11.15
CA ILE D 56 15.63 9.75 11.21
C ILE D 56 15.86 10.60 9.95
N GLU D 57 16.35 9.97 8.88
CA GLU D 57 16.61 10.59 7.60
C GLU D 57 15.26 10.97 6.96
N LYS D 58 14.95 12.27 6.97
CA LYS D 58 13.69 12.80 6.38
C LYS D 58 13.39 12.27 4.97
N THR D 59 12.40 11.37 4.85
CA THR D 59 12.09 10.71 3.56
C THR D 59 11.00 11.43 2.74
N ASN D 60 10.03 12.10 3.38
CA ASN D 60 8.84 12.54 2.63
C ASN D 60 8.21 13.90 2.93
N GLU D 61 7.73 14.49 1.85
CA GLU D 61 7.08 15.77 1.84
C GLU D 61 5.88 15.65 0.88
N LYS D 62 4.70 15.88 1.42
CA LYS D 62 3.44 15.71 0.70
C LYS D 62 2.60 16.95 0.85
N PHE D 63 1.87 17.31 -0.20
CA PHE D 63 1.09 18.52 -0.24
C PHE D 63 -0.39 18.17 -0.41
N HIS D 64 -0.98 18.42 -1.57
CA HIS D 64 -2.37 18.03 -1.79
C HIS D 64 -2.51 16.52 -1.97
N GLN D 65 -3.40 15.91 -1.20
CA GLN D 65 -3.56 14.46 -1.12
C GLN D 65 -5.05 14.14 -1.32
N ILE D 66 -5.57 13.12 -0.65
CA ILE D 66 -7.00 12.84 -0.65
C ILE D 66 -7.57 13.26 0.70
N GLU D 67 -8.87 13.48 0.71
CA GLU D 67 -9.60 13.70 1.96
C GLU D 67 -9.63 12.39 2.75
N LYS D 68 -9.63 12.53 4.07
CA LYS D 68 -9.53 11.39 5.00
C LYS D 68 -10.58 11.37 6.10
N GLU D 69 -11.38 12.44 6.18
CA GLU D 69 -12.53 12.55 7.04
C GLU D 69 -13.66 13.09 6.21
N PHE D 70 -14.88 12.69 6.55
CA PHE D 70 -16.05 12.96 5.71
C PHE D 70 -17.23 13.29 6.59
N SER D 71 -17.96 14.34 6.24
CA SER D 71 -19.11 14.78 7.03
C SER D 71 -20.41 14.11 6.58
N GLU D 72 -20.45 13.53 5.38
CA GLU D 72 -21.65 12.86 4.85
C GLU D 72 -21.36 11.41 4.41
N VAL D 73 -22.39 10.59 4.48
CA VAL D 73 -22.39 9.24 3.95
C VAL D 73 -22.48 9.34 2.42
N GLU D 74 -21.56 8.67 1.72
CA GLU D 74 -21.59 8.65 0.25
C GLU D 74 -21.59 7.28 -0.42
N GLY D 75 -21.09 6.25 0.27
CA GLY D 75 -20.99 4.93 -0.33
C GLY D 75 -19.66 4.69 -1.03
N ARG D 76 -19.76 4.19 -2.27
CA ARG D 76 -18.66 3.53 -2.98
C ARG D 76 -17.33 4.32 -3.04
N ILE D 77 -17.39 5.57 -3.48
CA ILE D 77 -16.16 6.36 -3.62
C ILE D 77 -15.50 6.58 -2.25
N GLN D 78 -16.32 6.87 -1.25
CA GLN D 78 -15.80 7.14 0.08
C GLN D 78 -15.28 5.85 0.71
N ASP D 79 -15.97 4.73 0.49
CA ASP D 79 -15.46 3.43 0.94
C ASP D 79 -14.04 3.22 0.44
N LEU D 80 -13.81 3.55 -0.83
CA LEU D 80 -12.51 3.36 -1.45
C LEU D 80 -11.45 4.30 -0.89
N GLU D 81 -11.81 5.57 -0.74
CA GLU D 81 -10.88 6.56 -0.16
C GLU D 81 -10.44 6.14 1.24
N LYS D 82 -11.37 5.68 2.07
CA LYS D 82 -11.05 5.23 3.42
C LYS D 82 -10.19 3.99 3.41
N TYR D 83 -10.54 3.05 2.54
CA TYR D 83 -9.80 1.79 2.44
C TYR D 83 -8.39 2.01 1.95
N VAL D 84 -8.21 2.91 0.99
CA VAL D 84 -6.87 3.27 0.52
C VAL D 84 -6.02 3.78 1.68
N GLU D 85 -6.56 4.70 2.46
CA GLU D 85 -5.82 5.28 3.57
C GLU D 85 -5.56 4.29 4.69
N ASP D 86 -6.59 3.54 5.05
CA ASP D 86 -6.46 2.52 6.10
C ASP D 86 -5.38 1.49 5.71
N THR D 87 -5.38 1.07 4.45
CA THR D 87 -4.37 0.14 3.92
C THR D 87 -2.95 0.70 4.04
N LYS D 88 -2.81 1.96 3.63
CA LYS D 88 -1.53 2.66 3.72
C LYS D 88 -1.02 2.72 5.15
N ILE D 89 -1.89 3.14 6.05
CA ILE D 89 -1.52 3.30 7.46
C ILE D 89 -1.09 1.98 8.08
N ASP D 90 -1.82 0.91 7.79
CA ASP D 90 -1.44 -0.40 8.31
C ASP D 90 -0.11 -0.88 7.79
N LEU D 91 0.17 -0.62 6.52
CA LEU D 91 1.47 -0.98 5.94
C LEU D 91 2.62 -0.19 6.55
N TRP D 92 2.42 1.11 6.73
CA TRP D 92 3.44 1.93 7.40
C TRP D 92 3.62 1.54 8.86
N SER D 93 2.52 1.24 9.55
CA SER D 93 2.59 0.81 10.95
C SER D 93 3.38 -0.49 11.08
N TYR D 94 3.15 -1.42 10.16
CA TYR D 94 3.93 -2.65 10.10
C TYR D 94 5.41 -2.36 9.84
N ASN D 95 5.71 -1.49 8.87
CA ASN D 95 7.11 -1.15 8.62
C ASN D 95 7.78 -0.62 9.87
N ALA D 96 7.09 0.28 10.56
CA ALA D 96 7.64 0.90 11.75
C ALA D 96 7.92 -0.16 12.84
N GLU D 97 6.97 -1.07 13.05
CA GLU D 97 7.09 -2.12 14.06
C GLU D 97 8.28 -3.03 13.75
N LEU D 98 8.34 -3.50 12.52
CA LEU D 98 9.43 -4.35 12.06
C LEU D 98 10.78 -3.63 12.16
N LEU D 99 10.84 -2.38 11.71
CA LEU D 99 12.09 -1.63 11.73
C LEU D 99 12.68 -1.60 13.13
N VAL D 100 11.89 -1.22 14.12
CA VAL D 100 12.43 -1.10 15.48
C VAL D 100 12.84 -2.47 16.02
N ALA D 101 12.04 -3.50 15.74
CA ALA D 101 12.38 -4.86 16.18
C ALA D 101 13.74 -5.32 15.65
N LEU D 102 13.96 -5.17 14.34
CA LEU D 102 15.22 -5.57 13.73
C LEU D 102 16.38 -4.71 14.21
N GLU D 103 16.15 -3.41 14.23
CA GLU D 103 17.17 -2.46 14.69
C GLU D 103 17.63 -2.81 16.10
N ASN D 104 16.66 -3.10 16.98
CA ASN D 104 16.96 -3.27 18.40
C ASN D 104 17.60 -4.61 18.70
N GLN D 105 17.14 -5.67 18.05
CA GLN D 105 17.83 -6.97 18.09
C GLN D 105 19.30 -6.79 17.71
N HIS D 106 19.52 -6.09 16.59
CA HIS D 106 20.87 -5.85 16.08
C HIS D 106 21.71 -4.96 17.02
N THR D 107 21.09 -3.95 17.63
CA THR D 107 21.80 -3.06 18.54
C THR D 107 22.29 -3.80 19.78
N ILE D 108 21.43 -4.68 20.29
CA ILE D 108 21.81 -5.54 21.41
C ILE D 108 22.94 -6.51 21.01
N ASP D 109 22.82 -7.13 19.84
CA ASP D 109 23.87 -8.04 19.36
C ASP D 109 25.18 -7.33 19.07
N LEU D 110 25.13 -6.10 18.54
CA LEU D 110 26.38 -5.41 18.21
C LEU D 110 27.09 -4.90 19.47
N THR D 111 26.34 -4.47 20.48
CA THR D 111 26.94 -4.04 21.73
C THR D 111 27.53 -5.23 22.49
N ASP D 112 26.83 -6.36 22.45
CA ASP D 112 27.32 -7.64 22.98
C ASP D 112 28.62 -8.03 22.29
N SER D 113 28.62 -7.90 20.96
CA SER D 113 29.80 -8.15 20.13
C SER D 113 31.02 -7.29 20.49
N GLU D 114 30.80 -6.00 20.73
CA GLU D 114 31.91 -5.11 21.07
C GLU D 114 32.53 -5.46 22.42
N MET D 115 31.68 -5.87 23.38
CA MET D 115 32.18 -6.39 24.67
C MET D 115 33.10 -7.58 24.41
N ASN D 116 32.62 -8.51 23.60
CA ASN D 116 33.35 -9.72 23.26
C ASN D 116 34.66 -9.42 22.53
N LYS D 117 34.64 -8.49 21.57
CA LYS D 117 35.84 -8.08 20.85
C LYS D 117 36.94 -7.58 21.79
N LEU D 118 36.57 -6.73 22.74
CA LEU D 118 37.51 -6.20 23.73
C LEU D 118 38.07 -7.33 24.60
N PHE D 119 37.20 -8.24 25.04
CA PHE D 119 37.63 -9.39 25.83
C PHE D 119 38.64 -10.28 25.10
N GLU D 120 38.35 -10.61 23.84
CA GLU D 120 39.24 -11.44 23.01
C GLU D 120 40.56 -10.74 22.69
N LYS D 121 40.51 -9.42 22.53
CA LYS D 121 41.70 -8.60 22.27
C LYS D 121 42.66 -8.61 23.46
N THR D 122 42.08 -8.52 24.66
CA THR D 122 42.84 -8.50 25.90
C THR D 122 43.49 -9.87 26.12
N GLY D 123 42.69 -10.93 26.04
CA GLY D 123 43.19 -12.30 26.07
C GLY D 123 44.41 -12.50 25.18
N ARG D 124 44.33 -12.00 23.95
CA ARG D 124 45.43 -12.10 22.99
C ARG D 124 46.68 -11.30 23.36
N GLN D 125 46.48 -10.10 23.92
CA GLN D 125 47.58 -9.29 24.47
C GLN D 125 48.39 -10.09 25.50
N LEU D 126 47.67 -10.70 26.44
CA LEU D 126 48.26 -11.39 27.58
C LEU D 126 48.95 -12.71 27.25
N ARG D 127 48.67 -13.29 26.08
CA ARG D 127 49.37 -14.49 25.60
C ARG D 127 49.35 -15.58 26.68
N GLU D 128 50.51 -16.06 27.13
CA GLU D 128 50.58 -17.14 28.11
C GLU D 128 50.77 -16.63 29.54
N ASN D 129 50.70 -15.32 29.74
CA ASN D 129 50.90 -14.71 31.06
C ASN D 129 49.62 -14.54 31.88
N ALA D 130 48.50 -15.10 31.41
CA ALA D 130 47.23 -15.01 32.15
C ALA D 130 46.26 -16.09 31.75
N GLU D 131 45.21 -16.27 32.56
CA GLU D 131 44.15 -17.24 32.28
C GLU D 131 42.73 -16.68 32.47
N ASP D 132 41.83 -17.14 31.59
CA ASP D 132 40.42 -16.76 31.58
C ASP D 132 39.68 -17.48 32.73
N MET D 133 39.25 -16.71 33.73
CA MET D 133 38.46 -17.27 34.85
C MET D 133 37.04 -17.65 34.43
N GLY D 134 36.55 -17.14 33.29
CA GLY D 134 35.24 -17.53 32.75
C GLY D 134 34.09 -16.59 33.10
N ASN D 135 34.40 -15.54 33.85
CA ASN D 135 33.44 -14.52 34.28
C ASN D 135 33.84 -13.13 33.77
N GLY D 136 34.59 -13.10 32.68
CA GLY D 136 35.13 -11.86 32.14
C GLY D 136 36.37 -11.33 32.81
N CYS D 137 36.95 -12.10 33.75
CA CYS D 137 38.16 -11.70 34.45
C CYS D 137 39.34 -12.59 34.12
N PHE D 138 40.48 -11.97 33.86
CA PHE D 138 41.73 -12.68 33.71
C PHE D 138 42.49 -12.71 35.03
N LYS D 139 42.99 -13.89 35.40
CA LYS D 139 43.98 -13.98 36.46
C LYS D 139 45.34 -13.83 35.80
N ILE D 140 46.05 -12.77 36.20
CA ILE D 140 47.40 -12.49 35.70
C ILE D 140 48.38 -13.09 36.69
N TYR D 141 49.30 -13.90 36.18
CA TYR D 141 50.22 -14.70 37.02
C TYR D 141 51.59 -14.03 37.21
N HIS D 142 51.60 -12.72 37.47
CA HIS D 142 52.84 -11.99 37.72
C HIS D 142 52.56 -10.65 38.40
N LYS D 143 53.63 -10.00 38.84
CA LYS D 143 53.54 -8.68 39.47
C LYS D 143 53.15 -7.69 38.38
N CYS D 144 51.95 -7.14 38.49
CA CYS D 144 51.47 -6.14 37.55
C CYS D 144 51.07 -4.90 38.33
N ASP D 145 52.07 -4.05 38.55
CA ASP D 145 51.88 -2.72 39.14
C ASP D 145 51.10 -1.79 38.20
N ASN D 146 50.66 -0.65 38.73
CA ASN D 146 49.80 0.28 37.99
C ASN D 146 50.31 0.66 36.58
N ALA D 147 51.64 0.78 36.44
CA ALA D 147 52.28 0.96 35.13
C ALA D 147 51.97 -0.19 34.18
N CYS D 148 52.06 -1.42 34.71
CA CYS D 148 51.78 -2.65 33.94
C CYS D 148 50.31 -2.75 33.52
N ILE D 149 49.38 -2.39 34.42
CA ILE D 149 47.95 -2.41 34.09
C ILE D 149 47.69 -1.39 32.98
N GLU D 150 48.06 -0.13 33.23
CA GLU D 150 47.93 0.93 32.21
C GLU D 150 48.56 0.52 30.85
N SER D 151 49.63 -0.27 30.88
CA SER D 151 50.22 -0.81 29.64
C SER D 151 49.31 -1.81 28.90
N ILE D 152 48.58 -2.61 29.67
CA ILE D 152 47.59 -3.53 29.09
C ILE D 152 46.46 -2.70 28.49
N ARG D 153 45.96 -1.74 29.27
CA ARG D 153 44.84 -0.90 28.85
C ARG D 153 45.17 0.00 27.65
N ASN D 154 46.39 0.53 27.57
CA ASN D 154 46.76 1.40 26.43
C ASN D 154 47.57 0.70 25.31
N GLY D 155 47.58 -0.62 25.31
CA GLY D 155 48.14 -1.40 24.20
C GLY D 155 49.65 -1.52 24.08
N THR D 156 50.40 -1.21 25.15
CA THR D 156 51.89 -1.26 25.14
C THR D 156 52.49 -2.45 25.92
N TYR D 157 51.66 -3.25 26.56
CA TYR D 157 52.10 -4.42 27.36
C TYR D 157 52.87 -5.45 26.52
N ASP D 158 54.18 -5.52 26.73
CA ASP D 158 55.02 -6.56 26.13
C ASP D 158 54.90 -7.81 27.00
N HIS D 159 54.34 -8.88 26.43
CA HIS D 159 54.19 -10.14 27.18
C HIS D 159 55.54 -10.85 27.42
N ASP D 160 56.48 -10.73 26.49
CA ASP D 160 57.79 -11.41 26.63
C ASP D 160 58.53 -11.03 27.91
N VAL D 161 58.38 -9.76 28.33
CA VAL D 161 58.96 -9.24 29.58
C VAL D 161 58.62 -10.09 30.82
N TYR D 162 57.35 -10.43 30.99
CA TYR D 162 56.86 -11.15 32.17
C TYR D 162 56.63 -12.65 31.94
N ARG D 163 56.92 -13.15 30.75
CA ARG D 163 56.58 -14.54 30.36
C ARG D 163 57.21 -15.59 31.29
N ASP D 164 58.53 -15.53 31.46
CA ASP D 164 59.27 -16.45 32.35
C ASP D 164 58.64 -16.51 33.74
N GLU D 165 58.49 -15.33 34.34
CA GLU D 165 57.86 -15.17 35.65
C GLU D 165 56.47 -15.81 35.70
N ALA D 166 55.63 -15.52 34.71
CA ALA D 166 54.23 -15.97 34.71
C ALA D 166 54.08 -17.45 34.40
N LEU D 167 54.84 -17.94 33.43
CA LEU D 167 54.90 -19.38 33.12
C LEU D 167 55.23 -20.22 34.36
N ASN D 168 56.17 -19.76 35.17
CA ASN D 168 56.56 -20.45 36.40
C ASN D 168 55.41 -20.55 37.41
N ASN D 169 54.75 -19.42 37.66
CA ASN D 169 53.62 -19.34 38.58
C ASN D 169 52.38 -20.15 38.13
N ARG D 170 52.21 -20.28 36.82
CA ARG D 170 51.11 -21.08 36.25
C ARG D 170 51.40 -22.58 36.36
N PHE D 171 52.65 -22.95 36.04
CA PHE D 171 53.08 -24.35 35.98
C PHE D 171 54.18 -24.64 36.99
N PRO E 3 64.28 -21.85 16.02
CA PRO E 3 63.84 -21.28 14.75
C PRO E 3 62.53 -21.92 14.29
N GLY E 4 61.43 -21.19 14.45
CA GLY E 4 60.09 -21.68 14.14
C GLY E 4 59.53 -21.21 12.79
N ALA E 5 58.24 -20.88 12.79
CA ALA E 5 57.56 -20.41 11.59
C ALA E 5 56.32 -19.60 11.97
N THR E 6 55.93 -18.67 11.10
CA THR E 6 54.72 -17.86 11.28
C THR E 6 53.69 -18.23 10.20
N LEU E 7 52.43 -18.38 10.61
CA LEU E 7 51.32 -18.65 9.69
C LEU E 7 50.23 -17.59 9.88
N CYS E 8 50.10 -16.71 8.88
CA CYS E 8 49.15 -15.60 8.92
C CYS E 8 47.88 -15.91 8.10
N LEU E 9 46.73 -15.74 8.75
CA LEU E 9 45.42 -15.84 8.09
C LEU E 9 45.00 -14.46 7.60
N GLY E 10 44.37 -14.40 6.44
CA GLY E 10 43.91 -13.14 5.88
C GLY E 10 42.83 -13.30 4.82
N HIS E 11 42.52 -12.19 4.16
CA HIS E 11 41.47 -12.13 3.15
C HIS E 11 41.90 -11.18 2.05
N HIS E 12 41.23 -11.28 0.90
CA HIS E 12 41.58 -10.46 -0.25
C HIS E 12 41.10 -9.02 -0.11
N ALA E 13 41.64 -8.17 -0.97
CA ALA E 13 41.18 -6.81 -1.16
C ALA E 13 41.35 -6.52 -2.64
N VAL E 14 40.77 -5.42 -3.11
CA VAL E 14 40.90 -5.01 -4.49
C VAL E 14 41.28 -3.54 -4.49
N PRO E 15 41.88 -3.04 -5.59
CA PRO E 15 42.33 -1.65 -5.57
C PRO E 15 41.19 -0.64 -5.65
N ASN E 16 40.14 -0.97 -6.42
CA ASN E 16 38.98 -0.10 -6.62
C ASN E 16 37.68 -0.78 -6.17
N GLY E 17 37.30 -0.61 -4.90
CA GLY E 17 36.03 -1.14 -4.36
C GLY E 17 34.82 -0.32 -4.76
N THR E 18 33.63 -0.67 -4.24
CA THR E 18 32.39 0.12 -4.42
C THR E 18 31.70 0.41 -3.09
N LEU E 19 31.05 1.56 -3.03
CA LEU E 19 30.34 2.01 -1.84
C LEU E 19 28.93 1.43 -1.81
N VAL E 20 28.53 0.92 -0.65
CA VAL E 20 27.18 0.44 -0.42
C VAL E 20 26.64 1.01 0.88
N LYS E 21 25.34 0.82 1.07
CA LYS E 21 24.65 1.25 2.28
C LYS E 21 24.32 0.05 3.16
N THR E 22 24.37 0.26 4.47
CA THR E 22 24.08 -0.77 5.46
C THR E 22 23.13 -0.20 6.53
N ILE E 23 22.90 -0.98 7.59
CA ILE E 23 22.14 -0.51 8.75
C ILE E 23 22.88 0.64 9.43
N THR E 24 24.20 0.49 9.59
CA THR E 24 25.01 1.44 10.36
C THR E 24 25.69 2.51 9.51
N ASP E 25 25.86 2.27 8.21
CA ASP E 25 26.62 3.17 7.35
C ASP E 25 25.87 3.61 6.09
N ASP E 26 25.89 4.92 5.86
CA ASP E 26 25.44 5.54 4.61
C ASP E 26 26.25 5.07 3.41
N GLN E 27 27.56 4.96 3.61
CA GLN E 27 28.50 4.56 2.57
C GLN E 27 29.59 3.75 3.25
N ILE E 28 29.78 2.53 2.80
CA ILE E 28 30.91 1.73 3.26
C ILE E 28 31.39 0.89 2.10
N GLU E 29 32.70 0.70 2.03
CA GLU E 29 33.36 0.12 0.86
C GLU E 29 33.41 -1.40 0.93
N VAL E 30 32.92 -2.06 -0.12
CA VAL E 30 33.03 -3.50 -0.27
C VAL E 30 33.77 -3.84 -1.56
N THR E 31 34.20 -5.08 -1.70
CA THR E 31 35.00 -5.50 -2.87
C THR E 31 34.20 -5.45 -4.17
N ASN E 32 32.89 -5.64 -4.09
CA ASN E 32 32.04 -5.72 -5.26
C ASN E 32 30.57 -5.53 -4.88
N ALA E 33 29.78 -5.03 -5.82
CA ALA E 33 28.33 -4.94 -5.65
C ALA E 33 27.65 -5.05 -7.00
N THR E 34 26.34 -5.26 -6.98
CA THR E 34 25.55 -5.34 -8.18
C THR E 34 24.36 -4.39 -8.10
N GLU E 35 23.93 -3.87 -9.25
CA GLU E 35 22.87 -2.86 -9.34
C GLU E 35 21.49 -3.53 -9.32
N LEU E 36 20.61 -3.05 -8.44
CA LEU E 36 19.24 -3.58 -8.36
C LEU E 36 18.17 -2.72 -9.02
N VAL E 37 18.52 -1.51 -9.46
CA VAL E 37 17.55 -0.62 -10.11
C VAL E 37 17.87 -0.49 -11.60
N GLN E 38 16.94 -0.93 -12.44
CA GLN E 38 17.05 -0.72 -13.89
C GLN E 38 16.74 0.74 -14.21
N SER E 39 17.72 1.47 -14.71
CA SER E 39 17.54 2.91 -14.98
C SER E 39 17.61 3.30 -16.45
N SER E 40 17.78 2.35 -17.36
CA SER E 40 17.87 2.67 -18.77
C SER E 40 16.91 1.82 -19.58
N SER E 41 16.56 2.35 -20.75
CA SER E 41 15.78 1.69 -21.79
C SER E 41 16.51 1.84 -23.11
N THR E 42 16.25 0.94 -24.05
CA THR E 42 16.69 1.11 -25.45
C THR E 42 16.00 2.27 -26.18
N GLY E 43 14.85 2.74 -25.68
CA GLY E 43 14.04 3.70 -26.39
C GLY E 43 13.10 3.08 -27.43
N LYS E 44 13.02 1.75 -27.49
CA LYS E 44 12.22 1.05 -28.47
C LYS E 44 11.37 -0.02 -27.81
N ILE E 45 10.13 -0.18 -28.29
CA ILE E 45 9.22 -1.20 -27.81
C ILE E 45 9.43 -2.48 -28.63
N CYS E 46 9.87 -3.54 -27.96
CA CYS E 46 10.07 -4.81 -28.63
C CYS E 46 8.74 -5.41 -29.09
N ASN E 47 8.72 -5.89 -30.34
CA ASN E 47 7.50 -6.47 -30.93
C ASN E 47 7.15 -7.88 -30.48
N ASN E 48 8.03 -8.51 -29.70
CA ASN E 48 7.75 -9.79 -29.04
C ASN E 48 8.12 -9.72 -27.55
N PRO E 49 7.50 -10.54 -26.69
CA PRO E 49 6.53 -11.58 -27.06
C PRO E 49 5.06 -11.16 -27.04
N HIS E 50 4.77 -9.89 -26.71
CA HIS E 50 3.39 -9.41 -26.64
C HIS E 50 2.99 -8.91 -28.02
N ARG E 51 1.73 -9.13 -28.42
CA ARG E 51 1.20 -8.55 -29.66
C ARG E 51 0.98 -7.04 -29.48
N ILE E 52 1.83 -6.25 -30.16
CA ILE E 52 1.80 -4.80 -30.08
C ILE E 52 1.03 -4.28 -31.28
N LEU E 53 0.00 -3.46 -31.04
CA LEU E 53 -0.72 -2.82 -32.12
C LEU E 53 -0.45 -1.33 -32.03
N ASP E 54 0.23 -0.82 -33.05
CA ASP E 54 0.52 0.57 -33.18
C ASP E 54 -0.71 1.30 -33.68
N GLY E 55 -1.20 2.27 -32.90
CA GLY E 55 -2.36 3.06 -33.29
C GLY E 55 -2.10 4.04 -34.41
N ILE E 56 -0.82 4.38 -34.62
CA ILE E 56 -0.40 5.35 -35.63
C ILE E 56 -1.16 6.66 -35.47
N ASP E 57 -2.12 6.94 -36.35
CA ASP E 57 -2.88 8.20 -36.35
C ASP E 57 -4.21 8.07 -35.63
N CYS E 58 -4.43 6.97 -34.92
CA CYS E 58 -5.73 6.66 -34.38
C CYS E 58 -5.67 6.35 -32.90
N THR E 59 -6.59 6.95 -32.15
CA THR E 59 -6.88 6.51 -30.79
C THR E 59 -7.67 5.21 -30.88
N LEU E 60 -7.63 4.45 -29.80
CA LEU E 60 -8.46 3.24 -29.72
C LEU E 60 -9.93 3.57 -29.94
N ILE E 61 -10.40 4.67 -29.37
CA ILE E 61 -11.82 5.04 -29.53
C ILE E 61 -12.18 5.35 -31.00
N ASP E 62 -11.30 6.04 -31.72
CA ASP E 62 -11.57 6.30 -33.14
C ASP E 62 -11.55 5.02 -33.99
N ALA E 63 -10.70 4.08 -33.62
CA ALA E 63 -10.67 2.78 -34.27
C ALA E 63 -11.96 2.01 -33.96
N LEU E 64 -12.43 2.13 -32.72
CA LEU E 64 -13.68 1.49 -32.29
C LEU E 64 -14.87 2.05 -33.06
N LEU E 65 -15.01 3.38 -33.06
CA LEU E 65 -16.17 3.99 -33.73
C LEU E 65 -16.13 3.76 -35.25
N GLY E 66 -14.93 3.75 -35.82
CA GLY E 66 -14.75 3.57 -37.24
C GLY E 66 -14.65 4.87 -38.02
N ASP E 67 -13.89 5.82 -37.46
CA ASP E 67 -13.39 6.99 -38.17
C ASP E 67 -12.71 6.47 -39.46
N PRO E 68 -13.04 7.00 -40.67
CA PRO E 68 -12.53 6.40 -41.93
C PRO E 68 -11.02 6.19 -41.99
N HIS E 69 -10.21 7.17 -41.56
CA HIS E 69 -8.74 6.97 -41.55
C HIS E 69 -8.26 5.89 -40.56
N CYS E 70 -9.17 5.35 -39.74
CA CYS E 70 -8.90 4.23 -38.83
C CYS E 70 -9.55 2.92 -39.27
N ASP E 71 -10.09 2.89 -40.48
CA ASP E 71 -10.71 1.68 -41.03
C ASP E 71 -9.77 0.48 -41.04
N VAL E 72 -8.47 0.71 -41.24
CA VAL E 72 -7.47 -0.37 -41.19
C VAL E 72 -7.46 -1.15 -39.86
N PHE E 73 -7.99 -0.57 -38.78
CA PHE E 73 -8.08 -1.27 -37.49
C PHE E 73 -9.31 -2.16 -37.27
N GLN E 74 -10.20 -2.23 -38.25
CA GLN E 74 -11.37 -3.08 -38.12
C GLN E 74 -11.00 -4.50 -37.71
N ASN E 75 -11.70 -5.03 -36.71
CA ASN E 75 -11.51 -6.38 -36.20
C ASN E 75 -10.10 -6.68 -35.68
N GLU E 76 -9.29 -5.65 -35.41
CA GLU E 76 -7.93 -5.88 -34.91
C GLU E 76 -7.94 -6.43 -33.50
N THR E 77 -6.81 -7.03 -33.09
CA THR E 77 -6.63 -7.52 -31.74
C THR E 77 -5.28 -7.06 -31.22
N TRP E 78 -5.07 -7.15 -29.91
CA TRP E 78 -3.82 -6.73 -29.30
C TRP E 78 -3.65 -7.29 -27.90
N ASP E 79 -2.39 -7.39 -27.48
CA ASP E 79 -2.04 -7.43 -26.06
C ASP E 79 -1.83 -6.01 -25.57
N LEU E 80 -1.12 -5.18 -26.33
CA LEU E 80 -0.93 -3.79 -25.97
C LEU E 80 -1.22 -2.91 -27.16
N PHE E 81 -2.25 -2.06 -27.02
CA PHE E 81 -2.56 -1.02 -28.01
C PHE E 81 -1.73 0.19 -27.64
N VAL E 82 -1.00 0.73 -28.60
CA VAL E 82 -0.12 1.89 -28.36
C VAL E 82 -0.71 3.13 -29.03
N GLU E 83 -1.09 4.12 -28.24
CA GLU E 83 -1.62 5.38 -28.76
C GLU E 83 -0.50 6.40 -28.85
N ARG E 84 -0.42 7.07 -30.00
CA ARG E 84 0.63 8.00 -30.34
C ARG E 84 0.12 9.43 -30.13
N SER E 85 1.04 10.31 -29.73
CA SER E 85 0.68 11.72 -29.47
C SER E 85 0.24 12.45 -30.77
N LYS E 86 0.65 11.94 -31.93
CA LYS E 86 0.18 12.45 -33.24
C LYS E 86 -1.24 12.04 -33.66
N ALA E 87 -1.92 11.19 -32.89
CA ALA E 87 -3.24 10.75 -33.29
C ALA E 87 -4.19 11.93 -33.44
N PHE E 88 -5.13 11.83 -34.39
CA PHE E 88 -6.14 12.84 -34.61
C PHE E 88 -7.46 12.18 -35.00
N SER E 89 -8.56 12.88 -34.70
CA SER E 89 -9.89 12.49 -35.14
C SER E 89 -10.18 13.19 -36.46
N ASN E 90 -10.94 12.55 -37.35
CA ASN E 90 -11.26 13.16 -38.65
C ASN E 90 -12.64 12.76 -39.18
N CYS E 91 -13.61 12.72 -38.27
CA CYS E 91 -14.96 12.33 -38.61
C CYS E 91 -15.91 13.34 -37.93
N TYR E 92 -17.15 12.97 -37.68
CA TYR E 92 -18.09 13.91 -37.07
C TYR E 92 -17.63 14.24 -35.64
N PRO E 93 -17.73 15.50 -35.22
CA PRO E 93 -17.25 15.82 -33.87
C PRO E 93 -18.11 15.15 -32.79
N TYR E 94 -17.45 14.63 -31.78
CA TYR E 94 -18.11 13.80 -30.79
C TYR E 94 -17.49 13.95 -29.42
N ASP E 95 -18.22 13.52 -28.41
CA ASP E 95 -17.64 13.27 -27.11
C ASP E 95 -18.15 11.95 -26.57
N VAL E 96 -17.45 11.46 -25.56
CA VAL E 96 -17.84 10.26 -24.85
C VAL E 96 -17.90 10.63 -23.38
N PRO E 97 -19.10 10.76 -22.83
CA PRO E 97 -19.16 10.90 -21.36
C PRO E 97 -18.55 9.62 -20.77
N ASP E 98 -17.65 9.78 -19.82
CA ASP E 98 -16.87 8.64 -19.33
C ASP E 98 -16.03 7.96 -20.46
N TYR E 99 -15.42 8.80 -21.28
CA TYR E 99 -14.39 8.40 -22.24
C TYR E 99 -13.40 7.40 -21.63
N ALA E 100 -12.85 7.76 -20.48
CA ALA E 100 -11.82 6.95 -19.84
C ALA E 100 -12.30 5.51 -19.59
N SER E 101 -13.55 5.34 -19.17
CA SER E 101 -14.08 4.00 -18.91
C SER E 101 -14.27 3.17 -20.19
N LEU E 102 -14.80 3.79 -21.25
CA LEU E 102 -14.98 3.08 -22.51
C LEU E 102 -13.63 2.66 -23.09
N ARG E 103 -12.68 3.59 -23.08
CA ARG E 103 -11.32 3.31 -23.49
C ARG E 103 -10.71 2.16 -22.69
N SER E 104 -10.90 2.21 -21.37
CA SER E 104 -10.36 1.16 -20.51
C SER E 104 -10.97 -0.23 -20.82
N LEU E 105 -12.29 -0.30 -20.87
CA LEU E 105 -12.96 -1.59 -21.03
C LEU E 105 -12.66 -2.18 -22.42
N VAL E 106 -12.54 -1.35 -23.44
CA VAL E 106 -12.19 -1.86 -24.76
C VAL E 106 -10.73 -2.32 -24.76
N ALA E 107 -9.84 -1.47 -24.24
CA ALA E 107 -8.42 -1.79 -24.17
C ALA E 107 -8.18 -3.14 -23.49
N SER E 108 -8.91 -3.34 -22.40
CA SER E 108 -8.81 -4.54 -21.60
C SER E 108 -9.40 -5.79 -22.30
N SER E 109 -10.43 -5.59 -23.12
CA SER E 109 -11.02 -6.66 -23.90
C SER E 109 -10.05 -7.20 -24.99
N GLY E 110 -9.23 -6.32 -25.57
CA GLY E 110 -8.17 -6.71 -26.49
C GLY E 110 -8.59 -7.00 -27.92
N THR E 111 -9.82 -6.66 -28.28
CA THR E 111 -10.33 -6.91 -29.62
C THR E 111 -11.35 -5.85 -30.06
N LEU E 112 -11.39 -5.57 -31.36
CA LEU E 112 -12.42 -4.78 -32.00
C LEU E 112 -13.31 -5.64 -32.92
N GLU E 113 -13.30 -6.97 -32.72
CA GLU E 113 -14.13 -7.87 -33.51
C GLU E 113 -15.60 -7.44 -33.46
N PHE E 114 -16.15 -7.16 -34.63
CA PHE E 114 -17.49 -6.60 -34.77
C PHE E 114 -18.41 -7.51 -35.58
N ILE E 115 -19.59 -7.75 -35.04
CA ILE E 115 -20.58 -8.64 -35.65
C ILE E 115 -21.78 -7.79 -35.99
N THR E 116 -22.09 -7.72 -37.28
CA THR E 116 -23.22 -6.95 -37.77
C THR E 116 -24.52 -7.69 -37.46
N GLU E 117 -25.54 -6.95 -37.01
CA GLU E 117 -26.86 -7.51 -36.70
C GLU E 117 -27.91 -6.79 -37.56
N GLY E 118 -28.97 -7.52 -37.91
CA GLY E 118 -30.02 -7.00 -38.78
C GLY E 118 -31.10 -6.21 -38.07
N PHE E 119 -30.74 -5.03 -37.57
CA PHE E 119 -31.72 -4.12 -36.97
C PHE E 119 -32.70 -3.61 -38.03
N THR E 120 -33.97 -3.52 -37.67
CA THR E 120 -35.02 -3.02 -38.56
C THR E 120 -35.48 -1.64 -38.10
N TRP E 121 -35.11 -0.61 -38.86
CA TRP E 121 -35.47 0.76 -38.53
C TRP E 121 -36.59 1.20 -39.49
N THR E 122 -37.82 0.91 -39.09
CA THR E 122 -38.98 1.16 -39.95
C THR E 122 -39.34 2.65 -40.00
N GLY E 123 -39.41 3.19 -41.20
CA GLY E 123 -39.90 4.56 -41.44
C GLY E 123 -38.89 5.66 -41.26
N VAL E 124 -37.60 5.33 -41.30
CA VAL E 124 -36.52 6.33 -41.26
C VAL E 124 -35.53 6.08 -42.38
N THR E 125 -34.77 7.12 -42.69
CA THR E 125 -33.67 7.03 -43.65
C THR E 125 -32.43 6.59 -42.90
N GLN E 126 -31.70 5.63 -43.47
CA GLN E 126 -30.50 5.08 -42.86
C GLN E 126 -29.26 5.62 -43.54
N ASN E 127 -28.10 5.31 -42.94
CA ASN E 127 -26.78 5.57 -43.53
C ASN E 127 -26.48 7.05 -43.79
N GLY E 128 -27.00 7.93 -42.94
CA GLY E 128 -26.65 9.35 -42.99
C GLY E 128 -25.15 9.56 -42.88
N GLY E 129 -24.67 10.60 -43.57
CA GLY E 129 -23.25 10.95 -43.56
C GLY E 129 -23.04 12.46 -43.50
N SER E 130 -21.77 12.86 -43.48
CA SER E 130 -21.41 14.26 -43.39
C SER E 130 -20.08 14.50 -44.10
N ASN E 131 -19.92 15.71 -44.64
CA ASN E 131 -18.63 16.16 -45.16
C ASN E 131 -17.57 16.33 -44.08
N ALA E 132 -17.97 16.36 -42.83
CA ALA E 132 -17.03 16.27 -41.70
C ALA E 132 -16.33 14.91 -41.58
N CYS E 133 -16.87 13.89 -42.27
CA CYS E 133 -16.37 12.53 -42.16
C CYS E 133 -16.33 11.82 -43.54
N LYS E 134 -15.40 12.28 -44.38
CA LYS E 134 -15.34 11.80 -45.76
C LYS E 134 -14.88 10.34 -45.85
N ARG E 135 -15.54 9.63 -46.77
CA ARG E 135 -15.23 8.26 -47.16
C ARG E 135 -15.05 8.33 -48.66
N GLY E 136 -13.82 8.15 -49.13
CA GLY E 136 -13.49 8.50 -50.51
C GLY E 136 -13.80 9.99 -50.76
N PRO E 137 -14.33 10.32 -51.96
CA PRO E 137 -14.61 11.74 -52.25
C PRO E 137 -15.88 12.28 -51.60
N GLY E 138 -16.82 11.40 -51.22
CA GLY E 138 -18.15 11.82 -50.76
C GLY E 138 -18.32 11.79 -49.25
N SER E 139 -19.48 12.23 -48.78
CA SER E 139 -19.72 12.34 -47.36
C SER E 139 -19.85 10.94 -46.79
N GLY E 140 -19.52 10.79 -45.52
CA GLY E 140 -19.53 9.49 -44.86
C GLY E 140 -19.75 9.60 -43.36
N PHE E 141 -19.46 8.52 -42.66
CA PHE E 141 -19.74 8.43 -41.24
C PHE E 141 -18.92 7.34 -40.59
N PHE E 142 -18.94 7.31 -39.26
CA PHE E 142 -18.35 6.22 -38.49
C PHE E 142 -18.90 4.90 -39.02
N SER E 143 -18.01 3.97 -39.35
CA SER E 143 -18.41 2.71 -39.97
C SER E 143 -19.35 1.87 -39.12
N ARG E 144 -19.21 1.94 -37.79
CA ARG E 144 -20.01 1.09 -36.88
C ARG E 144 -21.30 1.71 -36.38
N LEU E 145 -21.59 2.94 -36.82
CA LEU E 145 -22.78 3.65 -36.42
C LEU E 145 -23.63 3.96 -37.64
N ASN E 146 -24.93 4.08 -37.41
CA ASN E 146 -25.92 4.24 -38.45
C ASN E 146 -26.74 5.48 -38.14
N TRP E 147 -26.51 6.55 -38.88
CA TRP E 147 -27.15 7.83 -38.62
C TRP E 147 -28.56 7.79 -39.25
N LEU E 148 -29.58 7.78 -38.37
CA LEU E 148 -30.97 7.74 -38.81
C LEU E 148 -31.58 9.13 -38.86
N THR E 149 -32.29 9.40 -39.95
CA THR E 149 -33.06 10.65 -40.11
C THR E 149 -34.42 10.33 -40.70
N LYS E 150 -35.27 11.34 -40.79
CA LYS E 150 -36.63 11.16 -41.32
C LYS E 150 -36.68 10.54 -42.71
N SER E 151 -37.77 9.82 -42.97
CA SER E 151 -38.16 9.34 -44.30
C SER E 151 -39.42 10.09 -44.70
N GLY E 152 -39.40 10.73 -45.86
CA GLY E 152 -40.49 11.63 -46.25
C GLY E 152 -40.55 12.81 -45.30
N SER E 153 -41.66 12.94 -44.59
CA SER E 153 -41.87 14.05 -43.65
C SER E 153 -42.12 13.57 -42.21
N THR E 154 -41.79 12.31 -41.92
CA THR E 154 -42.04 11.72 -40.59
C THR E 154 -40.84 10.95 -40.05
N TYR E 155 -40.71 10.96 -38.73
CA TYR E 155 -39.77 10.14 -37.98
C TYR E 155 -40.62 9.49 -36.90
N PRO E 156 -41.01 8.21 -37.09
CA PRO E 156 -41.88 7.58 -36.11
C PRO E 156 -41.11 7.14 -34.89
N VAL E 157 -41.82 6.66 -33.87
CA VAL E 157 -41.19 6.07 -32.71
C VAL E 157 -40.49 4.79 -33.17
N LEU E 158 -39.18 4.73 -32.99
CA LEU E 158 -38.42 3.52 -33.27
C LEU E 158 -38.42 2.68 -32.02
N ASN E 159 -38.66 1.38 -32.20
CA ASN E 159 -38.75 0.46 -31.10
C ASN E 159 -38.29 -0.91 -31.57
N VAL E 160 -37.05 -1.27 -31.23
CA VAL E 160 -36.44 -2.52 -31.70
C VAL E 160 -35.77 -3.30 -30.56
N THR E 161 -35.62 -4.60 -30.78
CA THR E 161 -35.01 -5.48 -29.81
C THR E 161 -34.01 -6.39 -30.51
N MET E 162 -32.98 -6.78 -29.77
CA MET E 162 -31.99 -7.73 -30.22
C MET E 162 -31.64 -8.58 -28.99
N PRO E 163 -32.10 -9.84 -28.98
CA PRO E 163 -31.76 -10.68 -27.83
C PRO E 163 -30.34 -11.21 -27.95
N ASN E 164 -29.70 -11.46 -26.82
CA ASN E 164 -28.42 -12.14 -26.83
C ASN E 164 -28.65 -13.61 -26.55
N ASN E 165 -28.64 -14.40 -27.62
CA ASN E 165 -28.77 -15.84 -27.53
C ASN E 165 -27.44 -16.56 -27.69
N ASP E 166 -26.34 -15.82 -27.63
CA ASP E 166 -25.01 -16.40 -27.61
C ASP E 166 -24.60 -16.68 -26.16
N ASN E 167 -23.43 -17.28 -26.00
CA ASN E 167 -22.86 -17.53 -24.66
C ASN E 167 -21.70 -16.60 -24.29
N PHE E 168 -21.65 -15.43 -24.94
CA PHE E 168 -20.65 -14.41 -24.65
C PHE E 168 -21.35 -13.06 -24.48
N ASP E 169 -20.65 -12.09 -23.90
CA ASP E 169 -21.19 -10.73 -23.74
C ASP E 169 -21.08 -9.95 -25.04
N LYS E 170 -22.09 -9.13 -25.31
CA LYS E 170 -22.07 -8.20 -26.43
C LYS E 170 -21.85 -6.77 -25.93
N LEU E 171 -20.97 -6.01 -26.60
CA LEU E 171 -20.81 -4.58 -26.37
C LEU E 171 -21.44 -3.82 -27.52
N TYR E 172 -22.47 -3.01 -27.22
CA TYR E 172 -23.08 -2.14 -28.19
C TYR E 172 -22.63 -0.71 -27.99
N ILE E 173 -22.17 -0.09 -29.09
CA ILE E 173 -21.82 1.30 -29.12
C ILE E 173 -22.91 2.03 -29.90
N TRP E 174 -23.40 3.11 -29.30
CA TRP E 174 -24.47 3.89 -29.90
C TRP E 174 -24.28 5.34 -29.51
N GLY E 175 -25.14 6.20 -30.03
CA GLY E 175 -25.01 7.61 -29.74
C GLY E 175 -26.26 8.41 -29.90
N VAL E 176 -26.11 9.70 -29.61
CA VAL E 176 -27.17 10.68 -29.65
C VAL E 176 -26.63 11.92 -30.37
N HIS E 177 -27.41 12.44 -31.30
CA HIS E 177 -27.03 13.62 -32.04
C HIS E 177 -27.57 14.88 -31.34
N HIS E 178 -26.69 15.86 -31.14
CA HIS E 178 -27.02 17.13 -30.54
C HIS E 178 -26.96 18.18 -31.65
N PRO E 179 -28.11 18.59 -32.21
CA PRO E 179 -28.09 19.65 -33.21
C PRO E 179 -27.72 21.02 -32.64
N SER E 180 -27.26 21.92 -33.51
CA SER E 180 -26.96 23.31 -33.10
C SER E 180 -28.18 24.22 -33.05
N THR E 181 -29.19 23.95 -33.86
CA THR E 181 -30.39 24.81 -33.96
C THR E 181 -31.69 24.00 -33.99
N ASN E 182 -32.79 24.65 -33.61
CA ASN E 182 -34.13 24.04 -33.68
C ASN E 182 -34.50 23.68 -35.11
N GLN E 183 -34.07 24.52 -36.05
CA GLN E 183 -34.28 24.27 -37.46
C GLN E 183 -33.63 22.95 -37.89
N GLU E 184 -32.41 22.70 -37.41
CA GLU E 184 -31.68 21.45 -37.68
C GLU E 184 -32.40 20.23 -37.08
N GLN E 185 -32.77 20.35 -35.81
CA GLN E 185 -33.54 19.33 -35.09
C GLN E 185 -34.78 18.91 -35.87
N THR E 186 -35.61 19.88 -36.26
CA THR E 186 -36.90 19.56 -36.91
C THR E 186 -36.69 19.05 -38.34
N SER E 187 -35.73 19.66 -39.04
CA SER E 187 -35.40 19.26 -40.41
C SER E 187 -34.95 17.79 -40.49
N LEU E 188 -34.13 17.37 -39.54
CA LEU E 188 -33.62 15.97 -39.51
C LEU E 188 -34.57 14.97 -38.85
N TYR E 189 -35.21 15.35 -37.74
CA TYR E 189 -35.96 14.39 -36.90
C TYR E 189 -37.45 14.71 -36.68
N VAL E 190 -37.96 15.76 -37.32
CA VAL E 190 -39.38 16.19 -37.23
C VAL E 190 -39.78 16.69 -35.85
N GLN E 191 -39.76 15.79 -34.86
CA GLN E 191 -40.08 16.14 -33.48
C GLN E 191 -39.12 17.24 -33.01
N ALA E 192 -39.64 18.19 -32.24
CA ALA E 192 -38.87 19.34 -31.76
C ALA E 192 -37.88 18.95 -30.65
N SER E 193 -38.14 17.82 -29.99
CA SER E 193 -37.26 17.30 -28.98
C SER E 193 -37.19 15.78 -29.09
N GLY E 194 -35.99 15.24 -29.32
CA GLY E 194 -35.80 13.81 -29.42
C GLY E 194 -35.55 13.13 -28.10
N ARG E 195 -35.24 11.85 -28.18
CA ARG E 195 -35.12 11.01 -27.00
C ARG E 195 -34.51 9.69 -27.42
N VAL E 196 -33.56 9.20 -26.65
CA VAL E 196 -33.00 7.86 -26.87
C VAL E 196 -32.98 7.10 -25.56
N THR E 197 -33.70 5.98 -25.53
CA THR E 197 -33.74 5.07 -24.39
C THR E 197 -33.22 3.72 -24.86
N VAL E 198 -32.12 3.29 -24.25
CA VAL E 198 -31.51 2.00 -24.52
C VAL E 198 -31.51 1.22 -23.22
N SER E 199 -32.00 -0.01 -23.25
CA SER E 199 -32.20 -0.78 -22.02
C SER E 199 -32.00 -2.28 -22.19
N THR E 200 -31.73 -2.91 -21.06
CA THR E 200 -31.72 -4.35 -20.91
C THR E 200 -32.72 -4.68 -19.80
N ARG E 201 -32.79 -5.95 -19.37
CA ARG E 201 -33.61 -6.31 -18.21
C ARG E 201 -33.10 -5.64 -16.94
N ARG E 202 -31.79 -5.42 -16.87
CA ARG E 202 -31.09 -5.01 -15.65
C ARG E 202 -30.84 -3.50 -15.54
N SER E 203 -30.74 -2.80 -16.66
CA SER E 203 -30.36 -1.39 -16.67
C SER E 203 -31.09 -0.63 -17.74
N GLN E 204 -31.04 0.69 -17.65
CA GLN E 204 -31.53 1.57 -18.70
C GLN E 204 -30.75 2.88 -18.69
N GLN E 205 -30.59 3.44 -19.87
CA GLN E 205 -29.97 4.75 -20.06
C GLN E 205 -30.96 5.53 -20.89
N THR E 206 -31.39 6.71 -20.45
CA THR E 206 -32.14 7.59 -21.33
C THR E 206 -31.44 8.93 -21.46
N ILE E 207 -31.26 9.36 -22.71
CA ILE E 207 -30.52 10.56 -23.03
C ILE E 207 -31.46 11.48 -23.80
N ILE E 208 -31.52 12.74 -23.37
CA ILE E 208 -32.27 13.79 -24.06
C ILE E 208 -31.24 14.59 -24.82
N PRO E 209 -31.46 14.84 -26.13
CA PRO E 209 -30.54 15.71 -26.84
C PRO E 209 -30.68 17.16 -26.38
N ASN E 210 -29.55 17.85 -26.34
CA ASN E 210 -29.51 19.29 -26.13
C ASN E 210 -29.16 20.05 -27.40
N ILE E 211 -30.01 21.02 -27.71
CA ILE E 211 -29.84 21.83 -28.90
C ILE E 211 -29.04 23.08 -28.54
N GLY E 212 -28.08 23.44 -29.38
CA GLY E 212 -27.20 24.58 -29.14
C GLY E 212 -25.89 24.46 -29.88
N SER E 213 -25.24 25.60 -30.13
CA SER E 213 -23.93 25.59 -30.78
C SER E 213 -22.87 25.15 -29.79
N ARG E 214 -21.94 24.36 -30.33
CA ARG E 214 -20.68 24.02 -29.70
C ARG E 214 -19.62 24.60 -30.62
N PRO E 215 -18.33 24.61 -30.20
CA PRO E 215 -17.37 25.24 -31.09
C PRO E 215 -17.29 24.47 -32.38
N TRP E 216 -17.06 25.19 -33.46
CA TRP E 216 -16.98 24.64 -34.80
C TRP E 216 -15.75 23.72 -34.91
N VAL E 217 -15.99 22.45 -35.23
CA VAL E 217 -14.94 21.46 -35.40
C VAL E 217 -15.25 20.68 -36.66
N ARG E 218 -14.27 20.58 -37.55
CA ARG E 218 -14.43 19.86 -38.83
C ARG E 218 -15.81 20.13 -39.45
N GLN E 219 -16.18 21.41 -39.54
CA GLN E 219 -17.40 21.90 -40.22
C GLN E 219 -18.76 21.83 -39.50
N ALA E 220 -18.80 21.35 -38.24
CA ALA E 220 -20.07 21.28 -37.51
C ALA E 220 -19.91 21.96 -36.16
N SER E 221 -20.94 22.72 -35.81
CA SER E 221 -21.18 23.14 -34.45
C SER E 221 -21.99 22.12 -33.69
N SER E 222 -22.53 21.11 -34.37
CA SER E 222 -23.24 20.02 -33.72
C SER E 222 -22.28 18.99 -33.17
N ARG E 223 -22.82 18.04 -32.42
CA ARG E 223 -22.03 16.97 -31.80
C ARG E 223 -22.78 15.66 -31.73
N ILE E 224 -22.04 14.58 -31.62
CA ILE E 224 -22.61 13.30 -31.25
C ILE E 224 -22.02 12.89 -29.91
N SER E 225 -22.87 12.41 -29.00
CA SER E 225 -22.38 11.86 -27.74
C SER E 225 -22.49 10.35 -27.83
N ILE E 226 -21.42 9.68 -27.41
CA ILE E 226 -21.29 8.24 -27.51
C ILE E 226 -21.53 7.55 -26.18
N TYR E 227 -22.37 6.51 -26.22
CA TYR E 227 -22.72 5.67 -25.08
C TYR E 227 -22.48 4.21 -25.40
N TRP E 228 -22.51 3.37 -24.37
CA TRP E 228 -22.35 1.96 -24.53
C TRP E 228 -23.25 1.15 -23.60
N THR E 229 -23.54 -0.07 -24.01
CA THR E 229 -24.41 -0.98 -23.27
C THR E 229 -23.89 -2.40 -23.48
N ILE E 230 -23.64 -3.11 -22.39
CA ILE E 230 -23.25 -4.51 -22.44
C ILE E 230 -24.48 -5.38 -22.22
N VAL E 231 -24.64 -6.38 -23.08
CA VAL E 231 -25.75 -7.33 -22.97
C VAL E 231 -25.21 -8.74 -22.69
N LYS E 232 -25.59 -9.28 -21.54
CA LYS E 232 -25.13 -10.61 -21.12
C LYS E 232 -25.95 -11.70 -21.80
N PRO E 233 -25.42 -12.94 -21.86
CA PRO E 233 -26.18 -14.08 -22.38
C PRO E 233 -27.52 -14.21 -21.68
N GLY E 234 -28.58 -14.35 -22.48
CA GLY E 234 -29.94 -14.49 -21.96
C GLY E 234 -30.67 -13.18 -21.78
N ASP E 235 -29.96 -12.06 -21.87
CA ASP E 235 -30.58 -10.75 -21.73
C ASP E 235 -30.96 -10.25 -23.13
N VAL E 236 -31.53 -9.06 -23.20
CA VAL E 236 -32.06 -8.52 -24.44
C VAL E 236 -31.81 -7.02 -24.46
N LEU E 237 -31.47 -6.49 -25.64
CA LEU E 237 -31.31 -5.05 -25.83
C LEU E 237 -32.62 -4.52 -26.38
N VAL E 238 -33.07 -3.38 -25.88
CA VAL E 238 -34.16 -2.66 -26.49
C VAL E 238 -33.71 -1.24 -26.73
N ILE E 239 -34.02 -0.72 -27.91
CA ILE E 239 -33.71 0.66 -28.28
C ILE E 239 -35.03 1.31 -28.65
N ASN E 240 -35.30 2.46 -28.03
CA ASN E 240 -36.54 3.19 -28.23
C ASN E 240 -36.20 4.65 -28.44
N SER E 241 -36.66 5.24 -29.54
CA SER E 241 -36.32 6.62 -29.85
C SER E 241 -37.34 7.28 -30.76
N ASN E 242 -37.67 8.55 -30.48
CA ASN E 242 -38.48 9.37 -31.37
C ASN E 242 -37.63 10.48 -32.02
N GLY E 243 -36.31 10.28 -32.07
CA GLY E 243 -35.42 11.22 -32.72
C GLY E 243 -34.04 11.23 -32.10
N ASN E 244 -33.05 11.54 -32.94
CA ASN E 244 -31.66 11.83 -32.57
C ASN E 244 -30.80 10.59 -32.30
N LEU E 245 -31.35 9.40 -32.56
CA LEU E 245 -30.62 8.15 -32.40
C LEU E 245 -29.52 8.04 -33.44
N ILE E 246 -28.32 7.76 -32.95
CA ILE E 246 -27.21 7.27 -33.76
C ILE E 246 -27.10 5.80 -33.42
N ALA E 247 -27.59 4.96 -34.30
CA ALA E 247 -27.88 3.57 -34.01
C ALA E 247 -26.66 2.69 -34.16
N PRO E 248 -26.56 1.62 -33.35
CA PRO E 248 -25.52 0.62 -33.56
C PRO E 248 -25.83 -0.21 -34.81
N ARG E 249 -24.79 -0.70 -35.47
CA ARG E 249 -24.96 -1.65 -36.59
C ARG E 249 -24.82 -3.12 -36.16
N GLY E 250 -24.55 -3.34 -34.88
CA GLY E 250 -24.19 -4.64 -34.38
C GLY E 250 -23.48 -4.48 -33.05
N TYR E 251 -22.66 -5.46 -32.69
CA TYR E 251 -21.97 -5.46 -31.41
C TYR E 251 -20.53 -5.84 -31.57
N PHE E 252 -19.74 -5.46 -30.57
CA PHE E 252 -18.37 -5.90 -30.44
C PHE E 252 -18.34 -7.09 -29.49
N LYS E 253 -17.54 -8.07 -29.85
CA LYS E 253 -17.35 -9.24 -29.04
C LYS E 253 -16.38 -8.87 -27.89
N MET E 254 -16.72 -9.20 -26.66
CA MET E 254 -15.85 -8.92 -25.52
C MET E 254 -15.07 -10.14 -25.08
N ARG E 255 -13.83 -9.92 -24.68
CA ARG E 255 -12.97 -10.95 -24.07
C ARG E 255 -12.43 -10.46 -22.74
N THR E 256 -11.86 -11.39 -21.98
CA THR E 256 -11.09 -11.05 -20.79
C THR E 256 -9.72 -11.70 -21.01
N GLY E 257 -8.68 -11.10 -20.45
CA GLY E 257 -7.32 -11.57 -20.62
C GLY E 257 -6.31 -10.50 -20.23
N LYS E 258 -5.16 -10.51 -20.88
CA LYS E 258 -3.99 -9.69 -20.52
C LYS E 258 -3.88 -8.36 -21.30
N SER E 259 -4.91 -7.98 -22.07
CA SER E 259 -4.79 -6.82 -22.95
C SER E 259 -4.86 -5.49 -22.20
N SER E 260 -4.11 -4.51 -22.69
CA SER E 260 -4.12 -3.16 -22.14
C SER E 260 -3.82 -2.13 -23.25
N ILE E 261 -3.59 -0.90 -22.83
CA ILE E 261 -3.29 0.22 -23.71
C ILE E 261 -2.23 1.07 -23.04
N MET E 262 -1.40 1.73 -23.85
CA MET E 262 -0.31 2.60 -23.35
C MET E 262 -0.11 3.78 -24.30
N ARG E 263 0.12 4.96 -23.72
CA ARG E 263 0.48 6.17 -24.47
C ARG E 263 1.99 6.22 -24.58
N SER E 264 2.50 6.23 -25.82
CA SER E 264 3.94 6.21 -26.06
C SER E 264 4.22 6.61 -27.48
N ASP E 265 5.34 7.32 -27.67
CA ASP E 265 5.85 7.61 -28.97
C ASP E 265 7.10 6.81 -29.32
N ALA E 266 7.43 5.81 -28.50
CA ALA E 266 8.62 5.00 -28.79
C ALA E 266 8.39 4.13 -30.04
N PRO E 267 9.36 4.06 -30.95
CA PRO E 267 9.15 3.18 -32.10
C PRO E 267 9.14 1.68 -31.72
N ILE E 268 8.42 0.89 -32.52
CA ILE E 268 8.36 -0.55 -32.36
C ILE E 268 9.51 -1.18 -33.16
N ASP E 269 10.20 -2.13 -32.55
CA ASP E 269 11.40 -2.73 -33.13
C ASP E 269 11.33 -4.24 -32.99
N THR E 270 12.14 -4.94 -33.77
CA THR E 270 12.25 -6.38 -33.71
C THR E 270 13.20 -6.81 -32.59
N CYS E 271 12.64 -7.30 -31.50
CA CYS E 271 13.42 -7.79 -30.37
C CYS E 271 12.44 -8.47 -29.42
N ILE E 272 12.95 -9.03 -28.34
CA ILE E 272 12.16 -9.73 -27.35
C ILE E 272 12.37 -9.05 -26.00
N SER E 273 11.27 -8.57 -25.39
CA SER E 273 11.30 -8.06 -24.04
C SER E 273 9.96 -8.23 -23.35
N GLU E 274 9.97 -8.87 -22.19
CA GLU E 274 8.76 -9.07 -21.41
C GLU E 274 8.17 -7.73 -20.92
N CYS E 275 9.04 -6.80 -20.52
CA CYS E 275 8.61 -5.54 -19.89
C CYS E 275 8.62 -4.35 -20.84
N ILE E 276 7.50 -3.64 -20.88
CA ILE E 276 7.34 -2.47 -21.74
C ILE E 276 7.00 -1.27 -20.87
N THR E 277 7.65 -0.15 -21.15
CA THR E 277 7.33 1.14 -20.57
C THR E 277 7.09 2.09 -21.74
N PRO E 278 6.50 3.27 -21.49
CA PRO E 278 6.36 4.29 -22.53
C PRO E 278 7.69 4.79 -23.12
N ASN E 279 8.76 4.68 -22.34
CA ASN E 279 10.11 5.02 -22.78
C ASN E 279 10.69 3.97 -23.72
N GLY E 280 10.10 2.78 -23.73
CA GLY E 280 10.60 1.63 -24.45
C GLY E 280 10.67 0.43 -23.53
N SER E 281 11.01 -0.71 -24.13
CA SER E 281 11.19 -1.95 -23.39
C SER E 281 12.35 -1.82 -22.43
N ILE E 282 12.29 -2.55 -21.32
CA ILE E 282 13.43 -2.60 -20.39
C ILE E 282 13.68 -4.02 -19.97
N PRO E 283 14.94 -4.35 -19.66
CA PRO E 283 15.20 -5.68 -19.13
C PRO E 283 14.52 -5.87 -17.79
N ASN E 284 14.23 -7.11 -17.43
CA ASN E 284 13.61 -7.45 -16.16
C ASN E 284 14.45 -8.39 -15.28
N ASP E 285 15.77 -8.36 -15.43
CA ASP E 285 16.66 -9.12 -14.55
C ASP E 285 16.78 -8.50 -13.15
N LYS E 286 16.60 -7.19 -13.04
CA LYS E 286 16.68 -6.51 -11.74
C LYS E 286 15.29 -6.40 -11.08
N PRO E 287 15.24 -6.41 -9.74
CA PRO E 287 13.95 -6.39 -9.06
C PRO E 287 13.26 -5.00 -9.03
N PHE E 288 14.02 -3.93 -9.23
CA PHE E 288 13.49 -2.58 -9.20
C PHE E 288 13.84 -1.83 -10.50
N GLN E 289 13.09 -0.76 -10.74
CA GLN E 289 13.34 0.11 -11.88
C GLN E 289 12.85 1.52 -11.58
N ASN E 290 13.51 2.47 -12.24
CA ASN E 290 13.30 3.90 -12.07
C ASN E 290 13.00 4.54 -13.43
N VAL E 291 12.68 3.72 -14.44
CA VAL E 291 12.44 4.23 -15.78
C VAL E 291 11.07 4.90 -15.86
N ASN E 292 10.02 4.18 -15.46
CA ASN E 292 8.67 4.72 -15.54
C ASN E 292 7.73 3.90 -14.67
N LYS E 293 6.87 4.60 -13.97
CA LYS E 293 5.85 3.95 -13.16
C LYS E 293 4.78 3.29 -14.03
N ILE E 294 4.64 3.72 -15.27
CA ILE E 294 3.76 3.05 -16.22
C ILE E 294 4.52 1.90 -16.85
N THR E 295 4.06 0.68 -16.60
CA THR E 295 4.65 -0.51 -17.21
C THR E 295 3.56 -1.51 -17.66
N TYR E 296 3.98 -2.44 -18.52
CA TYR E 296 3.18 -3.55 -18.99
C TYR E 296 4.08 -4.78 -19.09
N GLY E 297 3.64 -5.87 -18.47
CA GLY E 297 4.31 -7.17 -18.56
C GLY E 297 5.08 -7.51 -17.30
N ALA E 298 5.97 -8.48 -17.43
CA ALA E 298 6.78 -8.94 -16.29
C ALA E 298 7.90 -7.92 -16.08
N CYS E 299 7.70 -7.03 -15.12
CA CYS E 299 8.54 -5.85 -14.95
C CYS E 299 9.14 -5.77 -13.54
N PRO E 300 10.34 -5.16 -13.41
CA PRO E 300 10.79 -4.72 -12.09
C PRO E 300 9.79 -3.72 -11.51
N LYS E 301 9.77 -3.61 -10.19
CA LYS E 301 8.87 -2.72 -9.50
C LYS E 301 9.43 -1.29 -9.51
N TYR E 302 8.57 -0.33 -9.78
CA TYR E 302 9.00 1.07 -9.81
C TYR E 302 9.36 1.59 -8.42
N VAL E 303 10.53 2.23 -8.31
CA VAL E 303 10.99 2.89 -7.10
C VAL E 303 11.54 4.26 -7.46
N LYS E 304 11.70 5.12 -6.47
CA LYS E 304 12.21 6.47 -6.67
C LYS E 304 13.73 6.52 -6.77
N GLN E 305 14.44 5.56 -6.17
CA GLN E 305 15.90 5.58 -6.20
C GLN E 305 16.39 5.29 -7.63
N ASN E 306 17.43 5.98 -8.07
CA ASN E 306 18.03 5.70 -9.39
C ASN E 306 19.15 4.66 -9.32
N THR E 307 19.60 4.34 -8.11
CA THR E 307 20.57 3.27 -7.90
C THR E 307 20.40 2.67 -6.50
N LEU E 308 20.52 1.34 -6.43
CA LEU E 308 20.63 0.63 -5.17
C LEU E 308 21.61 -0.51 -5.36
N LYS E 309 22.70 -0.49 -4.59
CA LYS E 309 23.78 -1.48 -4.70
C LYS E 309 23.64 -2.58 -3.67
N LEU E 310 23.56 -3.82 -4.15
CA LEU E 310 23.61 -4.99 -3.29
C LEU E 310 25.06 -5.44 -3.24
N ALA E 311 25.64 -5.45 -2.04
CA ALA E 311 26.99 -5.95 -1.82
C ALA E 311 27.08 -7.41 -2.23
N THR E 312 28.09 -7.72 -3.04
CA THR E 312 28.37 -9.08 -3.47
C THR E 312 29.77 -9.52 -3.03
N GLY E 313 30.32 -8.81 -2.03
CA GLY E 313 31.61 -9.17 -1.47
C GLY E 313 31.83 -8.58 -0.10
N MET E 314 32.95 -8.97 0.50
CA MET E 314 33.33 -8.50 1.82
C MET E 314 33.71 -7.03 1.83
N ARG E 315 33.84 -6.53 3.04
CA ARG E 315 34.44 -5.24 3.34
C ARG E 315 35.83 -5.12 2.69
N ASN E 316 36.08 -4.04 1.94
CA ASN E 316 37.35 -3.85 1.22
C ASN E 316 38.27 -2.98 2.06
N VAL E 317 39.38 -3.57 2.49
CA VAL E 317 40.35 -2.92 3.38
C VAL E 317 41.70 -2.94 2.68
N PRO E 318 42.06 -1.82 2.02
CA PRO E 318 43.44 -1.70 1.54
C PRO E 318 44.46 -1.50 2.67
N GLU E 319 45.72 -1.87 2.46
CA GLU E 319 46.74 -1.61 3.50
C GLU E 319 46.86 -0.10 3.76
N LYS E 320 47.27 0.26 4.98
CA LYS E 320 47.42 1.67 5.36
C LYS E 320 48.24 2.39 4.29
N GLN E 321 47.72 3.50 3.80
CA GLN E 321 48.36 4.18 2.67
C GLN E 321 49.54 5.03 3.15
N THR E 322 50.67 4.89 2.47
CA THR E 322 51.89 5.61 2.81
C THR E 322 52.04 6.96 2.09
N ARG E 323 51.05 7.36 1.30
CA ARG E 323 51.09 8.65 0.58
C ARG E 323 49.69 9.16 0.23
N GLY F 1 32.62 -5.37 11.50
CA GLY F 1 31.61 -6.47 11.61
C GLY F 1 31.50 -7.07 13.00
N LEU F 2 30.50 -7.93 13.16
CA LEU F 2 30.18 -8.53 14.46
C LEU F 2 31.29 -9.40 15.05
N PHE F 3 32.13 -9.97 14.18
CA PHE F 3 33.15 -10.90 14.60
C PHE F 3 34.53 -10.30 14.83
N GLY F 4 34.74 -9.09 14.34
CA GLY F 4 35.95 -8.31 14.64
C GLY F 4 37.20 -8.79 13.94
N ALA F 5 37.08 -9.54 12.85
CA ALA F 5 38.25 -10.01 12.11
C ALA F 5 38.55 -9.07 10.97
N ILE F 6 37.65 -9.01 9.98
CA ILE F 6 37.83 -8.16 8.81
C ILE F 6 37.64 -6.71 9.27
N ALA F 7 38.61 -5.86 8.95
CA ALA F 7 38.71 -4.51 9.50
C ALA F 7 38.73 -4.53 11.03
N GLY F 8 39.31 -5.57 11.60
CA GLY F 8 39.36 -5.75 13.05
C GLY F 8 40.76 -6.17 13.44
N PHE F 9 40.91 -7.36 14.02
CA PHE F 9 42.23 -7.85 14.43
C PHE F 9 43.12 -8.23 13.22
N ILE F 10 42.53 -8.40 12.05
CA ILE F 10 43.29 -8.46 10.79
C ILE F 10 43.32 -7.05 10.24
N GLU F 11 44.51 -6.46 10.25
CA GLU F 11 44.71 -5.05 9.90
C GLU F 11 44.16 -4.66 8.54
N ASN F 12 44.42 -5.49 7.55
CA ASN F 12 43.97 -5.20 6.20
C ASN F 12 43.91 -6.44 5.32
N GLY F 13 43.34 -6.25 4.14
CA GLY F 13 43.27 -7.27 3.11
C GLY F 13 44.53 -7.35 2.27
N TRP F 14 44.56 -8.39 1.43
CA TRP F 14 45.69 -8.69 0.56
C TRP F 14 45.26 -8.48 -0.89
N GLU F 15 45.72 -7.39 -1.51
CA GLU F 15 45.47 -7.18 -2.94
C GLU F 15 46.12 -8.27 -3.80
N GLY F 16 47.26 -8.79 -3.33
CA GLY F 16 47.98 -9.87 -3.99
C GLY F 16 47.26 -11.21 -4.08
N MET F 17 46.29 -11.46 -3.21
CA MET F 17 45.53 -12.71 -3.29
C MET F 17 44.39 -12.61 -4.32
N ILE F 18 44.65 -13.19 -5.49
CA ILE F 18 43.70 -13.14 -6.62
C ILE F 18 43.00 -14.47 -6.93
N ASP F 19 43.39 -15.55 -6.25
CA ASP F 19 42.83 -16.88 -6.49
C ASP F 19 41.87 -17.36 -5.38
N GLY F 20 41.52 -16.44 -4.48
CA GLY F 20 40.62 -16.75 -3.39
C GLY F 20 40.24 -15.53 -2.58
N TRP F 21 39.28 -15.70 -1.68
CA TRP F 21 38.77 -14.63 -0.82
C TRP F 21 39.44 -14.62 0.55
N TYR F 22 39.74 -15.81 1.05
CA TYR F 22 40.48 -16.00 2.30
C TYR F 22 41.65 -16.93 2.04
N GLY F 23 42.72 -16.77 2.80
CA GLY F 23 43.84 -17.69 2.70
C GLY F 23 44.99 -17.51 3.68
N PHE F 24 46.13 -18.08 3.31
CA PHE F 24 47.30 -18.22 4.19
C PHE F 24 48.53 -17.54 3.63
N ARG F 25 49.25 -16.82 4.49
CA ARG F 25 50.63 -16.40 4.23
C ARG F 25 51.54 -16.95 5.33
N HIS F 26 52.71 -17.45 4.92
CA HIS F 26 53.64 -18.09 5.85
C HIS F 26 55.07 -17.62 5.66
N GLN F 27 55.84 -17.66 6.75
CA GLN F 27 57.29 -17.55 6.70
C GLN F 27 57.90 -18.73 7.48
N ASN F 28 58.79 -19.48 6.83
CA ASN F 28 59.50 -20.60 7.46
C ASN F 28 60.97 -20.60 7.04
N SER F 29 61.69 -21.67 7.40
CA SER F 29 63.06 -21.92 6.92
C SER F 29 63.25 -21.70 5.41
N GLU F 30 62.33 -22.25 4.61
CA GLU F 30 62.42 -22.23 3.14
C GLU F 30 61.97 -20.94 2.43
N GLY F 31 61.53 -19.93 3.19
CA GLY F 31 61.11 -18.64 2.63
C GLY F 31 59.65 -18.31 2.89
N THR F 32 59.09 -17.42 2.08
CA THR F 32 57.67 -17.01 2.22
C THR F 32 56.82 -17.44 1.03
N GLY F 33 55.50 -17.49 1.26
CA GLY F 33 54.54 -17.92 0.25
C GLY F 33 53.10 -17.70 0.63
N GLN F 34 52.23 -17.83 -0.35
CA GLN F 34 50.80 -17.49 -0.22
C GLN F 34 49.93 -18.54 -0.89
N ALA F 35 48.80 -18.88 -0.28
CA ALA F 35 47.81 -19.79 -0.87
C ALA F 35 46.39 -19.46 -0.43
N ALA F 36 45.44 -19.56 -1.36
CA ALA F 36 44.02 -19.39 -1.08
C ALA F 36 43.46 -20.58 -0.33
N ASP F 37 42.53 -20.34 0.60
CA ASP F 37 41.70 -21.40 1.19
C ASP F 37 40.40 -21.47 0.42
N LEU F 38 40.15 -22.61 -0.21
CA LEU F 38 39.05 -22.80 -1.14
C LEU F 38 37.71 -22.97 -0.40
N LYS F 39 37.69 -23.72 0.70
CA LYS F 39 36.45 -24.06 1.41
C LYS F 39 35.76 -22.83 1.98
N SER F 40 36.53 -22.00 2.69
CA SER F 40 36.03 -20.76 3.26
C SER F 40 35.60 -19.78 2.16
N THR F 41 36.42 -19.66 1.11
CA THR F 41 36.11 -18.82 -0.06
C THR F 41 34.76 -19.22 -0.68
N GLN F 42 34.58 -20.52 -0.89
CA GLN F 42 33.37 -21.04 -1.50
C GLN F 42 32.14 -20.86 -0.60
N ALA F 43 32.32 -21.01 0.71
CA ALA F 43 31.22 -20.81 1.66
C ALA F 43 30.66 -19.38 1.62
N ALA F 44 31.55 -18.39 1.54
CA ALA F 44 31.13 -17.00 1.40
C ALA F 44 30.43 -16.78 0.07
N ILE F 45 31.05 -17.26 -1.02
CA ILE F 45 30.51 -17.09 -2.36
C ILE F 45 29.14 -17.77 -2.52
N ASP F 46 29.00 -19.00 -2.02
CA ASP F 46 27.72 -19.71 -2.11
C ASP F 46 26.61 -18.97 -1.37
N GLN F 47 26.93 -18.41 -0.20
CA GLN F 47 25.95 -17.68 0.58
C GLN F 47 25.55 -16.37 -0.13
N ILE F 48 26.51 -15.71 -0.76
CA ILE F 48 26.23 -14.48 -1.49
C ILE F 48 25.45 -14.75 -2.78
N ASN F 49 25.84 -15.80 -3.51
CA ASN F 49 25.04 -16.26 -4.66
C ASN F 49 23.62 -16.59 -4.25
N GLY F 50 23.47 -17.31 -3.14
CA GLY F 50 22.16 -17.62 -2.59
C GLY F 50 21.29 -16.39 -2.40
N LYS F 51 21.81 -15.37 -1.69
CA LYS F 51 21.01 -14.15 -1.47
C LYS F 51 20.77 -13.36 -2.75
N LEU F 52 21.75 -13.35 -3.64
CA LEU F 52 21.59 -12.69 -4.94
C LEU F 52 20.42 -13.31 -5.71
N ASN F 53 20.40 -14.64 -5.81
CA ASN F 53 19.34 -15.32 -6.54
C ASN F 53 17.96 -15.16 -5.90
N ARG F 54 17.90 -15.03 -4.58
CA ARG F 54 16.63 -14.75 -3.89
C ARG F 54 16.11 -13.35 -4.21
N VAL F 55 17.01 -12.38 -4.24
CA VAL F 55 16.67 -10.97 -4.50
C VAL F 55 16.24 -10.71 -5.94
N ILE F 56 16.93 -11.30 -6.92
CA ILE F 56 16.58 -11.10 -8.35
C ILE F 56 15.50 -12.08 -8.87
N GLU F 57 14.86 -12.79 -7.95
CA GLU F 57 13.79 -13.75 -8.24
C GLU F 57 12.59 -12.96 -8.74
N LYS F 58 12.32 -13.03 -10.05
CA LYS F 58 11.17 -12.35 -10.70
C LYS F 58 9.84 -12.52 -9.95
N THR F 59 9.37 -11.45 -9.30
CA THR F 59 8.16 -11.49 -8.45
C THR F 59 6.86 -11.15 -9.20
N ASN F 60 6.90 -10.26 -10.20
CA ASN F 60 5.63 -9.70 -10.72
C ASN F 60 5.48 -9.44 -12.22
N GLU F 61 4.25 -9.66 -12.66
CA GLU F 61 3.81 -9.47 -14.01
C GLU F 61 2.42 -8.83 -13.94
N LYS F 62 2.29 -7.64 -14.52
CA LYS F 62 1.06 -6.86 -14.48
C LYS F 62 0.69 -6.42 -15.88
N PHE F 63 -0.62 -6.36 -16.13
CA PHE F 63 -1.15 -6.07 -17.45
C PHE F 63 -1.98 -4.79 -17.39
N HIS F 64 -3.30 -4.86 -17.50
CA HIS F 64 -4.11 -3.65 -17.38
C HIS F 64 -4.19 -3.19 -15.92
N GLN F 65 -3.87 -1.92 -15.70
CA GLN F 65 -3.76 -1.34 -14.37
C GLN F 65 -4.60 -0.06 -14.33
N ILE F 66 -4.17 0.95 -13.61
CA ILE F 66 -4.81 2.25 -13.65
C ILE F 66 -3.92 3.20 -14.49
N GLU F 67 -4.54 4.27 -14.97
CA GLU F 67 -3.81 5.36 -15.58
C GLU F 67 -3.02 6.10 -14.49
N LYS F 68 -1.88 6.64 -14.88
CA LYS F 68 -0.93 7.28 -13.99
C LYS F 68 -0.46 8.66 -14.42
N GLU F 69 -0.84 9.07 -15.64
CA GLU F 69 -0.65 10.41 -16.15
C GLU F 69 -1.96 10.87 -16.74
N PHE F 70 -2.20 12.17 -16.70
CA PHE F 70 -3.51 12.72 -16.99
C PHE F 70 -3.34 14.01 -17.75
N SER F 71 -4.07 14.18 -18.83
CA SER F 71 -4.00 15.39 -19.64
C SER F 71 -4.99 16.47 -19.21
N GLU F 72 -5.99 16.12 -18.39
CA GLU F 72 -7.00 17.10 -17.90
C GLU F 72 -7.10 17.09 -16.36
N VAL F 73 -7.46 18.23 -15.80
CA VAL F 73 -7.79 18.37 -14.39
C VAL F 73 -9.17 17.76 -14.17
N GLU F 74 -9.29 16.85 -13.21
CA GLU F 74 -10.60 16.23 -12.90
C GLU F 74 -11.07 16.28 -11.44
N GLY F 75 -10.17 16.48 -10.50
CA GLY F 75 -10.52 16.48 -9.09
C GLY F 75 -10.50 15.11 -8.44
N ARG F 76 -11.59 14.79 -7.74
CA ARG F 76 -11.63 13.72 -6.72
C ARG F 76 -11.10 12.34 -7.19
N ILE F 77 -11.60 11.85 -8.31
CA ILE F 77 -11.20 10.53 -8.79
C ILE F 77 -9.71 10.51 -9.16
N GLN F 78 -9.25 11.58 -9.81
CA GLN F 78 -7.84 11.67 -10.19
C GLN F 78 -6.95 11.87 -8.99
N ASP F 79 -7.39 12.65 -8.00
CA ASP F 79 -6.66 12.78 -6.74
C ASP F 79 -6.40 11.40 -6.15
N LEU F 80 -7.42 10.54 -6.18
CA LEU F 80 -7.33 9.22 -5.58
C LEU F 80 -6.41 8.29 -6.38
N GLU F 81 -6.54 8.32 -7.70
CA GLU F 81 -5.67 7.53 -8.56
C GLU F 81 -4.20 7.88 -8.37
N LYS F 82 -3.88 9.17 -8.30
CA LYS F 82 -2.50 9.62 -8.05
C LYS F 82 -2.01 9.23 -6.68
N TYR F 83 -2.86 9.41 -5.67
CA TYR F 83 -2.49 9.08 -4.29
C TYR F 83 -2.26 7.59 -4.13
N VAL F 84 -3.09 6.76 -4.76
CA VAL F 84 -2.90 5.30 -4.71
C VAL F 84 -1.52 4.93 -5.26
N GLU F 85 -1.16 5.50 -6.40
CA GLU F 85 0.12 5.19 -7.03
C GLU F 85 1.30 5.74 -6.24
N ASP F 86 1.18 6.99 -5.80
CA ASP F 86 2.24 7.62 -5.01
C ASP F 86 2.49 6.82 -3.72
N THR F 87 1.41 6.39 -3.08
CA THR F 87 1.49 5.54 -1.89
C THR F 87 2.23 4.22 -2.14
N LYS F 88 1.86 3.57 -3.22
CA LYS F 88 2.48 2.33 -3.65
C LYS F 88 3.97 2.50 -3.89
N ILE F 89 4.32 3.52 -4.65
CA ILE F 89 5.72 3.78 -5.00
C ILE F 89 6.57 4.04 -3.76
N ASP F 90 6.05 4.83 -2.81
CA ASP F 90 6.79 5.10 -1.59
C ASP F 90 7.00 3.85 -0.76
N LEU F 91 5.99 2.99 -0.69
CA LEU F 91 6.12 1.74 0.04
C LEU F 91 7.15 0.80 -0.61
N TRP F 92 7.10 0.69 -1.93
CA TRP F 92 8.10 -0.12 -2.64
C TRP F 92 9.50 0.47 -2.51
N SER F 93 9.61 1.80 -2.58
CA SER F 93 10.92 2.48 -2.42
C SER F 93 11.50 2.21 -1.03
N TYR F 94 10.65 2.25 -0.02
CA TYR F 94 11.06 1.88 1.34
C TYR F 94 11.50 0.42 1.41
N ASN F 95 10.73 -0.50 0.83
CA ASN F 95 11.12 -1.90 0.85
C ASN F 95 12.49 -2.08 0.23
N ALA F 96 12.72 -1.42 -0.90
CA ALA F 96 13.99 -1.55 -1.61
C ALA F 96 15.15 -1.02 -0.74
N GLU F 97 14.96 0.14 -0.13
CA GLU F 97 15.99 0.75 0.73
C GLU F 97 16.34 -0.16 1.91
N LEU F 98 15.32 -0.63 2.60
CA LEU F 98 15.47 -1.52 3.74
C LEU F 98 16.13 -2.83 3.33
N LEU F 99 15.68 -3.41 2.22
CA LEU F 99 16.24 -4.68 1.76
C LEU F 99 17.75 -4.58 1.60
N VAL F 100 18.22 -3.57 0.91
CA VAL F 100 19.65 -3.43 0.63
C VAL F 100 20.45 -3.20 1.91
N ALA F 101 19.90 -2.38 2.79
CA ALA F 101 20.53 -2.10 4.08
C ALA F 101 20.73 -3.39 4.90
N LEU F 102 19.67 -4.18 5.05
CA LEU F 102 19.74 -5.44 5.80
C LEU F 102 20.65 -6.45 5.12
N GLU F 103 20.49 -6.60 3.81
CA GLU F 103 21.29 -7.53 3.04
C GLU F 103 22.76 -7.22 3.21
N ASN F 104 23.11 -5.94 3.13
CA ASN F 104 24.52 -5.53 3.10
C ASN F 104 25.19 -5.62 4.47
N GLN F 105 24.47 -5.21 5.50
CA GLN F 105 24.92 -5.44 6.88
C GLN F 105 25.24 -6.91 7.10
N HIS F 106 24.32 -7.78 6.67
CA HIS F 106 24.46 -9.21 6.80
C HIS F 106 25.61 -9.77 5.96
N THR F 107 25.80 -9.26 4.76
CA THR F 107 26.87 -9.73 3.87
C THR F 107 28.24 -9.41 4.48
N ILE F 108 28.37 -8.21 5.05
CA ILE F 108 29.59 -7.83 5.75
C ILE F 108 29.81 -8.73 6.98
N ASP F 109 28.77 -8.95 7.78
CA ASP F 109 28.89 -9.82 8.95
C ASP F 109 29.19 -11.27 8.60
N LEU F 110 28.61 -11.78 7.51
CA LEU F 110 28.84 -13.18 7.16
C LEU F 110 30.24 -13.40 6.58
N THR F 111 30.77 -12.43 5.84
CA THR F 111 32.12 -12.51 5.33
C THR F 111 33.14 -12.40 6.45
N ASP F 112 32.86 -11.51 7.41
CA ASP F 112 33.63 -11.36 8.63
C ASP F 112 33.64 -12.66 9.41
N SER F 113 32.47 -13.27 9.53
CA SER F 113 32.28 -14.58 10.17
C SER F 113 33.11 -15.71 9.54
N GLU F 114 33.14 -15.76 8.20
CA GLU F 114 33.88 -16.83 7.52
C GLU F 114 35.38 -16.67 7.75
N MET F 115 35.87 -15.43 7.79
CA MET F 115 37.28 -15.18 8.16
C MET F 115 37.56 -15.75 9.54
N ASN F 116 36.68 -15.42 10.48
CA ASN F 116 36.80 -15.88 11.85
C ASN F 116 36.74 -17.41 11.98
N LYS F 117 35.81 -18.04 11.25
CA LYS F 117 35.69 -19.50 11.24
C LYS F 117 36.99 -20.19 10.84
N LEU F 118 37.62 -19.69 9.77
CA LEU F 118 38.88 -20.22 9.28
C LEU F 118 39.99 -20.03 10.33
N PHE F 119 40.04 -18.84 10.93
CA PHE F 119 41.03 -18.56 11.98
C PHE F 119 40.90 -19.50 13.19
N GLU F 120 39.68 -19.70 13.68
CA GLU F 120 39.42 -20.58 14.82
C GLU F 120 39.70 -22.05 14.48
N LYS F 121 39.44 -22.44 13.24
CA LYS F 121 39.69 -23.80 12.75
C LYS F 121 41.19 -24.13 12.75
N THR F 122 41.98 -23.15 12.32
CA THR F 122 43.42 -23.26 12.23
C THR F 122 44.01 -23.36 13.64
N GLY F 123 43.65 -22.41 14.50
CA GLY F 123 44.01 -22.46 15.92
C GLY F 123 43.80 -23.84 16.53
N ARG F 124 42.63 -24.42 16.27
CA ARG F 124 42.30 -25.77 16.77
C ARG F 124 43.15 -26.90 16.20
N GLN F 125 43.46 -26.82 14.91
CA GLN F 125 44.40 -27.75 14.27
C GLN F 125 45.74 -27.79 15.00
N LEU F 126 46.28 -26.61 15.25
CA LEU F 126 47.61 -26.45 15.83
C LEU F 126 47.73 -26.81 17.31
N ARG F 127 46.60 -26.93 18.01
CA ARG F 127 46.59 -27.40 19.41
C ARG F 127 47.61 -26.63 20.24
N GLU F 128 48.57 -27.31 20.88
CA GLU F 128 49.55 -26.66 21.74
C GLU F 128 50.87 -26.35 21.03
N ASN F 129 50.91 -26.56 19.71
CA ASN F 129 52.14 -26.34 18.93
C ASN F 129 52.26 -24.93 18.36
N ALA F 130 51.37 -24.01 18.73
CA ALA F 130 51.44 -22.63 18.25
C ALA F 130 50.71 -21.66 19.16
N GLU F 131 50.96 -20.36 18.96
CA GLU F 131 50.29 -19.30 19.72
C GLU F 131 49.76 -18.15 18.85
N ASP F 132 48.61 -17.62 19.26
CA ASP F 132 47.93 -16.51 18.59
C ASP F 132 48.63 -15.18 18.90
N MET F 133 49.27 -14.60 17.88
CA MET F 133 49.92 -13.29 18.04
C MET F 133 48.93 -12.13 18.20
N GLY F 134 47.66 -12.35 17.83
CA GLY F 134 46.60 -11.34 18.00
C GLY F 134 46.31 -10.45 16.79
N ASN F 135 47.04 -10.69 15.70
CA ASN F 135 46.92 -9.95 14.45
C ASN F 135 46.56 -10.89 13.30
N GLY F 136 45.94 -12.01 13.63
CA GLY F 136 45.62 -13.05 12.65
C GLY F 136 46.76 -13.97 12.27
N CYS F 137 47.90 -13.87 12.97
CA CYS F 137 49.06 -14.72 12.71
C CYS F 137 49.38 -15.64 13.89
N PHE F 138 49.63 -16.91 13.58
CA PHE F 138 50.12 -17.85 14.57
C PHE F 138 51.64 -17.93 14.51
N LYS F 139 52.27 -17.88 15.68
CA LYS F 139 53.68 -18.26 15.78
C LYS F 139 53.72 -19.76 16.03
N ILE F 140 54.31 -20.50 15.09
CA ILE F 140 54.46 -21.94 15.20
C ILE F 140 55.84 -22.21 15.80
N TYR F 141 55.88 -22.99 16.88
CA TYR F 141 57.10 -23.21 17.67
C TYR F 141 57.84 -24.50 17.28
N HIS F 142 57.97 -24.75 15.98
CA HIS F 142 58.73 -25.91 15.49
C HIS F 142 59.10 -25.75 14.02
N LYS F 143 59.95 -26.66 13.53
CA LYS F 143 60.36 -26.68 12.13
C LYS F 143 59.15 -27.08 11.29
N CYS F 144 58.66 -26.13 10.50
CA CYS F 144 57.53 -26.39 9.62
C CYS F 144 57.95 -26.05 8.19
N ASP F 145 58.54 -27.04 7.54
CA ASP F 145 58.88 -26.99 6.12
C ASP F 145 57.62 -26.97 5.23
N ASN F 146 57.80 -26.67 3.95
CA ASN F 146 56.68 -26.51 3.01
C ASN F 146 55.65 -27.65 3.02
N ALA F 147 56.13 -28.89 3.20
CA ALA F 147 55.26 -30.05 3.42
C ALA F 147 54.36 -29.87 4.64
N CYS F 148 54.95 -29.40 5.73
CA CYS F 148 54.24 -29.15 6.99
C CYS F 148 53.19 -28.03 6.86
N ILE F 149 53.52 -26.95 6.15
CA ILE F 149 52.58 -25.84 5.93
C ILE F 149 51.41 -26.37 5.11
N GLU F 150 51.70 -26.93 3.93
CA GLU F 150 50.67 -27.54 3.08
C GLU F 150 49.79 -28.56 3.86
N SER F 151 50.36 -29.26 4.84
CA SER F 151 49.57 -30.15 5.71
C SER F 151 48.58 -29.41 6.61
N ILE F 152 48.97 -28.23 7.10
CA ILE F 152 48.08 -27.38 7.87
C ILE F 152 46.97 -26.88 6.95
N ARG F 153 47.36 -26.39 5.78
CA ARG F 153 46.41 -25.82 4.82
C ARG F 153 45.43 -26.85 4.25
N ASN F 154 45.88 -28.09 4.02
CA ASN F 154 44.99 -29.14 3.47
C ASN F 154 44.43 -30.12 4.52
N GLY F 155 44.52 -29.77 5.80
CA GLY F 155 43.85 -30.52 6.87
C GLY F 155 44.46 -31.84 7.33
N THR F 156 45.73 -32.10 6.98
CA THR F 156 46.41 -33.37 7.34
C THR F 156 47.46 -33.25 8.45
N TYR F 157 47.71 -32.03 8.94
CA TYR F 157 48.69 -31.75 10.00
C TYR F 157 48.37 -32.50 11.30
N ASP F 158 49.17 -33.53 11.60
CA ASP F 158 49.10 -34.22 12.90
C ASP F 158 49.90 -33.40 13.91
N HIS F 159 49.21 -32.87 14.92
CA HIS F 159 49.89 -32.08 15.96
C HIS F 159 50.76 -32.93 16.88
N ASP F 160 50.38 -34.20 17.14
CA ASP F 160 51.14 -35.09 18.03
C ASP F 160 52.60 -35.28 17.59
N VAL F 161 52.81 -35.30 16.28
CA VAL F 161 54.14 -35.41 15.65
C VAL F 161 55.15 -34.37 16.17
N TYR F 162 54.73 -33.10 16.19
CA TYR F 162 55.61 -31.98 16.56
C TYR F 162 55.42 -31.47 18.00
N ARG F 163 54.53 -32.11 18.77
CA ARG F 163 54.12 -31.60 20.09
C ARG F 163 55.31 -31.44 21.06
N ASP F 164 56.07 -32.53 21.25
CA ASP F 164 57.26 -32.54 22.13
C ASP F 164 58.20 -31.39 21.79
N GLU F 165 58.58 -31.32 20.51
CA GLU F 165 59.45 -30.25 19.99
C GLU F 165 58.90 -28.85 20.31
N ALA F 166 57.61 -28.64 20.02
CA ALA F 166 56.99 -27.32 20.17
C ALA F 166 56.76 -26.90 21.61
N LEU F 167 56.28 -27.85 22.43
CA LEU F 167 56.13 -27.65 23.87
C LEU F 167 57.43 -27.17 24.53
N ASN F 168 58.56 -27.77 24.13
CA ASN F 168 59.87 -27.40 24.65
C ASN F 168 60.25 -25.94 24.32
N ASN F 169 60.08 -25.58 23.04
CA ASN F 169 60.36 -24.22 22.56
C ASN F 169 59.46 -23.12 23.16
N ARG F 170 58.22 -23.50 23.49
CA ARG F 170 57.27 -22.57 24.14
C ARG F 170 57.61 -22.37 25.62
N PHE F 171 57.92 -23.48 26.29
CA PHE F 171 58.16 -23.51 27.75
C PHE F 171 59.59 -23.94 28.06
C1 NAG G . -44.36 23.39 -0.32
C2 NAG G . -44.72 24.87 -0.43
C3 NAG G . -43.71 25.75 0.28
C4 NAG G . -43.43 25.22 1.67
C5 NAG G . -43.00 23.76 1.61
C6 NAG G . -42.72 23.18 2.98
C7 NAG G . -45.83 25.75 -2.46
C8 NAG G . -45.64 26.13 -3.90
N2 NAG G . -44.75 25.31 -1.83
O3 NAG G . -44.25 27.06 0.32
O4 NAG G . -42.35 25.92 2.27
O5 NAG G . -44.04 23.00 1.02
O6 NAG G . -43.76 23.54 3.92
O7 NAG G . -46.93 25.85 -1.94
C1 NAG G . -42.80 26.95 3.14
C2 NAG G . -41.63 27.19 4.06
C3 NAG G . -41.85 28.35 5.00
C4 NAG G . -42.28 29.59 4.22
C5 NAG G . -43.48 29.25 3.33
C6 NAG G . -43.99 30.48 2.57
C7 NAG G . -40.23 25.31 4.69
C8 NAG G . -39.99 24.15 5.61
N2 NAG G . -41.32 26.03 4.88
O3 NAG G . -40.63 28.58 5.72
O4 NAG G . -42.61 30.62 5.16
O5 NAG G . -43.13 28.16 2.44
O6 NAG G . -44.27 30.22 1.19
O7 NAG G . -39.46 25.56 3.79
C1 BMA G . -41.56 31.57 5.51
C2 BMA G . -42.07 32.97 5.19
C3 BMA G . -41.29 34.10 5.87
C4 BMA G . -40.98 33.76 7.32
C5 BMA G . -40.26 32.41 7.37
C6 BMA G . -39.78 32.05 8.77
O2 BMA G . -43.47 33.10 5.52
O3 BMA G . -42.03 35.34 5.80
O4 BMA G . -40.18 34.81 7.87
O5 BMA G . -41.15 31.40 6.88
O6 BMA G . -39.04 30.82 8.71
C1 NAG H . -12.20 -19.82 -1.80
C2 NAG H . -11.30 -20.90 -2.40
C3 NAG H . -10.61 -20.35 -3.64
C4 NAG H . -11.66 -19.75 -4.58
C5 NAG H . -12.50 -18.68 -3.84
C6 NAG H . -13.57 -18.01 -4.68
C7 NAG H . -10.47 -22.42 -0.65
C8 NAG H . -9.33 -22.80 0.25
N2 NAG H . -10.28 -21.39 -1.47
O3 NAG H . -9.83 -21.40 -4.25
O4 NAG H . -11.02 -19.14 -5.71
O5 NAG H . -13.15 -19.32 -2.74
O6 NAG H . -14.51 -18.96 -5.19
O7 NAG H . -11.54 -23.03 -0.58
C1 NAG H . -11.06 -19.99 -6.87
C2 NAG H . -10.90 -19.14 -8.13
C3 NAG H . -11.12 -20.05 -9.33
C4 NAG H . -10.13 -21.21 -9.30
C5 NAG H . -10.10 -21.92 -7.93
C6 NAG H . -8.90 -22.87 -7.81
C7 NAG H . -11.47 -16.77 -7.70
C8 NAG H . -12.55 -15.73 -7.83
N2 NAG H . -11.80 -17.99 -8.16
O3 NAG H . -10.97 -19.31 -10.54
O4 NAG H . -10.46 -22.14 -10.34
O5 NAG H . -10.04 -20.99 -6.86
O6 NAG H . -9.29 -24.11 -7.22
O7 NAG H . -10.39 -16.51 -7.20
C1 GAL I . -53.81 -4.75 -17.95
C2 GAL I . -53.07 -5.26 -19.21
C3 GAL I . -52.10 -6.41 -18.90
C4 GAL I . -51.25 -6.06 -17.68
C5 GAL I . -52.18 -5.74 -16.52
C6 GAL I . -51.44 -5.55 -15.21
O1 GAL I . -54.45 -3.50 -18.23
O2 GAL I . -54.03 -5.72 -20.17
O3 GAL I . -51.28 -6.70 -20.03
O4 GAL I . -50.41 -4.93 -17.96
O5 GAL I . -52.91 -4.55 -16.86
O6 GAL I . -52.14 -4.59 -14.39
C1 SIA I . -50.85 -4.61 -12.61
C2 SIA I . -51.94 -3.75 -13.24
C3 SIA I . -53.18 -3.56 -12.35
C4 SIA I . -52.87 -2.61 -11.19
C5 SIA I . -52.28 -1.29 -11.68
C6 SIA I . -51.07 -1.59 -12.58
C7 SIA I . -50.38 -0.38 -13.21
C8 SIA I . -49.24 -0.78 -14.15
C9 SIA I . -48.39 0.42 -14.55
C10 SIA I . -51.98 0.82 -10.46
C11 SIA I . -51.49 1.45 -9.19
N5 SIA I . -51.87 -0.51 -10.54
O1A SIA I . -49.65 -4.33 -12.83
O1B SIA I . -51.20 -5.58 -11.91
O4 SIA I . -54.06 -2.36 -10.43
O6 SIA I . -51.45 -2.47 -13.64
O7 SIA I . -51.34 0.41 -13.92
O8 SIA I . -48.40 -1.79 -13.55
O9 SIA I . -47.23 0.00 -15.29
O10 SIA I . -52.42 1.49 -11.36
C1 NAG J . -22.91 30.36 -31.93
C2 NAG J . -23.18 30.40 -33.43
C3 NAG J . -21.99 29.78 -34.16
C4 NAG J . -20.68 30.46 -33.76
C5 NAG J . -20.53 30.62 -32.23
C6 NAG J . -19.38 31.56 -31.86
C7 NAG J . -25.45 30.20 -34.35
C8 NAG J . -26.63 29.28 -34.53
N2 NAG J . -24.40 29.67 -33.70
O3 NAG J . -22.13 29.93 -35.58
O4 NAG J . -19.59 29.65 -34.20
O5 NAG J . -21.72 31.13 -31.66
O6 NAG J . -19.54 32.85 -32.45
O7 NAG J . -25.48 31.35 -34.78
C1 NAG J . -18.92 30.21 -35.33
C2 NAG J . -17.56 29.54 -35.37
C3 NAG J . -16.79 29.97 -36.59
C4 NAG J . -17.59 29.65 -37.84
C5 NAG J . -19.00 30.27 -37.76
C6 NAG J . -19.90 29.84 -38.92
C7 NAG J . -16.70 28.96 -33.13
C8 NAG J . -15.74 29.37 -32.05
N2 NAG J . -16.74 29.77 -34.18
O3 NAG J . -15.52 29.29 -36.57
O4 NAG J . -16.93 30.18 -39.00
O5 NAG J . -19.66 29.94 -36.53
O6 NAG J . -20.12 28.42 -38.94
O7 NAG J . -17.38 27.95 -33.01
C1 BMA J . -16.10 29.24 -39.71
C2 BMA J . -16.28 29.47 -41.21
C3 BMA J . -15.39 28.54 -42.04
C4 BMA J . -13.96 28.53 -41.53
C5 BMA J . -13.89 28.38 -40.02
C6 BMA J . -12.43 28.52 -39.57
O2 BMA J . -15.95 30.83 -41.52
O3 BMA J . -15.35 28.98 -43.41
O4 BMA J . -13.24 27.45 -42.15
O5 BMA J . -14.72 29.37 -39.40
O6 BMA J . -12.39 28.75 -38.17
C1 MAN J . -16.45 28.51 -44.23
C2 MAN J . -16.11 28.70 -45.70
C3 MAN J . -16.11 30.18 -46.08
C4 MAN J . -17.42 30.85 -45.71
C5 MAN J . -17.80 30.54 -44.26
C6 MAN J . -19.21 31.04 -43.94
O2 MAN J . -17.07 27.99 -46.50
O3 MAN J . -15.87 30.31 -47.48
O4 MAN J . -17.31 32.28 -45.85
O5 MAN J . -17.72 29.13 -44.01
O6 MAN J . -19.66 30.47 -42.70
C1 MAN J . -11.08 29.15 -37.73
C2 MAN J . -10.90 28.56 -36.36
C3 MAN J . -11.99 29.13 -35.45
C4 MAN J . -11.88 30.65 -35.43
C5 MAN J . -11.90 31.22 -36.85
C6 MAN J . -11.71 32.74 -36.93
O2 MAN J . -9.60 28.89 -35.88
O3 MAN J . -11.90 28.57 -34.13
O4 MAN J . -12.96 31.23 -34.68
O5 MAN J . -10.91 30.57 -37.66
O6 MAN J . -10.83 33.24 -35.92
C1 NAG K . -5.72 15.19 16.75
C2 NAG K . -5.66 14.42 18.09
C3 NAG K . -6.42 13.12 17.91
C4 NAG K . -7.85 13.41 17.49
C5 NAG K . -7.86 14.21 16.19
C6 NAG K . -9.27 14.66 15.78
C7 NAG K . -3.59 14.91 19.37
C8 NAG K . -2.26 14.37 19.84
N2 NAG K . -4.34 14.09 18.61
O3 NAG K . -6.35 12.38 19.13
O4 NAG K . -8.51 12.14 17.35
O5 NAG K . -7.06 15.40 16.31
O6 NAG K . -9.19 15.55 14.65
O7 NAG K . -3.94 16.05 19.67
C1 NAG K . -9.82 12.09 17.96
C2 NAG K . -10.66 11.05 17.20
C3 NAG K . -11.87 10.51 17.98
C4 NAG K . -11.57 10.30 19.46
C5 NAG K . -10.98 11.59 20.02
C6 NAG K . -10.72 11.53 21.51
C7 NAG K . -10.91 11.24 14.74
C8 NAG K . -11.56 12.05 13.64
N2 NAG K . -11.18 11.66 15.98
O3 NAG K . -12.28 9.25 17.41
O4 NAG K . -12.76 9.91 20.15
O5 NAG K . -9.73 11.82 19.36
O6 NAG K . -9.72 10.54 21.77
O7 NAG K . -10.21 10.28 14.49
C1 NAG L . -41.42 -2.34 -28.29
C2 NAG L . -42.88 -2.75 -28.03
C3 NAG L . -42.95 -3.76 -26.87
C4 NAG L . -42.04 -4.95 -27.18
C5 NAG L . -40.63 -4.47 -27.52
C6 NAG L . -39.74 -5.63 -27.97
C7 NAG L . -44.47 -0.97 -28.62
C8 NAG L . -45.27 0.18 -28.08
N2 NAG L . -43.73 -1.61 -27.72
O3 NAG L . -44.30 -4.20 -26.67
O4 NAG L . -41.91 -5.82 -26.04
O5 NAG L . -40.65 -3.50 -28.57
O6 NAG L . -40.32 -6.30 -29.10
O7 NAG L . -44.52 -1.27 -29.81
C1 NAG L . -42.74 -7.00 -26.12
C2 NAG L . -42.15 -8.00 -25.16
C3 NAG L . -43.02 -9.24 -25.07
C4 NAG L . -44.44 -8.88 -24.65
C5 NAG L . -45.01 -7.72 -25.49
C6 NAG L . -46.17 -7.06 -24.75
C7 NAG L . -39.68 -8.15 -24.89
C8 NAG L . -38.43 -8.65 -25.54
N2 NAG L . -40.81 -8.39 -25.58
O3 NAG L . -42.40 -10.12 -24.12
O4 NAG L . -45.36 -9.99 -24.79
O5 NAG L . -44.09 -6.67 -25.81
O6 NAG L . -45.68 -6.47 -23.54
O7 NAG L . -39.63 -7.57 -23.82
C1 BMA L . -45.32 -10.95 -23.70
C2 BMA L . -46.72 -11.53 -23.51
C3 BMA L . -46.73 -12.67 -22.49
C4 BMA L . -45.59 -13.66 -22.71
C5 BMA L . -44.26 -12.95 -22.89
C6 BMA L . -43.15 -13.95 -23.25
O2 BMA L . -47.22 -12.01 -24.77
O3 BMA L . -48.01 -13.34 -22.59
O4 BMA L . -45.47 -14.56 -21.59
O5 BMA L . -44.35 -11.98 -23.93
O6 BMA L . -42.85 -14.76 -22.11
C1 MAN L . -49.02 -12.87 -21.66
C2 MAN L . -50.04 -14.01 -21.47
C3 MAN L . -50.80 -14.26 -22.78
C4 MAN L . -51.42 -12.97 -23.36
C5 MAN L . -50.49 -11.74 -23.27
C6 MAN L . -51.34 -10.48 -23.34
O2 MAN L . -50.93 -13.66 -20.39
O3 MAN L . -51.84 -15.22 -22.56
O4 MAN L . -51.71 -13.19 -24.75
O5 MAN L . -49.72 -11.69 -22.06
O6 MAN L . -50.49 -9.33 -23.51
C1 NAG M . 10.94 8.04 -19.20
C2 NAG M . 12.18 8.81 -18.75
C3 NAG M . 11.81 9.78 -17.64
C4 NAG M . 10.69 10.72 -18.10
C5 NAG M . 9.50 9.81 -18.48
C6 NAG M . 8.19 10.49 -18.89
C7 NAG M . 14.25 7.46 -18.99
C8 NAG M . 15.25 6.62 -18.27
N2 NAG M . 13.26 7.95 -18.24
O3 NAG M . 13.01 10.45 -17.23
O4 NAG M . 10.42 11.66 -17.02
O5 NAG M . 9.91 8.95 -19.57
O6 NAG M . 8.32 11.17 -20.14
O7 NAG M . 14.32 7.66 -20.19
C1 NAG M . 10.03 13.01 -17.42
C2 NAG M . 9.30 13.61 -16.21
C3 NAG M . 9.21 15.13 -16.15
C4 NAG M . 10.28 15.91 -16.91
C5 NAG M . 11.50 15.06 -17.26
C6 NAG M . 12.37 14.82 -16.03
C7 NAG M . 7.52 12.15 -15.31
C8 NAG M . 6.09 11.73 -15.50
N2 NAG M . 7.96 13.05 -16.20
O3 NAG M . 9.30 15.51 -14.75
O4 NAG M . 9.71 16.46 -18.12
O5 NAG M . 11.12 13.82 -17.92
O6 NAG M . 13.46 13.94 -16.34
O7 NAG M . 8.21 11.69 -14.41
C1 NAG N . 7.65 -29.48 16.57
C2 NAG N . 7.29 -30.18 17.90
C3 NAG N . 6.06 -31.07 17.71
C4 NAG N . 4.91 -30.32 17.06
C5 NAG N . 5.38 -29.59 15.79
C6 NAG N . 4.27 -28.74 15.17
C7 NAG N . 8.67 -31.22 19.68
C8 NAG N . 9.90 -32.05 19.94
N2 NAG N . 8.42 -30.96 18.38
O3 NAG N . 5.58 -31.60 18.96
O4 NAG N . 3.86 -31.25 16.77
O5 NAG N . 6.50 -28.76 16.10
O6 NAG N . 4.77 -28.04 14.03
O7 NAG N . 7.97 -30.84 20.60
C1 NAG O . 20.44 8.91 25.47
C2 NAG O . 21.16 10.21 25.83
C3 NAG O . 20.61 11.45 25.09
C4 NAG O . 20.59 11.19 23.58
C5 NAG O . 19.96 9.83 23.30
C6 NAG O . 20.05 9.39 21.84
C7 NAG O . 21.76 9.55 28.04
C8 NAG O . 21.61 9.81 29.51
N2 NAG O . 21.09 10.39 27.25
O3 NAG O . 21.39 12.62 25.37
O4 NAG O . 19.85 12.21 22.90
O5 NAG O . 20.67 8.86 24.07
O6 NAG O . 21.43 9.28 21.46
O7 NAG O . 22.45 8.65 27.60
C1 SIA P . -35.39 38.40 -4.27
C2 SIA P . -36.51 38.75 -5.24
C3 SIA P . -36.32 40.10 -5.93
C4 SIA P . -35.15 40.05 -6.92
C5 SIA P . -35.37 38.92 -7.94
C6 SIA P . -35.53 37.62 -7.17
C7 SIA P . -35.81 36.37 -8.01
C8 SIA P . -36.18 35.18 -7.12
C9 SIA P . -36.21 33.90 -7.96
C10 SIA P . -34.26 38.50 -10.11
C11 SIA P . -32.98 38.56 -10.87
N5 SIA P . -34.21 38.87 -8.83
O1A SIA P . -35.02 37.20 -4.16
O1B SIA P . -34.83 39.30 -3.61
O2 SIA P . -37.73 38.75 -4.50
O4 SIA P . -34.96 41.30 -7.60
O6 SIA P . -36.63 37.76 -6.26
O7 SIA P . -36.85 36.61 -8.97
O8 SIA P . -35.26 35.03 -6.02
O9 SIA P . -36.32 32.77 -7.07
O10 SIA P . -35.30 38.12 -10.66
C1 NAG Q . -15.03 -9.05 -38.68
C2 NAG Q . -15.16 -9.21 -40.20
C3 NAG Q . -16.59 -9.69 -40.52
C4 NAG Q . -16.86 -11.02 -39.82
C5 NAG Q . -16.60 -10.90 -38.32
C6 NAG Q . -16.69 -12.25 -37.60
C7 NAG Q . -13.67 -7.62 -41.40
C8 NAG Q . -13.63 -6.28 -42.06
N2 NAG Q . -14.87 -7.96 -40.88
O3 NAG Q . -16.78 -9.80 -41.94
O4 NAG Q . -18.21 -11.45 -40.06
O5 NAG Q . -15.30 -10.33 -38.06
O6 NAG Q . -15.63 -13.14 -38.00
O7 NAG Q . -12.66 -8.32 -41.38
C1 NAG R . 31.31 -8.09 -9.52
C2 NAG R . 32.11 -9.17 -10.27
C3 NAG R . 31.84 -9.06 -11.77
C4 NAG R . 30.33 -9.03 -12.07
C5 NAG R . 29.67 -7.94 -11.23
C6 NAG R . 28.17 -7.90 -11.52
C7 NAG R . 34.23 -9.54 -9.05
C8 NAG R . 35.71 -9.28 -9.05
N2 NAG R . 33.55 -9.03 -10.07
O3 NAG R . 32.48 -10.14 -12.45
O4 NAG R . 30.09 -8.76 -13.45
O5 NAG R . 29.91 -8.18 -9.84
O6 NAG R . 27.54 -9.06 -10.96
O7 NAG R . 33.71 -10.16 -8.12
C1 SIA S . -23.12 17.66 -44.13
C2 SIA S . -24.49 18.04 -44.62
C3 SIA S . -25.01 17.13 -45.77
C4 SIA S . -25.35 15.73 -45.26
C5 SIA S . -26.32 15.79 -44.08
C6 SIA S . -25.68 16.68 -43.00
C7 SIA S . -26.44 16.86 -41.68
C8 SIA S . -25.77 17.88 -40.75
C9 SIA S . -26.41 17.86 -39.37
C10 SIA S . -27.73 14.08 -42.98
C11 SIA S . -27.80 12.64 -42.56
N5 SIA S . -26.59 14.44 -43.59
O1A SIA S . -22.29 17.22 -44.95
O1B SIA S . -22.87 17.80 -42.91
O2 SIA S . -24.37 19.38 -45.07
O4 SIA S . -25.89 14.93 -46.31
O6 SIA S . -25.43 17.99 -43.55
O7 SIA S . -27.78 17.26 -41.94
O8 SIA S . -24.35 17.63 -40.64
O9 SIA S . -25.58 18.54 -38.43
O10 SIA S . -28.66 14.84 -42.78
#